data_4HVV
# 
_entry.id   4HVV 
# 
_audit_conform.dict_name       mmcif_pdbx.dic 
_audit_conform.dict_version    5.399 
_audit_conform.dict_location   http://mmcif.pdb.org/dictionaries/ascii/mmcif_pdbx.dic 
# 
loop_
_database_2.database_id 
_database_2.database_code 
_database_2.pdbx_database_accession 
_database_2.pdbx_DOI 
PDB   4HVV         pdb_00004hvv 10.2210/pdb4hvv/pdb 
RCSB  RCSB075984   ?            ?                   
WWPDB D_1000075984 ?            ?                   
# 
loop_
_pdbx_audit_revision_history.ordinal 
_pdbx_audit_revision_history.data_content_type 
_pdbx_audit_revision_history.major_revision 
_pdbx_audit_revision_history.minor_revision 
_pdbx_audit_revision_history.revision_date 
1 'Structure model' 1 0 2013-05-01 
2 'Structure model' 1 1 2013-06-19 
3 'Structure model' 1 2 2023-09-20 
4 'Structure model' 1 3 2024-11-20 
# 
_pdbx_audit_revision_details.ordinal             1 
_pdbx_audit_revision_details.revision_ordinal    1 
_pdbx_audit_revision_details.data_content_type   'Structure model' 
_pdbx_audit_revision_details.provider            repository 
_pdbx_audit_revision_details.type                'Initial release' 
_pdbx_audit_revision_details.description         ? 
_pdbx_audit_revision_details.details             ? 
# 
loop_
_pdbx_audit_revision_group.ordinal 
_pdbx_audit_revision_group.revision_ordinal 
_pdbx_audit_revision_group.data_content_type 
_pdbx_audit_revision_group.group 
1 2 'Structure model' 'Database references'    
2 3 'Structure model' 'Data collection'        
3 3 'Structure model' 'Database references'    
4 3 'Structure model' 'Derived calculations'   
5 3 'Structure model' 'Refinement description' 
6 4 'Structure model' 'Structure summary'      
# 
loop_
_pdbx_audit_revision_category.ordinal 
_pdbx_audit_revision_category.revision_ordinal 
_pdbx_audit_revision_category.data_content_type 
_pdbx_audit_revision_category.category 
1 3 'Structure model' chem_comp_atom                
2 3 'Structure model' chem_comp_bond                
3 3 'Structure model' database_2                    
4 3 'Structure model' pdbx_initial_refinement_model 
5 3 'Structure model' struct_conn                   
6 3 'Structure model' struct_ref_seq_dif            
7 3 'Structure model' struct_site                   
8 4 'Structure model' pdbx_entry_details            
9 4 'Structure model' pdbx_modification_feature     
# 
loop_
_pdbx_audit_revision_item.ordinal 
_pdbx_audit_revision_item.revision_ordinal 
_pdbx_audit_revision_item.data_content_type 
_pdbx_audit_revision_item.item 
1 3 'Structure model' '_database_2.pdbx_DOI'                
2 3 'Structure model' '_database_2.pdbx_database_accession' 
3 3 'Structure model' '_struct_conn.pdbx_leaving_atom_flag' 
4 3 'Structure model' '_struct_ref_seq_dif.details'         
5 3 'Structure model' '_struct_site.pdbx_auth_asym_id'      
6 3 'Structure model' '_struct_site.pdbx_auth_comp_id'      
7 3 'Structure model' '_struct_site.pdbx_auth_seq_id'       
# 
_pdbx_database_status.entry_id                        4HVV 
_pdbx_database_status.status_code                     REL 
_pdbx_database_status.deposit_site                    RCSB 
_pdbx_database_status.process_site                    RCSB 
_pdbx_database_status.recvd_initial_deposition_date   2012-11-07 
_pdbx_database_status.status_code_sf                  REL 
_pdbx_database_status.status_code_mr                  ? 
_pdbx_database_status.SG_entry                        ? 
_pdbx_database_status.status_code_cs                  ? 
_pdbx_database_status.methods_development_category    ? 
_pdbx_database_status.pdb_format_compatible           Y 
_pdbx_database_status.status_code_nmr_data            ? 
# 
loop_
_pdbx_database_related.db_name 
_pdbx_database_related.db_id 
_pdbx_database_related.details 
_pdbx_database_related.content_type 
PDB 4HVU .                                                                      unspecified 
PDB 4HVW .                                                                      unspecified 
PDB 1QWE 'C-SRC SH3 DOMAIN COMPLEXED WITH LIGAND APP12 (NMR Structure)'         unspecified 
PDB 1QWF 'C-SRC SH3 DOMAIN COMPLEXED WITH LIGAND VSL12 (NMR Structure)'         unspecified 
PDB 3FJ5 'Crystal structure of the c-src-SH3 domain'                            unspecified 
PDB 1SRL '1H AND 15N ASSIGNMENTS AND SECONDARY STRUCTURE OF THE SRC SH3 DOMAIN' unspecified 
# 
_audit_author.name           'Camara-Artigas, A.' 
_audit_author.pdbx_ordinal   1 
# 
_citation.id                        primary 
_citation.title                     
'Atomic resolution structures of the c-Src SH3 domain in complex with two high-affinity peptides from classes I and II.' 
_citation.journal_abbrev            'Acta Crystallogr.,Sect.D' 
_citation.journal_volume            69 
_citation.page_first                756 
_citation.page_last                 766 
_citation.year                      2013 
_citation.journal_id_ASTM           ABCRE6 
_citation.country                   DK 
_citation.journal_id_ISSN           0907-4449 
_citation.journal_id_CSD            0766 
_citation.book_publisher            ? 
_citation.pdbx_database_id_PubMed   23633584 
_citation.pdbx_database_id_DOI      10.1107/S0907444913001522 
# 
loop_
_citation_author.citation_id 
_citation_author.name 
_citation_author.ordinal 
_citation_author.identifier_ORCID 
primary 'Bacarizo, J.'       1 ? 
primary 'Camara-Artigas, A.' 2 ? 
# 
loop_
_entity.id 
_entity.type 
_entity.src_method 
_entity.pdbx_description 
_entity.formula_weight 
_entity.pdbx_number_of_molecules 
_entity.pdbx_ec 
_entity.pdbx_mutation 
_entity.pdbx_fragment 
_entity.details 
1 polymer     man 'Proto-oncogene tyrosine-protein kinase Src' 6847.485 1  2.7.10.2 'T98E, Q128R' 'SH3 domain' ? 
2 polymer     syn 'SYNTHETIC PEPTIDE Acetyl-APPLPPRNRP'        1142.353 1  ?        ?             ?            ? 
3 non-polymer syn 'SULFATE ION'                                96.063   1  ?        ?             ?            ? 
4 water       nat water                                        18.015   73 ?        ?             ?            ? 
# 
_entity_name_com.entity_id   1 
_entity_name_com.name        'Proto-oncogene c-Src, pp60c-src, p60-Src' 
# 
loop_
_entity_poly.entity_id 
_entity_poly.type 
_entity_poly.nstd_linkage 
_entity_poly.nstd_monomer 
_entity_poly.pdbx_seq_one_letter_code 
_entity_poly.pdbx_seq_one_letter_code_can 
_entity_poly.pdbx_strand_id 
_entity_poly.pdbx_target_identifier 
1 'polypeptide(L)' no no  GSHMTFVALYDYESRTEEDLSFKKGERLQIVNNTEGDWWLAHSLTTGRTGYIPSNYVAPS 
GSHMTFVALYDYESRTEEDLSFKKGERLQIVNNTEGDWWLAHSLTTGRTGYIPSNYVAPS A ? 
2 'polypeptide(L)' no yes '(ACE)APPLPPRNRP'                                            XAPPLPPRNRP B ? 
# 
loop_
_pdbx_entity_nonpoly.entity_id 
_pdbx_entity_nonpoly.name 
_pdbx_entity_nonpoly.comp_id 
3 'SULFATE ION' SO4 
4 water         HOH 
# 
loop_
_entity_poly_seq.entity_id 
_entity_poly_seq.num 
_entity_poly_seq.mon_id 
_entity_poly_seq.hetero 
1 1  GLY n 
1 2  SER n 
1 3  HIS n 
1 4  MET n 
1 5  THR n 
1 6  PHE n 
1 7  VAL n 
1 8  ALA n 
1 9  LEU n 
1 10 TYR n 
1 11 ASP n 
1 12 TYR n 
1 13 GLU n 
1 14 SER n 
1 15 ARG n 
1 16 THR n 
1 17 GLU n 
1 18 GLU n 
1 19 ASP n 
1 20 LEU n 
1 21 SER n 
1 22 PHE n 
1 23 LYS n 
1 24 LYS n 
1 25 GLY n 
1 26 GLU n 
1 27 ARG n 
1 28 LEU n 
1 29 GLN n 
1 30 ILE n 
1 31 VAL n 
1 32 ASN n 
1 33 ASN n 
1 34 THR n 
1 35 GLU n 
1 36 GLY n 
1 37 ASP n 
1 38 TRP n 
1 39 TRP n 
1 40 LEU n 
1 41 ALA n 
1 42 HIS n 
1 43 SER n 
1 44 LEU n 
1 45 THR n 
1 46 THR n 
1 47 GLY n 
1 48 ARG n 
1 49 THR n 
1 50 GLY n 
1 51 TYR n 
1 52 ILE n 
1 53 PRO n 
1 54 SER n 
1 55 ASN n 
1 56 TYR n 
1 57 VAL n 
1 58 ALA n 
1 59 PRO n 
1 60 SER n 
2 1  ACE n 
2 2  ALA n 
2 3  PRO n 
2 4  PRO n 
2 5  LEU n 
2 6  PRO n 
2 7  PRO n 
2 8  ARG n 
2 9  ASN n 
2 10 ARG n 
2 11 PRO n 
# 
_entity_src_gen.entity_id                          1 
_entity_src_gen.pdbx_src_id                        1 
_entity_src_gen.pdbx_alt_source_flag               sample 
_entity_src_gen.pdbx_seq_type                      ? 
_entity_src_gen.pdbx_beg_seq_num                   ? 
_entity_src_gen.pdbx_end_seq_num                   ? 
_entity_src_gen.gene_src_common_name               bantam,chickens 
_entity_src_gen.gene_src_genus                     ? 
_entity_src_gen.pdbx_gene_src_gene                 SRC 
_entity_src_gen.gene_src_species                   ? 
_entity_src_gen.gene_src_strain                    ? 
_entity_src_gen.gene_src_tissue                    ? 
_entity_src_gen.gene_src_tissue_fraction           ? 
_entity_src_gen.gene_src_details                   ? 
_entity_src_gen.pdbx_gene_src_fragment             ? 
_entity_src_gen.pdbx_gene_src_scientific_name      'Gallus gallus' 
_entity_src_gen.pdbx_gene_src_ncbi_taxonomy_id     9031 
_entity_src_gen.pdbx_gene_src_variant              ? 
_entity_src_gen.pdbx_gene_src_cell_line            ? 
_entity_src_gen.pdbx_gene_src_atcc                 ? 
_entity_src_gen.pdbx_gene_src_organ                ? 
_entity_src_gen.pdbx_gene_src_organelle            ? 
_entity_src_gen.pdbx_gene_src_cell                 ? 
_entity_src_gen.pdbx_gene_src_cellular_location    ? 
_entity_src_gen.host_org_common_name               ? 
_entity_src_gen.pdbx_host_org_scientific_name      'Escherichia coli' 
_entity_src_gen.pdbx_host_org_ncbi_taxonomy_id     469008 
_entity_src_gen.host_org_genus                     ? 
_entity_src_gen.pdbx_host_org_gene                 ? 
_entity_src_gen.pdbx_host_org_organ                ? 
_entity_src_gen.host_org_species                   ? 
_entity_src_gen.pdbx_host_org_tissue               ? 
_entity_src_gen.pdbx_host_org_tissue_fraction      ? 
_entity_src_gen.pdbx_host_org_strain               'BL21(DE3)' 
_entity_src_gen.pdbx_host_org_variant              ? 
_entity_src_gen.pdbx_host_org_cell_line            ? 
_entity_src_gen.pdbx_host_org_atcc                 ? 
_entity_src_gen.pdbx_host_org_culture_collection   ? 
_entity_src_gen.pdbx_host_org_cell                 ? 
_entity_src_gen.pdbx_host_org_organelle            ? 
_entity_src_gen.pdbx_host_org_cellular_location    ? 
_entity_src_gen.pdbx_host_org_vector_type          plasmid 
_entity_src_gen.pdbx_host_org_vector               ? 
_entity_src_gen.host_org_details                   ? 
_entity_src_gen.expression_system_id               ? 
_entity_src_gen.plasmid_name                       pET15b 
_entity_src_gen.plasmid_details                    ? 
_entity_src_gen.pdbx_description                   ? 
# 
_pdbx_entity_src_syn.entity_id              2 
_pdbx_entity_src_syn.pdbx_src_id            1 
_pdbx_entity_src_syn.pdbx_alt_source_flag   sample 
_pdbx_entity_src_syn.pdbx_beg_seq_num       ? 
_pdbx_entity_src_syn.pdbx_end_seq_num       ? 
_pdbx_entity_src_syn.organism_scientific    ? 
_pdbx_entity_src_syn.organism_common_name   ? 
_pdbx_entity_src_syn.ncbi_taxonomy_id       ? 
_pdbx_entity_src_syn.details                'High affinity peptide designed from phage display experiments' 
# 
loop_
_chem_comp.id 
_chem_comp.type 
_chem_comp.mon_nstd_flag 
_chem_comp.name 
_chem_comp.pdbx_synonyms 
_chem_comp.formula 
_chem_comp.formula_weight 
ACE non-polymer         . 'ACETYL GROUP'  ? 'C2 H4 O'        44.053  
ALA 'L-peptide linking' y ALANINE         ? 'C3 H7 N O2'     89.093  
ARG 'L-peptide linking' y ARGININE        ? 'C6 H15 N4 O2 1' 175.209 
ASN 'L-peptide linking' y ASPARAGINE      ? 'C4 H8 N2 O3'    132.118 
ASP 'L-peptide linking' y 'ASPARTIC ACID' ? 'C4 H7 N O4'     133.103 
GLN 'L-peptide linking' y GLUTAMINE       ? 'C5 H10 N2 O3'   146.144 
GLU 'L-peptide linking' y 'GLUTAMIC ACID' ? 'C5 H9 N O4'     147.129 
GLY 'peptide linking'   y GLYCINE         ? 'C2 H5 N O2'     75.067  
HIS 'L-peptide linking' y HISTIDINE       ? 'C6 H10 N3 O2 1' 156.162 
HOH non-polymer         . WATER           ? 'H2 O'           18.015  
ILE 'L-peptide linking' y ISOLEUCINE      ? 'C6 H13 N O2'    131.173 
LEU 'L-peptide linking' y LEUCINE         ? 'C6 H13 N O2'    131.173 
LYS 'L-peptide linking' y LYSINE          ? 'C6 H15 N2 O2 1' 147.195 
MET 'L-peptide linking' y METHIONINE      ? 'C5 H11 N O2 S'  149.211 
PHE 'L-peptide linking' y PHENYLALANINE   ? 'C9 H11 N O2'    165.189 
PRO 'L-peptide linking' y PROLINE         ? 'C5 H9 N O2'     115.130 
SER 'L-peptide linking' y SERINE          ? 'C3 H7 N O3'     105.093 
SO4 non-polymer         . 'SULFATE ION'   ? 'O4 S -2'        96.063  
THR 'L-peptide linking' y THREONINE       ? 'C4 H9 N O3'     119.119 
TRP 'L-peptide linking' y TRYPTOPHAN      ? 'C11 H12 N2 O2'  204.225 
TYR 'L-peptide linking' y TYROSINE        ? 'C9 H11 N O3'    181.189 
VAL 'L-peptide linking' y VALINE          ? 'C5 H11 N O2'    117.146 
# 
loop_
_pdbx_poly_seq_scheme.asym_id 
_pdbx_poly_seq_scheme.entity_id 
_pdbx_poly_seq_scheme.seq_id 
_pdbx_poly_seq_scheme.mon_id 
_pdbx_poly_seq_scheme.ndb_seq_num 
_pdbx_poly_seq_scheme.pdb_seq_num 
_pdbx_poly_seq_scheme.auth_seq_num 
_pdbx_poly_seq_scheme.pdb_mon_id 
_pdbx_poly_seq_scheme.auth_mon_id 
_pdbx_poly_seq_scheme.pdb_strand_id 
_pdbx_poly_seq_scheme.pdb_ins_code 
_pdbx_poly_seq_scheme.hetero 
A 1 1  GLY 1  81  ?   ?   ?   A . n 
A 1 2  SER 2  82  ?   ?   ?   A . n 
A 1 3  HIS 3  83  ?   ?   ?   A . n 
A 1 4  MET 4  84  ?   ?   ?   A . n 
A 1 5  THR 5  85  85  THR THR A . n 
A 1 6  PHE 6  86  86  PHE PHE A . n 
A 1 7  VAL 7  87  87  VAL VAL A . n 
A 1 8  ALA 8  88  88  ALA ALA A . n 
A 1 9  LEU 9  89  89  LEU LEU A . n 
A 1 10 TYR 10 90  90  TYR TYR A . n 
A 1 11 ASP 11 91  91  ASP ASP A . n 
A 1 12 TYR 12 92  92  TYR TYR A . n 
A 1 13 GLU 13 93  93  GLU GLU A . n 
A 1 14 SER 14 94  94  SER SER A . n 
A 1 15 ARG 15 95  95  ARG ARG A . n 
A 1 16 THR 16 96  96  THR THR A . n 
A 1 17 GLU 17 97  97  GLU GLU A . n 
A 1 18 GLU 18 98  98  GLU GLU A . n 
A 1 19 ASP 19 99  99  ASP ASP A . n 
A 1 20 LEU 20 100 100 LEU LEU A . n 
A 1 21 SER 21 101 101 SER SER A . n 
A 1 22 PHE 22 102 102 PHE PHE A . n 
A 1 23 LYS 23 103 103 LYS LYS A . n 
A 1 24 LYS 24 104 104 LYS LYS A . n 
A 1 25 GLY 25 105 105 GLY GLY A . n 
A 1 26 GLU 26 106 106 GLU GLU A . n 
A 1 27 ARG 27 107 107 ARG ARG A . n 
A 1 28 LEU 28 108 108 LEU LEU A . n 
A 1 29 GLN 29 109 109 GLN GLN A . n 
A 1 30 ILE 30 110 110 ILE ILE A . n 
A 1 31 VAL 31 111 111 VAL VAL A . n 
A 1 32 ASN 32 112 112 ASN ASN A . n 
A 1 33 ASN 33 113 113 ASN ASN A . n 
A 1 34 THR 34 114 114 THR THR A . n 
A 1 35 GLU 35 115 115 GLU GLU A . n 
A 1 36 GLY 36 116 116 GLY GLY A . n 
A 1 37 ASP 37 117 117 ASP ASP A . n 
A 1 38 TRP 38 118 118 TRP TRP A . n 
A 1 39 TRP 39 119 119 TRP TRP A . n 
A 1 40 LEU 40 120 120 LEU LEU A . n 
A 1 41 ALA 41 121 121 ALA ALA A . n 
A 1 42 HIS 42 122 122 HIS HIS A . n 
A 1 43 SER 43 123 123 SER SER A . n 
A 1 44 LEU 44 124 124 LEU LEU A . n 
A 1 45 THR 45 125 125 THR THR A . n 
A 1 46 THR 46 126 126 THR THR A . n 
A 1 47 GLY 47 127 127 GLY GLY A . n 
A 1 48 ARG 48 128 128 ARG ARG A . n 
A 1 49 THR 49 129 129 THR THR A . n 
A 1 50 GLY 50 130 130 GLY GLY A . n 
A 1 51 TYR 51 131 131 TYR TYR A . n 
A 1 52 ILE 52 132 132 ILE ILE A . n 
A 1 53 PRO 53 133 133 PRO PRO A . n 
A 1 54 SER 54 134 134 SER SER A . n 
A 1 55 ASN 55 135 135 ASN ASN A . n 
A 1 56 TYR 56 136 136 TYR TYR A . n 
A 1 57 VAL 57 137 137 VAL VAL A . n 
A 1 58 ALA 58 138 138 ALA ALA A . n 
A 1 59 PRO 59 139 139 PRO PRO A . n 
A 1 60 SER 60 140 140 SER SER A . n 
B 2 1  ACE 1  0   0   ACE ACE B . n 
B 2 2  ALA 2  1   1   ALA ALA B . n 
B 2 3  PRO 3  2   2   PRO PRO B . n 
B 2 4  PRO 4  3   3   PRO PRO B . n 
B 2 5  LEU 5  4   4   LEU LEU B . n 
B 2 6  PRO 6  5   5   PRO PRO B . n 
B 2 7  PRO 7  6   6   PRO PRO B . n 
B 2 8  ARG 8  7   7   ARG ARG B . n 
B 2 9  ASN 9  8   8   ASN ASN B . n 
B 2 10 ARG 10 9   9   ARG ARG B . n 
B 2 11 PRO 11 10  10  PRO PRO B . n 
# 
loop_
_pdbx_nonpoly_scheme.asym_id 
_pdbx_nonpoly_scheme.entity_id 
_pdbx_nonpoly_scheme.mon_id 
_pdbx_nonpoly_scheme.ndb_seq_num 
_pdbx_nonpoly_scheme.pdb_seq_num 
_pdbx_nonpoly_scheme.auth_seq_num 
_pdbx_nonpoly_scheme.pdb_mon_id 
_pdbx_nonpoly_scheme.auth_mon_id 
_pdbx_nonpoly_scheme.pdb_strand_id 
_pdbx_nonpoly_scheme.pdb_ins_code 
C 3 SO4 1  201 1  SO4 SO4 A . 
D 4 HOH 1  301 1  HOH HOH A . 
D 4 HOH 2  302 2  HOH HOH A . 
D 4 HOH 3  303 3  HOH HOH A . 
D 4 HOH 4  304 4  HOH HOH A . 
D 4 HOH 5  305 5  HOH HOH A . 
D 4 HOH 6  306 6  HOH HOH A . 
D 4 HOH 7  307 8  HOH HOH A . 
D 4 HOH 8  308 9  HOH HOH A . 
D 4 HOH 9  309 10 HOH HOH A . 
D 4 HOH 10 310 11 HOH HOH A . 
D 4 HOH 11 311 14 HOH HOH A . 
D 4 HOH 12 312 16 HOH HOH A . 
D 4 HOH 13 313 17 HOH HOH A . 
D 4 HOH 14 314 19 HOH HOH A . 
D 4 HOH 15 315 22 HOH HOH A . 
D 4 HOH 16 316 25 HOH HOH A . 
D 4 HOH 17 317 27 HOH HOH A . 
D 4 HOH 18 318 28 HOH HOH A . 
D 4 HOH 19 319 29 HOH HOH A . 
D 4 HOH 20 320 30 HOH HOH A . 
D 4 HOH 21 321 31 HOH HOH A . 
D 4 HOH 22 322 32 HOH HOH A . 
D 4 HOH 23 323 33 HOH HOH A . 
D 4 HOH 24 324 34 HOH HOH A . 
D 4 HOH 25 325 35 HOH HOH A . 
D 4 HOH 26 326 36 HOH HOH A . 
D 4 HOH 27 327 37 HOH HOH A . 
D 4 HOH 28 328 38 HOH HOH A . 
D 4 HOH 29 329 39 HOH HOH A . 
D 4 HOH 30 330 40 HOH HOH A . 
D 4 HOH 31 331 41 HOH HOH A . 
D 4 HOH 32 332 42 HOH HOH A . 
D 4 HOH 33 333 43 HOH HOH A . 
D 4 HOH 34 334 44 HOH HOH A . 
D 4 HOH 35 335 46 HOH HOH A . 
D 4 HOH 36 336 47 HOH HOH A . 
D 4 HOH 37 337 48 HOH HOH A . 
D 4 HOH 38 338 49 HOH HOH A . 
D 4 HOH 39 339 50 HOH HOH A . 
D 4 HOH 40 340 51 HOH HOH A . 
D 4 HOH 41 341 52 HOH HOH A . 
D 4 HOH 42 342 54 HOH HOH A . 
D 4 HOH 43 343 55 HOH HOH A . 
D 4 HOH 44 344 56 HOH HOH A . 
D 4 HOH 45 345 57 HOH HOH A . 
D 4 HOH 46 346 58 HOH HOH A . 
D 4 HOH 47 347 59 HOH HOH A . 
D 4 HOH 48 348 60 HOH HOH A . 
D 4 HOH 49 349 61 HOH HOH A . 
D 4 HOH 50 350 62 HOH HOH A . 
D 4 HOH 51 351 63 HOH HOH A . 
D 4 HOH 52 352 64 HOH HOH A . 
D 4 HOH 53 353 65 HOH HOH A . 
D 4 HOH 54 354 66 HOH HOH A . 
D 4 HOH 55 355 67 HOH HOH A . 
D 4 HOH 56 356 68 HOH HOH A . 
D 4 HOH 57 357 69 HOH HOH A . 
D 4 HOH 58 358 70 HOH HOH A . 
D 4 HOH 59 359 71 HOH HOH A . 
D 4 HOH 60 360 73 HOH HOH A . 
E 4 HOH 1  101 7  HOH HOH B . 
E 4 HOH 2  102 12 HOH HOH B . 
E 4 HOH 3  103 13 HOH HOH B . 
E 4 HOH 4  104 15 HOH HOH B . 
E 4 HOH 5  105 18 HOH HOH B . 
E 4 HOH 6  106 20 HOH HOH B . 
E 4 HOH 7  107 21 HOH HOH B . 
E 4 HOH 8  108 23 HOH HOH B . 
E 4 HOH 9  109 24 HOH HOH B . 
E 4 HOH 10 110 26 HOH HOH B . 
E 4 HOH 11 111 45 HOH HOH B . 
E 4 HOH 12 112 53 HOH HOH B . 
E 4 HOH 13 113 72 HOH HOH B . 
# 
loop_
_software.pdbx_ordinal 
_software.name 
_software.version 
_software.date 
_software.type 
_software.contact_author 
_software.contact_author_email 
_software.classification 
_software.location 
_software.language 
_software.citation_id 
1 Aimless     0.1.27   11/07/12         program 'Phil Evans'    ?                        'data scaling'    
http://www.mrc-lmb.cam.ac.uk/harry/pre/aimless.html ?   ? 
2 PHENIX      1.8_1069 ?                package 'Paul D. Adams' PDAdams@lbl.gov          refinement        
http://www.phenix-online.org/                       C++ ? 
3 PDB_EXTRACT 3.11     'April 22, 2011' package PDB             deposit@deposit.rcsb.org 'data extraction' 
http://sw-tools.pdb.org/apps/PDB_EXTRACT/           C++ ? 
4 ADSC        Quantum  ?                ?       ?               ?                        'data collection' ? ?   ? 
5 XDS         .        ?                ?       ?               ?                        'data reduction'  ? ?   ? 
6 PHASER      .        ?                ?       ?               ?                        phasing           ? ?   ? 
# 
_cell.length_a           31.588 
_cell.length_b           31.588 
_cell.length_c           106.689 
_cell.angle_alpha        90.000 
_cell.angle_beta         90.000 
_cell.angle_gamma        120.000 
_cell.entry_id           4HVV 
_cell.pdbx_unique_axis   ? 
_cell.Z_PDB              6 
_cell.length_a_esd       ? 
_cell.length_b_esd       ? 
_cell.length_c_esd       ? 
_cell.angle_alpha_esd    ? 
_cell.angle_beta_esd     ? 
_cell.angle_gamma_esd    ? 
# 
_symmetry.space_group_name_H-M             'P 31 2 1' 
_symmetry.entry_id                         4HVV 
_symmetry.Int_Tables_number                152 
_symmetry.pdbx_full_space_group_name_H-M   ? 
_symmetry.cell_setting                     ? 
_symmetry.space_group_name_Hall            ? 
# 
_exptl.crystals_number   1 
_exptl.entry_id          4HVV 
_exptl.method            'X-RAY DIFFRACTION' 
# 
_exptl_crystal.id                    1 
_exptl_crystal.density_Matthews      1.92 
_exptl_crystal.density_meas          ? 
_exptl_crystal.density_percent_sol   36.04 
_exptl_crystal.description           ? 
_exptl_crystal.F_000                 ? 
_exptl_crystal.preparation           ? 
# 
_exptl_crystal_grow.crystal_id      1 
_exptl_crystal_grow.method          'VAPOR DIFFUSION, HANGING DROP' 
_exptl_crystal_grow.pH              5 
_exptl_crystal_grow.temp            298 
_exptl_crystal_grow.pdbx_details    
'1.7 M Ammonium sulphate, 10% PEG 300, 10% glycerol and 0.1 M sodium acetate, pH 5, vapor diffusion, hanging drop, temperature 298K' 
_exptl_crystal_grow.temp_details    ? 
_exptl_crystal_grow.pdbx_pH_range   ? 
# 
_diffrn.id                     1 
_diffrn.ambient_temp           100 
_diffrn.ambient_temp_details   ? 
_diffrn.crystal_id             1 
# 
_diffrn_detector.diffrn_id              1 
_diffrn_detector.detector               CCD 
_diffrn_detector.details                ? 
_diffrn_detector.type                   'ADSC QUANTUM 315r' 
_diffrn_detector.pdbx_collection_date   2011-04-08 
# 
_diffrn_radiation.diffrn_id                        1 
_diffrn_radiation.pdbx_diffrn_protocol             'SINGLE WAVELENGTH' 
_diffrn_radiation.monochromator                    'Si(111) channel-cut crystal monochromator' 
_diffrn_radiation.wavelength_id                    1 
_diffrn_radiation.pdbx_monochromatic_or_laue_m_l   M 
_diffrn_radiation.pdbx_scattering_type             x-ray 
# 
_diffrn_radiation_wavelength.id           1 
_diffrn_radiation_wavelength.wavelength   0.97 
_diffrn_radiation_wavelength.wt           1.0 
# 
_diffrn_source.diffrn_id                   1 
_diffrn_source.source                      SYNCHROTRON 
_diffrn_source.type                        'ESRF BEAMLINE ID14-4' 
_diffrn_source.pdbx_wavelength_list        0.97 
_diffrn_source.pdbx_wavelength             ? 
_diffrn_source.pdbx_synchrotron_site       ESRF 
_diffrn_source.pdbx_synchrotron_beamline   ID14-4 
# 
_reflns.entry_id                     4HVV 
_reflns.d_resolution_high            1.100 
_reflns.d_resolution_low             35.563 
_reflns.number_obs                   24885 
_reflns.pdbx_Rmerge_I_obs            0.067 
_reflns.pdbx_netI_over_sigmaI        19.900 
_reflns.pdbx_redundancy              9.600 
_reflns.percent_possible_obs         95.400 
_reflns.observed_criterion_sigma_F   0 
_reflns.observed_criterion_sigma_I   0 
_reflns.number_all                   26085 
_reflns.pdbx_Rsym_value              ? 
_reflns.B_iso_Wilson_estimate        10.523 
_reflns.R_free_details               ? 
_reflns.limit_h_max                  ? 
_reflns.limit_h_min                  ? 
_reflns.limit_k_max                  ? 
_reflns.limit_k_min                  ? 
_reflns.limit_l_max                  ? 
_reflns.limit_l_min                  ? 
_reflns.observed_criterion_F_max     ? 
_reflns.observed_criterion_F_min     ? 
_reflns.pdbx_chi_squared             ? 
_reflns.pdbx_scaling_rejects         ? 
_reflns.pdbx_ordinal                 1 
_reflns.pdbx_diffrn_id               1 
# 
loop_
_reflns_shell.d_res_high 
_reflns_shell.d_res_low 
_reflns_shell.number_measured_obs 
_reflns_shell.number_measured_all 
_reflns_shell.number_unique_obs 
_reflns_shell.Rmerge_I_obs 
_reflns_shell.meanI_over_sigI_obs 
_reflns_shell.pdbx_Rsym_value 
_reflns_shell.pdbx_chi_squared 
_reflns_shell.pdbx_redundancy 
_reflns_shell.percent_possible_obs 
_reflns_shell.number_unique_all 
_reflns_shell.percent_possible_all 
_reflns_shell.pdbx_ordinal 
_reflns_shell.pdbx_diffrn_id 
1.100 1.120  ? 4855 ? 0.667 2.400  ? ? 5.500 ? 883 68.500 1 1 
5.920 19.100 ? 1474 ? 0.066 28.900 ? ? 9.700 ? 152 70.100 2 1 
# 
_refine.ls_percent_reflns_R_free                 5.1400 
_refine.overall_SU_B                             ? 
_refine.pdbx_solvent_vdw_probe_radii             1.1100 
_refine.pdbx_R_Free_selection_details            RANDOM 
_refine.overall_FOM_free_R_set                   ? 
_refine.pdbx_data_cutoff_low_absF                ? 
_refine.entry_id                                 4HVV 
_refine.aniso_B[2][3]                            ? 
_refine.overall_SU_R_Cruickshank_DPI             ? 
_refine.overall_SU_ML                            0.0800 
_refine.pdbx_ls_sigma_I                          0 
_refine.aniso_B[1][3]                            ? 
_refine.pdbx_stereochemistry_target_values       ML 
_refine.aniso_B[3][3]                            ? 
_refine.occupancy_max                            1.000 
_refine.ls_number_restraints                     ? 
_refine.aniso_B[1][1]                            ? 
_refine.pdbx_overall_ESU_R                       ? 
_refine.ls_R_factor_obs                          0.1442 
_refine.pdbx_ls_cross_valid_method               THROUGHOUT 
_refine.pdbx_solvent_ion_probe_radii             ? 
_refine.pdbx_starting_model                      'PDB entry 3FJ5' 
_refine.ls_wR_factor_R_free                      ? 
_refine.ls_wR_factor_R_work                      ? 
_refine.pdbx_isotropic_thermal_model             ? 
_refine.pdbx_method_to_determine_struct          'MOLECULAR REPLACEMENT' 
_refine.solvent_model_param_ksol                 ? 
_refine.pdbx_solvent_shrinkage_radii             0.9000 
_refine.correlation_coeff_Fo_to_Fc               ? 
_refine.ls_number_reflns_R_free                  2365 
_refine.correlation_coeff_Fo_to_Fc_free          ? 
_refine.pdbx_ls_sigma_F                          1.150 
_refine.ls_percent_reflns_obs                    95.2100 
_refine.ls_R_factor_R_work                       0.1436 
_refine.overall_SU_R_free                        ? 
_refine.ls_d_res_high                            1.1000 
_refine.pdbx_overall_ESU_R_Free                  ? 
_refine.B_iso_min                                6.180 
_refine.occupancy_min                            0.120 
_refine.B_iso_mean                               19.7255 
_refine.pdbx_stereochem_target_val_spec_case     ? 
_refine.ls_R_factor_all                          0.1442 
_refine.aniso_B[2][2]                            ? 
_refine.B_iso_max                                54.570 
_refine.ls_d_res_low                             19.0970 
_refine.pdbx_overall_phase_error                 14.1100 
_refine.solvent_model_details                    'FLAT BULK SOLVENT MODEL' 
_refine.aniso_B[1][2]                            ? 
_refine.ls_R_factor_R_free                       0.1563 
_refine.ls_R_factor_R_free_error                 ? 
_refine.ls_number_reflns_obs                     46049 
_refine.overall_FOM_work_R_set                   0.9205 
_refine.ls_number_parameters                     ? 
_refine.details                                  ? 
_refine.ls_number_reflns_all                     48366 
_refine.ls_redundancy_reflns_obs                 ? 
_refine.pdbx_data_cutoff_high_absF               ? 
_refine.solvent_model_param_bsol                 ? 
_refine.ls_R_factor_R_free_error_details         ? 
_refine.pdbx_data_cutoff_high_rms_absF           ? 
_refine.pdbx_diffrn_id                           1 
_refine.pdbx_refine_id                           'X-RAY DIFFRACTION' 
_refine.pdbx_TLS_residual_ADP_flag               ? 
_refine.pdbx_overall_SU_R_free_Cruickshank_DPI   ? 
_refine.pdbx_overall_SU_R_Blow_DPI               ? 
_refine.pdbx_overall_SU_R_free_Blow_DPI          ? 
# 
_refine_hist.pdbx_refine_id                   'X-RAY DIFFRACTION' 
_refine_hist.cycle_id                         LAST 
_refine_hist.pdbx_number_atoms_protein        536 
_refine_hist.pdbx_number_atoms_nucleic_acid   0 
_refine_hist.pdbx_number_atoms_ligand         5 
_refine_hist.number_atoms_solvent             73 
_refine_hist.number_atoms_total               614 
_refine_hist.d_res_high                       1.1000 
_refine_hist.d_res_low                        19.0970 
# 
loop_
_refine_ls_restr.type 
_refine_ls_restr.number 
_refine_ls_restr.dev_ideal 
_refine_ls_restr.dev_ideal_target 
_refine_ls_restr.weight 
_refine_ls_restr.pdbx_restraint_function 
_refine_ls_restr.pdbx_refine_id 
f_bond_d           571 0.009  ? ? ? 'X-RAY DIFFRACTION' 
f_angle_d          781 1.214  ? ? ? 'X-RAY DIFFRACTION' 
f_chiral_restr     82  0.073  ? ? ? 'X-RAY DIFFRACTION' 
f_plane_restr      101 0.007  ? ? ? 'X-RAY DIFFRACTION' 
f_dihedral_angle_d 211 12.400 ? ? ? 'X-RAY DIFFRACTION' 
# 
loop_
_refine_ls_shell.d_res_high 
_refine_ls_shell.d_res_low 
_refine_ls_shell.pdbx_total_number_of_bins_used 
_refine_ls_shell.percent_reflns_obs 
_refine_ls_shell.number_reflns_R_work 
_refine_ls_shell.R_factor_all 
_refine_ls_shell.R_factor_R_work 
_refine_ls_shell.R_factor_R_free 
_refine_ls_shell.percent_reflns_R_free 
_refine_ls_shell.number_reflns_R_free 
_refine_ls_shell.R_factor_R_free_error 
_refine_ls_shell.number_reflns_all 
_refine_ls_shell.number_reflns_obs 
_refine_ls_shell.redundancy_reflns_obs 
_refine_ls_shell.pdbx_refine_id 
1.1001 1.1226  17 68.0000  1858 . 0.2496 0.2793 . 81  . 1939 . . 'X-RAY DIFFRACTION' 
1.1226 1.1470  17 77.0000  2098 . 0.1995 0.2439 . 111 . 2209 . . 'X-RAY DIFFRACTION' 
1.1470 1.1736  17 86.0000  2347 . 0.1745 0.2010 . 110 . 2457 . . 'X-RAY DIFFRACTION' 
1.1736 1.2030  17 95.0000  2520 . 0.1529 0.1774 . 122 . 2642 . . 'X-RAY DIFFRACTION' 
1.2030 1.2355  17 100.0000 2684 . 0.1443 0.1914 . 167 . 2851 . . 'X-RAY DIFFRACTION' 
1.2355 1.2719  17 100.0000 2720 . 0.1436 0.1781 . 164 . 2884 . . 'X-RAY DIFFRACTION' 
1.2719 1.3129  17 100.0000 2702 . 0.1293 0.1857 . 149 . 2851 . . 'X-RAY DIFFRACTION' 
1.3129 1.3598  17 100.0000 2672 . 0.1106 0.1537 . 149 . 2821 . . 'X-RAY DIFFRACTION' 
1.3598 1.4142  17 100.0000 2669 . 0.1102 0.1062 . 161 . 2830 . . 'X-RAY DIFFRACTION' 
1.4142 1.4786  17 100.0000 2685 . 0.1131 0.1270 . 165 . 2850 . . 'X-RAY DIFFRACTION' 
1.4786 1.5565  17 100.0000 2677 . 0.1064 0.1412 . 170 . 2847 . . 'X-RAY DIFFRACTION' 
1.5565 1.6540  17 100.0000 2746 . 0.1069 0.1304 . 116 . 2862 . . 'X-RAY DIFFRACTION' 
1.6540 1.7816  17 100.0000 2694 . 0.1100 0.1407 . 167 . 2861 . . 'X-RAY DIFFRACTION' 
1.7816 1.9607  17 100.0000 2692 . 0.1167 0.1250 . 143 . 2835 . . 'X-RAY DIFFRACTION' 
1.9607 2.2441  17 100.0000 2685 . 0.1242 0.1564 . 138 . 2823 . . 'X-RAY DIFFRACTION' 
2.2441 2.8258  17 100.0000 2714 . 0.1608 0.1412 . 126 . 2840 . . 'X-RAY DIFFRACTION' 
2.8258 19.1003 17 93.0000  2521 . 0.1767 0.1800 . 126 . 2647 . . 'X-RAY DIFFRACTION' 
# 
_struct.entry_id                  4HVV 
_struct.title                     
'Crystal structure of the T98E c-Src-SH3 domain mutant in complex with the high affinity peptide APP12' 
_struct.pdbx_model_details        ? 
_struct.pdbx_CASP_flag            ? 
_struct.pdbx_model_type_details   ? 
# 
_struct_keywords.entry_id        4HVV 
_struct_keywords.text            'beta shandwich, SH3 like barrel, Kinase, Proline Rich Motifs, Signaling Protein-Peptide complex' 
_struct_keywords.pdbx_keywords   'Signaling Protein/Peptide' 
# 
loop_
_struct_asym.id 
_struct_asym.pdbx_blank_PDB_chainid_flag 
_struct_asym.pdbx_modified 
_struct_asym.entity_id 
_struct_asym.details 
A N N 1 ? 
B N N 2 ? 
C N N 3 ? 
D N N 4 ? 
E N N 4 ? 
# 
loop_
_struct_ref.id 
_struct_ref.db_name 
_struct_ref.db_code 
_struct_ref.pdbx_db_accession 
_struct_ref.entity_id 
_struct_ref.pdbx_seq_one_letter_code 
_struct_ref.pdbx_align_begin 
_struct_ref.pdbx_db_isoform 
1 UNP SRC_CHICK P00523 1 TFVALYDYESRTETDLSFKKGERLQIVNNTEGDWWLAHSLTTGQTGYIPSNYVAPS 85 ? 
2 PDB 4HVV      4HVV   2 ?                                                        ?  ? 
# 
loop_
_struct_ref_seq.align_id 
_struct_ref_seq.ref_id 
_struct_ref_seq.pdbx_PDB_id_code 
_struct_ref_seq.pdbx_strand_id 
_struct_ref_seq.seq_align_beg 
_struct_ref_seq.pdbx_seq_align_beg_ins_code 
_struct_ref_seq.seq_align_end 
_struct_ref_seq.pdbx_seq_align_end_ins_code 
_struct_ref_seq.pdbx_db_accession 
_struct_ref_seq.db_align_beg 
_struct_ref_seq.pdbx_db_align_beg_ins_code 
_struct_ref_seq.db_align_end 
_struct_ref_seq.pdbx_db_align_end_ins_code 
_struct_ref_seq.pdbx_auth_seq_align_beg 
_struct_ref_seq.pdbx_auth_seq_align_end 
1 1 4HVV A 5 ? 60 ? P00523 85 ? 140 ? 85 140 
2 2 4HVV B 1 ? 11 ? 4HVV   0  ? 10  ? 0  10  
# 
loop_
_struct_ref_seq_dif.align_id 
_struct_ref_seq_dif.pdbx_pdb_id_code 
_struct_ref_seq_dif.mon_id 
_struct_ref_seq_dif.pdbx_pdb_strand_id 
_struct_ref_seq_dif.seq_num 
_struct_ref_seq_dif.pdbx_pdb_ins_code 
_struct_ref_seq_dif.pdbx_seq_db_name 
_struct_ref_seq_dif.pdbx_seq_db_accession_code 
_struct_ref_seq_dif.db_mon_id 
_struct_ref_seq_dif.pdbx_seq_db_seq_num 
_struct_ref_seq_dif.details 
_struct_ref_seq_dif.pdbx_auth_seq_num 
_struct_ref_seq_dif.pdbx_ordinal 
1 4HVV GLY A 1  ? UNP P00523 ?   ?   'expression tag'      81  1 
1 4HVV SER A 2  ? UNP P00523 ?   ?   'expression tag'      82  2 
1 4HVV HIS A 3  ? UNP P00523 ?   ?   'expression tag'      83  3 
1 4HVV MET A 4  ? UNP P00523 ?   ?   'expression tag'      84  4 
1 4HVV GLU A 18 ? UNP P00523 THR 98  'engineered mutation' 98  5 
1 4HVV ARG A 48 ? UNP P00523 GLN 128 'engineered mutation' 128 6 
# 
_pdbx_struct_assembly.id                   1 
_pdbx_struct_assembly.details              author_and_software_defined_assembly 
_pdbx_struct_assembly.method_details       PISA 
_pdbx_struct_assembly.oligomeric_details   dimeric 
_pdbx_struct_assembly.oligomeric_count     2 
# 
loop_
_pdbx_struct_assembly_prop.biol_id 
_pdbx_struct_assembly_prop.type 
_pdbx_struct_assembly_prop.value 
_pdbx_struct_assembly_prop.details 
1 'ABSA (A^2)' 1220 ? 
1 MORE         -15  ? 
1 'SSA (A^2)'  4310 ? 
# 
_pdbx_struct_assembly_gen.assembly_id       1 
_pdbx_struct_assembly_gen.oper_expression   1 
_pdbx_struct_assembly_gen.asym_id_list      A,B,C,D,E 
# 
_pdbx_struct_oper_list.id                   1 
_pdbx_struct_oper_list.type                 'identity operation' 
_pdbx_struct_oper_list.name                 1_555 
_pdbx_struct_oper_list.symmetry_operation   x,y,z 
_pdbx_struct_oper_list.matrix[1][1]         1.0000000000 
_pdbx_struct_oper_list.matrix[1][2]         0.0000000000 
_pdbx_struct_oper_list.matrix[1][3]         0.0000000000 
_pdbx_struct_oper_list.vector[1]            0.0000000000 
_pdbx_struct_oper_list.matrix[2][1]         0.0000000000 
_pdbx_struct_oper_list.matrix[2][2]         1.0000000000 
_pdbx_struct_oper_list.matrix[2][3]         0.0000000000 
_pdbx_struct_oper_list.vector[2]            0.0000000000 
_pdbx_struct_oper_list.matrix[3][1]         0.0000000000 
_pdbx_struct_oper_list.matrix[3][2]         0.0000000000 
_pdbx_struct_oper_list.matrix[3][3]         1.0000000000 
_pdbx_struct_oper_list.vector[3]            0.0000000000 
# 
_struct_biol.id        1 
_struct_biol.details   'biological unit is the same as asym.' 
# 
_struct_conn.id                            covale1 
_struct_conn.conn_type_id                  covale 
_struct_conn.pdbx_leaving_atom_flag        both 
_struct_conn.pdbx_PDB_id                   ? 
_struct_conn.ptnr1_label_asym_id           B 
_struct_conn.ptnr1_label_comp_id           ACE 
_struct_conn.ptnr1_label_seq_id            1 
_struct_conn.ptnr1_label_atom_id           C 
_struct_conn.pdbx_ptnr1_label_alt_id       ? 
_struct_conn.pdbx_ptnr1_PDB_ins_code       ? 
_struct_conn.pdbx_ptnr1_standard_comp_id   ? 
_struct_conn.ptnr1_symmetry                1_555 
_struct_conn.ptnr2_label_asym_id           B 
_struct_conn.ptnr2_label_comp_id           ALA 
_struct_conn.ptnr2_label_seq_id            2 
_struct_conn.ptnr2_label_atom_id           N 
_struct_conn.pdbx_ptnr2_label_alt_id       ? 
_struct_conn.pdbx_ptnr2_PDB_ins_code       ? 
_struct_conn.ptnr1_auth_asym_id            B 
_struct_conn.ptnr1_auth_comp_id            ACE 
_struct_conn.ptnr1_auth_seq_id             0 
_struct_conn.ptnr2_auth_asym_id            B 
_struct_conn.ptnr2_auth_comp_id            ALA 
_struct_conn.ptnr2_auth_seq_id             1 
_struct_conn.ptnr2_symmetry                1_555 
_struct_conn.pdbx_ptnr3_label_atom_id      ? 
_struct_conn.pdbx_ptnr3_label_seq_id       ? 
_struct_conn.pdbx_ptnr3_label_comp_id      ? 
_struct_conn.pdbx_ptnr3_label_asym_id      ? 
_struct_conn.pdbx_ptnr3_label_alt_id       ? 
_struct_conn.pdbx_ptnr3_PDB_ins_code       ? 
_struct_conn.details                       ? 
_struct_conn.pdbx_dist_value               1.327 
_struct_conn.pdbx_value_order              ? 
_struct_conn.pdbx_role                     ? 
# 
_struct_conn_type.id          covale 
_struct_conn_type.criteria    ? 
_struct_conn_type.reference   ? 
# 
_pdbx_modification_feature.ordinal                            1 
_pdbx_modification_feature.label_comp_id                      ACE 
_pdbx_modification_feature.label_asym_id                      B 
_pdbx_modification_feature.label_seq_id                       1 
_pdbx_modification_feature.label_alt_id                       ? 
_pdbx_modification_feature.modified_residue_label_comp_id     ALA 
_pdbx_modification_feature.modified_residue_label_asym_id     B 
_pdbx_modification_feature.modified_residue_label_seq_id      2 
_pdbx_modification_feature.modified_residue_label_alt_id      ? 
_pdbx_modification_feature.auth_comp_id                       ACE 
_pdbx_modification_feature.auth_asym_id                       B 
_pdbx_modification_feature.auth_seq_id                        0 
_pdbx_modification_feature.PDB_ins_code                       ? 
_pdbx_modification_feature.symmetry                           1_555 
_pdbx_modification_feature.modified_residue_auth_comp_id      ALA 
_pdbx_modification_feature.modified_residue_auth_asym_id      B 
_pdbx_modification_feature.modified_residue_auth_seq_id       1 
_pdbx_modification_feature.modified_residue_PDB_ins_code      ? 
_pdbx_modification_feature.modified_residue_symmetry          1_555 
_pdbx_modification_feature.comp_id_linking_atom               . 
_pdbx_modification_feature.modified_residue_id_linking_atom   . 
_pdbx_modification_feature.modified_residue_id                ALA 
_pdbx_modification_feature.ref_pcm_id                         1 
_pdbx_modification_feature.ref_comp_id                        ACE 
_pdbx_modification_feature.type                               None 
_pdbx_modification_feature.category                           'Terminal acetylation' 
# 
_struct_sheet.id               A 
_struct_sheet.type             ? 
_struct_sheet.number_strands   5 
_struct_sheet.details          ? 
# 
loop_
_struct_sheet_order.sheet_id 
_struct_sheet_order.range_id_1 
_struct_sheet_order.range_id_2 
_struct_sheet_order.offset 
_struct_sheet_order.sense 
A 1 2 ? anti-parallel 
A 2 3 ? anti-parallel 
A 3 4 ? anti-parallel 
A 4 5 ? anti-parallel 
# 
loop_
_struct_sheet_range.sheet_id 
_struct_sheet_range.id 
_struct_sheet_range.beg_label_comp_id 
_struct_sheet_range.beg_label_asym_id 
_struct_sheet_range.beg_label_seq_id 
_struct_sheet_range.pdbx_beg_PDB_ins_code 
_struct_sheet_range.end_label_comp_id 
_struct_sheet_range.end_label_asym_id 
_struct_sheet_range.end_label_seq_id 
_struct_sheet_range.pdbx_end_PDB_ins_code 
_struct_sheet_range.beg_auth_comp_id 
_struct_sheet_range.beg_auth_asym_id 
_struct_sheet_range.beg_auth_seq_id 
_struct_sheet_range.end_auth_comp_id 
_struct_sheet_range.end_auth_asym_id 
_struct_sheet_range.end_auth_seq_id 
A 1 THR A 49 ? PRO A 53 ? THR A 129 PRO A 133 
A 2 TRP A 38 ? SER A 43 ? TRP A 118 SER A 123 
A 3 ARG A 27 ? ASN A 32 ? ARG A 107 ASN A 112 
A 4 PHE A 6  ? ALA A 8  ? PHE A 86  ALA A 88  
A 5 VAL A 57 ? PRO A 59 ? VAL A 137 PRO A 139 
# 
loop_
_pdbx_struct_sheet_hbond.sheet_id 
_pdbx_struct_sheet_hbond.range_id_1 
_pdbx_struct_sheet_hbond.range_id_2 
_pdbx_struct_sheet_hbond.range_1_label_atom_id 
_pdbx_struct_sheet_hbond.range_1_label_comp_id 
_pdbx_struct_sheet_hbond.range_1_label_asym_id 
_pdbx_struct_sheet_hbond.range_1_label_seq_id 
_pdbx_struct_sheet_hbond.range_1_PDB_ins_code 
_pdbx_struct_sheet_hbond.range_1_auth_atom_id 
_pdbx_struct_sheet_hbond.range_1_auth_comp_id 
_pdbx_struct_sheet_hbond.range_1_auth_asym_id 
_pdbx_struct_sheet_hbond.range_1_auth_seq_id 
_pdbx_struct_sheet_hbond.range_2_label_atom_id 
_pdbx_struct_sheet_hbond.range_2_label_comp_id 
_pdbx_struct_sheet_hbond.range_2_label_asym_id 
_pdbx_struct_sheet_hbond.range_2_label_seq_id 
_pdbx_struct_sheet_hbond.range_2_PDB_ins_code 
_pdbx_struct_sheet_hbond.range_2_auth_atom_id 
_pdbx_struct_sheet_hbond.range_2_auth_comp_id 
_pdbx_struct_sheet_hbond.range_2_auth_asym_id 
_pdbx_struct_sheet_hbond.range_2_auth_seq_id 
A 1 2 O GLY A 50 ? O GLY A 130 N ALA A 41 ? N ALA A 121 
A 2 3 O HIS A 42 ? O HIS A 122 N GLN A 29 ? N GLN A 109 
A 3 4 O LEU A 28 ? O LEU A 108 N PHE A 6  ? N PHE A 86  
A 4 5 N VAL A 7  ? N VAL A 87  O ALA A 58 ? O ALA A 138 
# 
_struct_site.id                   AC1 
_struct_site.pdbx_evidence_code   Software 
_struct_site.pdbx_auth_asym_id    A 
_struct_site.pdbx_auth_comp_id    SO4 
_struct_site.pdbx_auth_seq_id     201 
_struct_site.pdbx_auth_ins_code   ? 
_struct_site.pdbx_num_residues    6 
_struct_site.details              'BINDING SITE FOR RESIDUE SO4 A 201' 
# 
loop_
_struct_site_gen.id 
_struct_site_gen.site_id 
_struct_site_gen.pdbx_num_res 
_struct_site_gen.label_comp_id 
_struct_site_gen.label_asym_id 
_struct_site_gen.label_seq_id 
_struct_site_gen.pdbx_auth_ins_code 
_struct_site_gen.auth_comp_id 
_struct_site_gen.auth_asym_id 
_struct_site_gen.auth_seq_id 
_struct_site_gen.label_atom_id 
_struct_site_gen.label_alt_id 
_struct_site_gen.symmetry 
_struct_site_gen.details 
1 AC1 6 GLU A 13 ? GLU A 93  . ? 1_555 ? 
2 AC1 6 SER A 14 ? SER A 94  . ? 1_555 ? 
3 AC1 6 SER A 21 ? SER A 101 . ? 1_555 ? 
4 AC1 6 HOH D .  ? HOH A 302 . ? 1_555 ? 
5 AC1 6 HOH D .  ? HOH A 307 . ? 1_555 ? 
6 AC1 6 ARG B 10 ? ARG B 9   . ? 1_655 ? 
# 
_pdbx_entry_details.entry_id                   4HVV 
_pdbx_entry_details.compound_details           ? 
_pdbx_entry_details.source_details             ? 
_pdbx_entry_details.nonpolymer_details         ? 
_pdbx_entry_details.sequence_details           ? 
_pdbx_entry_details.has_ligand_of_interest     ? 
_pdbx_entry_details.has_protein_modification   Y 
# 
loop_
_pdbx_unobs_or_zero_occ_residues.id 
_pdbx_unobs_or_zero_occ_residues.PDB_model_num 
_pdbx_unobs_or_zero_occ_residues.polymer_flag 
_pdbx_unobs_or_zero_occ_residues.occupancy_flag 
_pdbx_unobs_or_zero_occ_residues.auth_asym_id 
_pdbx_unobs_or_zero_occ_residues.auth_comp_id 
_pdbx_unobs_or_zero_occ_residues.auth_seq_id 
_pdbx_unobs_or_zero_occ_residues.PDB_ins_code 
_pdbx_unobs_or_zero_occ_residues.label_asym_id 
_pdbx_unobs_or_zero_occ_residues.label_comp_id 
_pdbx_unobs_or_zero_occ_residues.label_seq_id 
1 1 Y 1 A GLY 81 ? A GLY 1 
2 1 Y 1 A SER 82 ? A SER 2 
3 1 Y 1 A HIS 83 ? A HIS 3 
4 1 Y 1 A MET 84 ? A MET 4 
# 
loop_
_chem_comp_atom.comp_id 
_chem_comp_atom.atom_id 
_chem_comp_atom.type_symbol 
_chem_comp_atom.pdbx_aromatic_flag 
_chem_comp_atom.pdbx_stereo_config 
_chem_comp_atom.pdbx_ordinal 
ACE C    C N N 1   
ACE O    O N N 2   
ACE CH3  C N N 3   
ACE H    H N N 4   
ACE H1   H N N 5   
ACE H2   H N N 6   
ACE H3   H N N 7   
ALA N    N N N 8   
ALA CA   C N S 9   
ALA C    C N N 10  
ALA O    O N N 11  
ALA CB   C N N 12  
ALA OXT  O N N 13  
ALA H    H N N 14  
ALA H2   H N N 15  
ALA HA   H N N 16  
ALA HB1  H N N 17  
ALA HB2  H N N 18  
ALA HB3  H N N 19  
ALA HXT  H N N 20  
ARG N    N N N 21  
ARG CA   C N S 22  
ARG C    C N N 23  
ARG O    O N N 24  
ARG CB   C N N 25  
ARG CG   C N N 26  
ARG CD   C N N 27  
ARG NE   N N N 28  
ARG CZ   C N N 29  
ARG NH1  N N N 30  
ARG NH2  N N N 31  
ARG OXT  O N N 32  
ARG H    H N N 33  
ARG H2   H N N 34  
ARG HA   H N N 35  
ARG HB2  H N N 36  
ARG HB3  H N N 37  
ARG HG2  H N N 38  
ARG HG3  H N N 39  
ARG HD2  H N N 40  
ARG HD3  H N N 41  
ARG HE   H N N 42  
ARG HH11 H N N 43  
ARG HH12 H N N 44  
ARG HH21 H N N 45  
ARG HH22 H N N 46  
ARG HXT  H N N 47  
ASN N    N N N 48  
ASN CA   C N S 49  
ASN C    C N N 50  
ASN O    O N N 51  
ASN CB   C N N 52  
ASN CG   C N N 53  
ASN OD1  O N N 54  
ASN ND2  N N N 55  
ASN OXT  O N N 56  
ASN H    H N N 57  
ASN H2   H N N 58  
ASN HA   H N N 59  
ASN HB2  H N N 60  
ASN HB3  H N N 61  
ASN HD21 H N N 62  
ASN HD22 H N N 63  
ASN HXT  H N N 64  
ASP N    N N N 65  
ASP CA   C N S 66  
ASP C    C N N 67  
ASP O    O N N 68  
ASP CB   C N N 69  
ASP CG   C N N 70  
ASP OD1  O N N 71  
ASP OD2  O N N 72  
ASP OXT  O N N 73  
ASP H    H N N 74  
ASP H2   H N N 75  
ASP HA   H N N 76  
ASP HB2  H N N 77  
ASP HB3  H N N 78  
ASP HD2  H N N 79  
ASP HXT  H N N 80  
GLN N    N N N 81  
GLN CA   C N S 82  
GLN C    C N N 83  
GLN O    O N N 84  
GLN CB   C N N 85  
GLN CG   C N N 86  
GLN CD   C N N 87  
GLN OE1  O N N 88  
GLN NE2  N N N 89  
GLN OXT  O N N 90  
GLN H    H N N 91  
GLN H2   H N N 92  
GLN HA   H N N 93  
GLN HB2  H N N 94  
GLN HB3  H N N 95  
GLN HG2  H N N 96  
GLN HG3  H N N 97  
GLN HE21 H N N 98  
GLN HE22 H N N 99  
GLN HXT  H N N 100 
GLU N    N N N 101 
GLU CA   C N S 102 
GLU C    C N N 103 
GLU O    O N N 104 
GLU CB   C N N 105 
GLU CG   C N N 106 
GLU CD   C N N 107 
GLU OE1  O N N 108 
GLU OE2  O N N 109 
GLU OXT  O N N 110 
GLU H    H N N 111 
GLU H2   H N N 112 
GLU HA   H N N 113 
GLU HB2  H N N 114 
GLU HB3  H N N 115 
GLU HG2  H N N 116 
GLU HG3  H N N 117 
GLU HE2  H N N 118 
GLU HXT  H N N 119 
GLY N    N N N 120 
GLY CA   C N N 121 
GLY C    C N N 122 
GLY O    O N N 123 
GLY OXT  O N N 124 
GLY H    H N N 125 
GLY H2   H N N 126 
GLY HA2  H N N 127 
GLY HA3  H N N 128 
GLY HXT  H N N 129 
HIS N    N N N 130 
HIS CA   C N S 131 
HIS C    C N N 132 
HIS O    O N N 133 
HIS CB   C N N 134 
HIS CG   C Y N 135 
HIS ND1  N Y N 136 
HIS CD2  C Y N 137 
HIS CE1  C Y N 138 
HIS NE2  N Y N 139 
HIS OXT  O N N 140 
HIS H    H N N 141 
HIS H2   H N N 142 
HIS HA   H N N 143 
HIS HB2  H N N 144 
HIS HB3  H N N 145 
HIS HD1  H N N 146 
HIS HD2  H N N 147 
HIS HE1  H N N 148 
HIS HE2  H N N 149 
HIS HXT  H N N 150 
HOH O    O N N 151 
HOH H1   H N N 152 
HOH H2   H N N 153 
ILE N    N N N 154 
ILE CA   C N S 155 
ILE C    C N N 156 
ILE O    O N N 157 
ILE CB   C N S 158 
ILE CG1  C N N 159 
ILE CG2  C N N 160 
ILE CD1  C N N 161 
ILE OXT  O N N 162 
ILE H    H N N 163 
ILE H2   H N N 164 
ILE HA   H N N 165 
ILE HB   H N N 166 
ILE HG12 H N N 167 
ILE HG13 H N N 168 
ILE HG21 H N N 169 
ILE HG22 H N N 170 
ILE HG23 H N N 171 
ILE HD11 H N N 172 
ILE HD12 H N N 173 
ILE HD13 H N N 174 
ILE HXT  H N N 175 
LEU N    N N N 176 
LEU CA   C N S 177 
LEU C    C N N 178 
LEU O    O N N 179 
LEU CB   C N N 180 
LEU CG   C N N 181 
LEU CD1  C N N 182 
LEU CD2  C N N 183 
LEU OXT  O N N 184 
LEU H    H N N 185 
LEU H2   H N N 186 
LEU HA   H N N 187 
LEU HB2  H N N 188 
LEU HB3  H N N 189 
LEU HG   H N N 190 
LEU HD11 H N N 191 
LEU HD12 H N N 192 
LEU HD13 H N N 193 
LEU HD21 H N N 194 
LEU HD22 H N N 195 
LEU HD23 H N N 196 
LEU HXT  H N N 197 
LYS N    N N N 198 
LYS CA   C N S 199 
LYS C    C N N 200 
LYS O    O N N 201 
LYS CB   C N N 202 
LYS CG   C N N 203 
LYS CD   C N N 204 
LYS CE   C N N 205 
LYS NZ   N N N 206 
LYS OXT  O N N 207 
LYS H    H N N 208 
LYS H2   H N N 209 
LYS HA   H N N 210 
LYS HB2  H N N 211 
LYS HB3  H N N 212 
LYS HG2  H N N 213 
LYS HG3  H N N 214 
LYS HD2  H N N 215 
LYS HD3  H N N 216 
LYS HE2  H N N 217 
LYS HE3  H N N 218 
LYS HZ1  H N N 219 
LYS HZ2  H N N 220 
LYS HZ3  H N N 221 
LYS HXT  H N N 222 
MET N    N N N 223 
MET CA   C N S 224 
MET C    C N N 225 
MET O    O N N 226 
MET CB   C N N 227 
MET CG   C N N 228 
MET SD   S N N 229 
MET CE   C N N 230 
MET OXT  O N N 231 
MET H    H N N 232 
MET H2   H N N 233 
MET HA   H N N 234 
MET HB2  H N N 235 
MET HB3  H N N 236 
MET HG2  H N N 237 
MET HG3  H N N 238 
MET HE1  H N N 239 
MET HE2  H N N 240 
MET HE3  H N N 241 
MET HXT  H N N 242 
PHE N    N N N 243 
PHE CA   C N S 244 
PHE C    C N N 245 
PHE O    O N N 246 
PHE CB   C N N 247 
PHE CG   C Y N 248 
PHE CD1  C Y N 249 
PHE CD2  C Y N 250 
PHE CE1  C Y N 251 
PHE CE2  C Y N 252 
PHE CZ   C Y N 253 
PHE OXT  O N N 254 
PHE H    H N N 255 
PHE H2   H N N 256 
PHE HA   H N N 257 
PHE HB2  H N N 258 
PHE HB3  H N N 259 
PHE HD1  H N N 260 
PHE HD2  H N N 261 
PHE HE1  H N N 262 
PHE HE2  H N N 263 
PHE HZ   H N N 264 
PHE HXT  H N N 265 
PRO N    N N N 266 
PRO CA   C N S 267 
PRO C    C N N 268 
PRO O    O N N 269 
PRO CB   C N N 270 
PRO CG   C N N 271 
PRO CD   C N N 272 
PRO OXT  O N N 273 
PRO H    H N N 274 
PRO HA   H N N 275 
PRO HB2  H N N 276 
PRO HB3  H N N 277 
PRO HG2  H N N 278 
PRO HG3  H N N 279 
PRO HD2  H N N 280 
PRO HD3  H N N 281 
PRO HXT  H N N 282 
SER N    N N N 283 
SER CA   C N S 284 
SER C    C N N 285 
SER O    O N N 286 
SER CB   C N N 287 
SER OG   O N N 288 
SER OXT  O N N 289 
SER H    H N N 290 
SER H2   H N N 291 
SER HA   H N N 292 
SER HB2  H N N 293 
SER HB3  H N N 294 
SER HG   H N N 295 
SER HXT  H N N 296 
SO4 S    S N N 297 
SO4 O1   O N N 298 
SO4 O2   O N N 299 
SO4 O3   O N N 300 
SO4 O4   O N N 301 
THR N    N N N 302 
THR CA   C N S 303 
THR C    C N N 304 
THR O    O N N 305 
THR CB   C N R 306 
THR OG1  O N N 307 
THR CG2  C N N 308 
THR OXT  O N N 309 
THR H    H N N 310 
THR H2   H N N 311 
THR HA   H N N 312 
THR HB   H N N 313 
THR HG1  H N N 314 
THR HG21 H N N 315 
THR HG22 H N N 316 
THR HG23 H N N 317 
THR HXT  H N N 318 
TRP N    N N N 319 
TRP CA   C N S 320 
TRP C    C N N 321 
TRP O    O N N 322 
TRP CB   C N N 323 
TRP CG   C Y N 324 
TRP CD1  C Y N 325 
TRP CD2  C Y N 326 
TRP NE1  N Y N 327 
TRP CE2  C Y N 328 
TRP CE3  C Y N 329 
TRP CZ2  C Y N 330 
TRP CZ3  C Y N 331 
TRP CH2  C Y N 332 
TRP OXT  O N N 333 
TRP H    H N N 334 
TRP H2   H N N 335 
TRP HA   H N N 336 
TRP HB2  H N N 337 
TRP HB3  H N N 338 
TRP HD1  H N N 339 
TRP HE1  H N N 340 
TRP HE3  H N N 341 
TRP HZ2  H N N 342 
TRP HZ3  H N N 343 
TRP HH2  H N N 344 
TRP HXT  H N N 345 
TYR N    N N N 346 
TYR CA   C N S 347 
TYR C    C N N 348 
TYR O    O N N 349 
TYR CB   C N N 350 
TYR CG   C Y N 351 
TYR CD1  C Y N 352 
TYR CD2  C Y N 353 
TYR CE1  C Y N 354 
TYR CE2  C Y N 355 
TYR CZ   C Y N 356 
TYR OH   O N N 357 
TYR OXT  O N N 358 
TYR H    H N N 359 
TYR H2   H N N 360 
TYR HA   H N N 361 
TYR HB2  H N N 362 
TYR HB3  H N N 363 
TYR HD1  H N N 364 
TYR HD2  H N N 365 
TYR HE1  H N N 366 
TYR HE2  H N N 367 
TYR HH   H N N 368 
TYR HXT  H N N 369 
VAL N    N N N 370 
VAL CA   C N S 371 
VAL C    C N N 372 
VAL O    O N N 373 
VAL CB   C N N 374 
VAL CG1  C N N 375 
VAL CG2  C N N 376 
VAL OXT  O N N 377 
VAL H    H N N 378 
VAL H2   H N N 379 
VAL HA   H N N 380 
VAL HB   H N N 381 
VAL HG11 H N N 382 
VAL HG12 H N N 383 
VAL HG13 H N N 384 
VAL HG21 H N N 385 
VAL HG22 H N N 386 
VAL HG23 H N N 387 
VAL HXT  H N N 388 
# 
loop_
_chem_comp_bond.comp_id 
_chem_comp_bond.atom_id_1 
_chem_comp_bond.atom_id_2 
_chem_comp_bond.value_order 
_chem_comp_bond.pdbx_aromatic_flag 
_chem_comp_bond.pdbx_stereo_config 
_chem_comp_bond.pdbx_ordinal 
ACE C   O    doub N N 1   
ACE C   CH3  sing N N 2   
ACE C   H    sing N N 3   
ACE CH3 H1   sing N N 4   
ACE CH3 H2   sing N N 5   
ACE CH3 H3   sing N N 6   
ALA N   CA   sing N N 7   
ALA N   H    sing N N 8   
ALA N   H2   sing N N 9   
ALA CA  C    sing N N 10  
ALA CA  CB   sing N N 11  
ALA CA  HA   sing N N 12  
ALA C   O    doub N N 13  
ALA C   OXT  sing N N 14  
ALA CB  HB1  sing N N 15  
ALA CB  HB2  sing N N 16  
ALA CB  HB3  sing N N 17  
ALA OXT HXT  sing N N 18  
ARG N   CA   sing N N 19  
ARG N   H    sing N N 20  
ARG N   H2   sing N N 21  
ARG CA  C    sing N N 22  
ARG CA  CB   sing N N 23  
ARG CA  HA   sing N N 24  
ARG C   O    doub N N 25  
ARG C   OXT  sing N N 26  
ARG CB  CG   sing N N 27  
ARG CB  HB2  sing N N 28  
ARG CB  HB3  sing N N 29  
ARG CG  CD   sing N N 30  
ARG CG  HG2  sing N N 31  
ARG CG  HG3  sing N N 32  
ARG CD  NE   sing N N 33  
ARG CD  HD2  sing N N 34  
ARG CD  HD3  sing N N 35  
ARG NE  CZ   sing N N 36  
ARG NE  HE   sing N N 37  
ARG CZ  NH1  sing N N 38  
ARG CZ  NH2  doub N N 39  
ARG NH1 HH11 sing N N 40  
ARG NH1 HH12 sing N N 41  
ARG NH2 HH21 sing N N 42  
ARG NH2 HH22 sing N N 43  
ARG OXT HXT  sing N N 44  
ASN N   CA   sing N N 45  
ASN N   H    sing N N 46  
ASN N   H2   sing N N 47  
ASN CA  C    sing N N 48  
ASN CA  CB   sing N N 49  
ASN CA  HA   sing N N 50  
ASN C   O    doub N N 51  
ASN C   OXT  sing N N 52  
ASN CB  CG   sing N N 53  
ASN CB  HB2  sing N N 54  
ASN CB  HB3  sing N N 55  
ASN CG  OD1  doub N N 56  
ASN CG  ND2  sing N N 57  
ASN ND2 HD21 sing N N 58  
ASN ND2 HD22 sing N N 59  
ASN OXT HXT  sing N N 60  
ASP N   CA   sing N N 61  
ASP N   H    sing N N 62  
ASP N   H2   sing N N 63  
ASP CA  C    sing N N 64  
ASP CA  CB   sing N N 65  
ASP CA  HA   sing N N 66  
ASP C   O    doub N N 67  
ASP C   OXT  sing N N 68  
ASP CB  CG   sing N N 69  
ASP CB  HB2  sing N N 70  
ASP CB  HB3  sing N N 71  
ASP CG  OD1  doub N N 72  
ASP CG  OD2  sing N N 73  
ASP OD2 HD2  sing N N 74  
ASP OXT HXT  sing N N 75  
GLN N   CA   sing N N 76  
GLN N   H    sing N N 77  
GLN N   H2   sing N N 78  
GLN CA  C    sing N N 79  
GLN CA  CB   sing N N 80  
GLN CA  HA   sing N N 81  
GLN C   O    doub N N 82  
GLN C   OXT  sing N N 83  
GLN CB  CG   sing N N 84  
GLN CB  HB2  sing N N 85  
GLN CB  HB3  sing N N 86  
GLN CG  CD   sing N N 87  
GLN CG  HG2  sing N N 88  
GLN CG  HG3  sing N N 89  
GLN CD  OE1  doub N N 90  
GLN CD  NE2  sing N N 91  
GLN NE2 HE21 sing N N 92  
GLN NE2 HE22 sing N N 93  
GLN OXT HXT  sing N N 94  
GLU N   CA   sing N N 95  
GLU N   H    sing N N 96  
GLU N   H2   sing N N 97  
GLU CA  C    sing N N 98  
GLU CA  CB   sing N N 99  
GLU CA  HA   sing N N 100 
GLU C   O    doub N N 101 
GLU C   OXT  sing N N 102 
GLU CB  CG   sing N N 103 
GLU CB  HB2  sing N N 104 
GLU CB  HB3  sing N N 105 
GLU CG  CD   sing N N 106 
GLU CG  HG2  sing N N 107 
GLU CG  HG3  sing N N 108 
GLU CD  OE1  doub N N 109 
GLU CD  OE2  sing N N 110 
GLU OE2 HE2  sing N N 111 
GLU OXT HXT  sing N N 112 
GLY N   CA   sing N N 113 
GLY N   H    sing N N 114 
GLY N   H2   sing N N 115 
GLY CA  C    sing N N 116 
GLY CA  HA2  sing N N 117 
GLY CA  HA3  sing N N 118 
GLY C   O    doub N N 119 
GLY C   OXT  sing N N 120 
GLY OXT HXT  sing N N 121 
HIS N   CA   sing N N 122 
HIS N   H    sing N N 123 
HIS N   H2   sing N N 124 
HIS CA  C    sing N N 125 
HIS CA  CB   sing N N 126 
HIS CA  HA   sing N N 127 
HIS C   O    doub N N 128 
HIS C   OXT  sing N N 129 
HIS CB  CG   sing N N 130 
HIS CB  HB2  sing N N 131 
HIS CB  HB3  sing N N 132 
HIS CG  ND1  sing Y N 133 
HIS CG  CD2  doub Y N 134 
HIS ND1 CE1  doub Y N 135 
HIS ND1 HD1  sing N N 136 
HIS CD2 NE2  sing Y N 137 
HIS CD2 HD2  sing N N 138 
HIS CE1 NE2  sing Y N 139 
HIS CE1 HE1  sing N N 140 
HIS NE2 HE2  sing N N 141 
HIS OXT HXT  sing N N 142 
HOH O   H1   sing N N 143 
HOH O   H2   sing N N 144 
ILE N   CA   sing N N 145 
ILE N   H    sing N N 146 
ILE N   H2   sing N N 147 
ILE CA  C    sing N N 148 
ILE CA  CB   sing N N 149 
ILE CA  HA   sing N N 150 
ILE C   O    doub N N 151 
ILE C   OXT  sing N N 152 
ILE CB  CG1  sing N N 153 
ILE CB  CG2  sing N N 154 
ILE CB  HB   sing N N 155 
ILE CG1 CD1  sing N N 156 
ILE CG1 HG12 sing N N 157 
ILE CG1 HG13 sing N N 158 
ILE CG2 HG21 sing N N 159 
ILE CG2 HG22 sing N N 160 
ILE CG2 HG23 sing N N 161 
ILE CD1 HD11 sing N N 162 
ILE CD1 HD12 sing N N 163 
ILE CD1 HD13 sing N N 164 
ILE OXT HXT  sing N N 165 
LEU N   CA   sing N N 166 
LEU N   H    sing N N 167 
LEU N   H2   sing N N 168 
LEU CA  C    sing N N 169 
LEU CA  CB   sing N N 170 
LEU CA  HA   sing N N 171 
LEU C   O    doub N N 172 
LEU C   OXT  sing N N 173 
LEU CB  CG   sing N N 174 
LEU CB  HB2  sing N N 175 
LEU CB  HB3  sing N N 176 
LEU CG  CD1  sing N N 177 
LEU CG  CD2  sing N N 178 
LEU CG  HG   sing N N 179 
LEU CD1 HD11 sing N N 180 
LEU CD1 HD12 sing N N 181 
LEU CD1 HD13 sing N N 182 
LEU CD2 HD21 sing N N 183 
LEU CD2 HD22 sing N N 184 
LEU CD2 HD23 sing N N 185 
LEU OXT HXT  sing N N 186 
LYS N   CA   sing N N 187 
LYS N   H    sing N N 188 
LYS N   H2   sing N N 189 
LYS CA  C    sing N N 190 
LYS CA  CB   sing N N 191 
LYS CA  HA   sing N N 192 
LYS C   O    doub N N 193 
LYS C   OXT  sing N N 194 
LYS CB  CG   sing N N 195 
LYS CB  HB2  sing N N 196 
LYS CB  HB3  sing N N 197 
LYS CG  CD   sing N N 198 
LYS CG  HG2  sing N N 199 
LYS CG  HG3  sing N N 200 
LYS CD  CE   sing N N 201 
LYS CD  HD2  sing N N 202 
LYS CD  HD3  sing N N 203 
LYS CE  NZ   sing N N 204 
LYS CE  HE2  sing N N 205 
LYS CE  HE3  sing N N 206 
LYS NZ  HZ1  sing N N 207 
LYS NZ  HZ2  sing N N 208 
LYS NZ  HZ3  sing N N 209 
LYS OXT HXT  sing N N 210 
MET N   CA   sing N N 211 
MET N   H    sing N N 212 
MET N   H2   sing N N 213 
MET CA  C    sing N N 214 
MET CA  CB   sing N N 215 
MET CA  HA   sing N N 216 
MET C   O    doub N N 217 
MET C   OXT  sing N N 218 
MET CB  CG   sing N N 219 
MET CB  HB2  sing N N 220 
MET CB  HB3  sing N N 221 
MET CG  SD   sing N N 222 
MET CG  HG2  sing N N 223 
MET CG  HG3  sing N N 224 
MET SD  CE   sing N N 225 
MET CE  HE1  sing N N 226 
MET CE  HE2  sing N N 227 
MET CE  HE3  sing N N 228 
MET OXT HXT  sing N N 229 
PHE N   CA   sing N N 230 
PHE N   H    sing N N 231 
PHE N   H2   sing N N 232 
PHE CA  C    sing N N 233 
PHE CA  CB   sing N N 234 
PHE CA  HA   sing N N 235 
PHE C   O    doub N N 236 
PHE C   OXT  sing N N 237 
PHE CB  CG   sing N N 238 
PHE CB  HB2  sing N N 239 
PHE CB  HB3  sing N N 240 
PHE CG  CD1  doub Y N 241 
PHE CG  CD2  sing Y N 242 
PHE CD1 CE1  sing Y N 243 
PHE CD1 HD1  sing N N 244 
PHE CD2 CE2  doub Y N 245 
PHE CD2 HD2  sing N N 246 
PHE CE1 CZ   doub Y N 247 
PHE CE1 HE1  sing N N 248 
PHE CE2 CZ   sing Y N 249 
PHE CE2 HE2  sing N N 250 
PHE CZ  HZ   sing N N 251 
PHE OXT HXT  sing N N 252 
PRO N   CA   sing N N 253 
PRO N   CD   sing N N 254 
PRO N   H    sing N N 255 
PRO CA  C    sing N N 256 
PRO CA  CB   sing N N 257 
PRO CA  HA   sing N N 258 
PRO C   O    doub N N 259 
PRO C   OXT  sing N N 260 
PRO CB  CG   sing N N 261 
PRO CB  HB2  sing N N 262 
PRO CB  HB3  sing N N 263 
PRO CG  CD   sing N N 264 
PRO CG  HG2  sing N N 265 
PRO CG  HG3  sing N N 266 
PRO CD  HD2  sing N N 267 
PRO CD  HD3  sing N N 268 
PRO OXT HXT  sing N N 269 
SER N   CA   sing N N 270 
SER N   H    sing N N 271 
SER N   H2   sing N N 272 
SER CA  C    sing N N 273 
SER CA  CB   sing N N 274 
SER CA  HA   sing N N 275 
SER C   O    doub N N 276 
SER C   OXT  sing N N 277 
SER CB  OG   sing N N 278 
SER CB  HB2  sing N N 279 
SER CB  HB3  sing N N 280 
SER OG  HG   sing N N 281 
SER OXT HXT  sing N N 282 
SO4 S   O1   doub N N 283 
SO4 S   O2   doub N N 284 
SO4 S   O3   sing N N 285 
SO4 S   O4   sing N N 286 
THR N   CA   sing N N 287 
THR N   H    sing N N 288 
THR N   H2   sing N N 289 
THR CA  C    sing N N 290 
THR CA  CB   sing N N 291 
THR CA  HA   sing N N 292 
THR C   O    doub N N 293 
THR C   OXT  sing N N 294 
THR CB  OG1  sing N N 295 
THR CB  CG2  sing N N 296 
THR CB  HB   sing N N 297 
THR OG1 HG1  sing N N 298 
THR CG2 HG21 sing N N 299 
THR CG2 HG22 sing N N 300 
THR CG2 HG23 sing N N 301 
THR OXT HXT  sing N N 302 
TRP N   CA   sing N N 303 
TRP N   H    sing N N 304 
TRP N   H2   sing N N 305 
TRP CA  C    sing N N 306 
TRP CA  CB   sing N N 307 
TRP CA  HA   sing N N 308 
TRP C   O    doub N N 309 
TRP C   OXT  sing N N 310 
TRP CB  CG   sing N N 311 
TRP CB  HB2  sing N N 312 
TRP CB  HB3  sing N N 313 
TRP CG  CD1  doub Y N 314 
TRP CG  CD2  sing Y N 315 
TRP CD1 NE1  sing Y N 316 
TRP CD1 HD1  sing N N 317 
TRP CD2 CE2  doub Y N 318 
TRP CD2 CE3  sing Y N 319 
TRP NE1 CE2  sing Y N 320 
TRP NE1 HE1  sing N N 321 
TRP CE2 CZ2  sing Y N 322 
TRP CE3 CZ3  doub Y N 323 
TRP CE3 HE3  sing N N 324 
TRP CZ2 CH2  doub Y N 325 
TRP CZ2 HZ2  sing N N 326 
TRP CZ3 CH2  sing Y N 327 
TRP CZ3 HZ3  sing N N 328 
TRP CH2 HH2  sing N N 329 
TRP OXT HXT  sing N N 330 
TYR N   CA   sing N N 331 
TYR N   H    sing N N 332 
TYR N   H2   sing N N 333 
TYR CA  C    sing N N 334 
TYR CA  CB   sing N N 335 
TYR CA  HA   sing N N 336 
TYR C   O    doub N N 337 
TYR C   OXT  sing N N 338 
TYR CB  CG   sing N N 339 
TYR CB  HB2  sing N N 340 
TYR CB  HB3  sing N N 341 
TYR CG  CD1  doub Y N 342 
TYR CG  CD2  sing Y N 343 
TYR CD1 CE1  sing Y N 344 
TYR CD1 HD1  sing N N 345 
TYR CD2 CE2  doub Y N 346 
TYR CD2 HD2  sing N N 347 
TYR CE1 CZ   doub Y N 348 
TYR CE1 HE1  sing N N 349 
TYR CE2 CZ   sing Y N 350 
TYR CE2 HE2  sing N N 351 
TYR CZ  OH   sing N N 352 
TYR OH  HH   sing N N 353 
TYR OXT HXT  sing N N 354 
VAL N   CA   sing N N 355 
VAL N   H    sing N N 356 
VAL N   H2   sing N N 357 
VAL CA  C    sing N N 358 
VAL CA  CB   sing N N 359 
VAL CA  HA   sing N N 360 
VAL C   O    doub N N 361 
VAL C   OXT  sing N N 362 
VAL CB  CG1  sing N N 363 
VAL CB  CG2  sing N N 364 
VAL CB  HB   sing N N 365 
VAL CG1 HG11 sing N N 366 
VAL CG1 HG12 sing N N 367 
VAL CG1 HG13 sing N N 368 
VAL CG2 HG21 sing N N 369 
VAL CG2 HG22 sing N N 370 
VAL CG2 HG23 sing N N 371 
VAL OXT HXT  sing N N 372 
# 
_pdbx_initial_refinement_model.id               1 
_pdbx_initial_refinement_model.entity_id_list   ? 
_pdbx_initial_refinement_model.type             'experimental model' 
_pdbx_initial_refinement_model.source_name      PDB 
_pdbx_initial_refinement_model.accession_code   3FJ5 
_pdbx_initial_refinement_model.details          'PDB entry 3FJ5' 
# 
_atom_sites.entry_id                    4HVV 
_atom_sites.fract_transf_matrix[1][1]   -0.01855984 
_atom_sites.fract_transf_matrix[1][2]   -0.02068842 
_atom_sites.fract_transf_matrix[1][3]   0.02374313 
_atom_sites.fract_transf_matrix[2][1]   -0.03087590 
_atom_sites.fract_transf_matrix[2][2]   0.01259324 
_atom_sites.fract_transf_matrix[2][3]   0.01497611 
_atom_sites.fract_transf_matrix[3][1]   -0.00493144 
_atom_sites.fract_transf_matrix[3][2]   -0.00368651 
_atom_sites.fract_transf_matrix[3][3]   -0.00706709 
_atom_sites.fract_transf_vector[1]      1.324244 
_atom_sites.fract_transf_vector[2]      0.579216 
_atom_sites.fract_transf_vector[3]      0.082160 
# 
loop_
_atom_type.symbol 
C 
H 
N 
O 
S 
# 
loop_
_atom_site.group_PDB 
_atom_site.id 
_atom_site.type_symbol 
_atom_site.label_atom_id 
_atom_site.label_alt_id 
_atom_site.label_comp_id 
_atom_site.label_asym_id 
_atom_site.label_entity_id 
_atom_site.label_seq_id 
_atom_site.pdbx_PDB_ins_code 
_atom_site.Cartn_x 
_atom_site.Cartn_y 
_atom_site.Cartn_z 
_atom_site.occupancy 
_atom_site.B_iso_or_equiv 
_atom_site.pdbx_formal_charge 
_atom_site.auth_seq_id 
_atom_site.auth_comp_id 
_atom_site.auth_asym_id 
_atom_site.auth_atom_id 
_atom_site.pdbx_PDB_model_num 
ATOM   1    N N    . THR A 1 5  ? -1.908  -6.138  -10.218 1.00 31.47 ? 85  THR A N    1 
ATOM   2    C CA   . THR A 1 5  ? -1.369  -6.987  -9.138  1.00 25.94 ? 85  THR A CA   1 
ATOM   3    C C    . THR A 1 5  ? 0.104   -6.701  -8.779  1.00 21.94 ? 85  THR A C    1 
ATOM   4    O O    . THR A 1 5  ? 0.975   -6.656  -9.652  1.00 21.55 ? 85  THR A O    1 
ATOM   5    C CB   . THR A 1 5  ? -1.516  -8.478  -9.494  1.00 36.32 ? 85  THR A CB   1 
ATOM   6    O OG1  . THR A 1 5  ? -2.893  -8.765  -9.774  1.00 40.30 ? 85  THR A OG1  1 
ATOM   7    C CG2  . THR A 1 5  ? -1.020  -9.361  -8.353  1.00 34.73 ? 85  THR A CG2  1 
ATOM   8    H HA   . THR A 1 5  ? -1.901  -6.826  -8.331  1.00 31.13 ? 85  THR A HA   1 
ATOM   9    H HB   . THR A 1 5  ? -0.984  -8.672  -10.280 1.00 43.58 ? 85  THR A HB   1 
ATOM   10   H HG1  . THR A 1 5  ? -3.355  -8.597  -9.118  1.00 48.36 ? 85  THR A HG1  1 
ATOM   11   H HG21 . THR A 1 5  ? -1.529  -9.186  -7.557  1.00 41.68 ? 85  THR A HG21 1 
ATOM   12   H HG22 . THR A 1 5  ? -1.118  -10.286 -8.588  1.00 41.68 ? 85  THR A HG22 1 
ATOM   13   H HG23 . THR A 1 5  ? -0.094  -9.180  -8.177  1.00 41.68 ? 85  THR A HG23 1 
ATOM   14   N N    . PHE A 1 6  ? 0.367   -6.547  -7.486  1.00 16.11 ? 86  PHE A N    1 
ATOM   15   C CA   . PHE A 1 6  ? 1.648   -6.061  -7.002  1.00 13.33 ? 86  PHE A CA   1 
ATOM   16   C C    . PHE A 1 6  ? 2.117   -6.921  -5.843  1.00 13.34 ? 86  PHE A C    1 
ATOM   17   O O    . PHE A 1 6  ? 1.323   -7.624  -5.231  1.00 14.86 ? 86  PHE A O    1 
ATOM   18   C CB   . PHE A 1 6  ? 1.505   -4.598  -6.573  1.00 14.04 ? 86  PHE A CB   1 
ATOM   19   C CG   . PHE A 1 6  ? 1.397   -3.649  -7.721  1.00 14.72 ? 86  PHE A CG   1 
ATOM   20   C CD1  . PHE A 1 6  ? 0.219   -3.540  -8.442  1.00 18.31 ? 86  PHE A CD1  1 
ATOM   21   C CD2  . PHE A 1 6  ? 2.487   -2.886  -8.105  1.00 17.17 ? 86  PHE A CD2  1 
ATOM   22   C CE1  . PHE A 1 6  ? 0.127   -2.670  -9.518  1.00 21.96 ? 86  PHE A CE1  1 
ATOM   23   C CE2  . PHE A 1 6  ? 2.399   -2.017  -9.182  1.00 21.67 ? 86  PHE A CE2  1 
ATOM   24   C CZ   . PHE A 1 6  ? 1.218   -1.914  -9.888  1.00 21.23 ? 86  PHE A CZ   1 
ATOM   25   H H    . PHE A 1 6  ? -0.194  -6.722  -6.859  1.00 19.33 ? 86  PHE A H    1 
ATOM   26   H HA   . PHE A 1 6  ? 2.312   -6.112  -7.721  1.00 16.00 ? 86  PHE A HA   1 
ATOM   27   H HB2  . PHE A 1 6  ? 0.703   -4.506  -6.034  1.00 16.85 ? 86  PHE A HB2  1 
ATOM   28   H HB3  . PHE A 1 6  ? 2.283   -4.347  -6.052  1.00 16.85 ? 86  PHE A HB3  1 
ATOM   29   H HD1  . PHE A 1 6  ? -0.519  -4.051  -8.198  1.00 21.97 ? 86  PHE A HD1  1 
ATOM   30   H HD2  . PHE A 1 6  ? 3.286   -2.956  -7.635  1.00 20.60 ? 86  PHE A HD2  1 
ATOM   31   H HE1  . PHE A 1 6  ? -0.670  -2.601  -9.992  1.00 26.35 ? 86  PHE A HE1  1 
ATOM   32   H HE2  . PHE A 1 6  ? 3.135   -1.505  -9.429  1.00 26.01 ? 86  PHE A HE2  1 
ATOM   33   H HZ   . PHE A 1 6  ? 1.156   -1.328  -10.607 1.00 25.47 ? 86  PHE A HZ   1 
ATOM   34   N N    . VAL A 1 7  ? 3.413   -6.864  -5.560  1.00 12.22 ? 87  VAL A N    1 
ATOM   35   C CA   . VAL A 1 7  ? 3.996   -7.555  -4.413  1.00 11.29 ? 87  VAL A CA   1 
ATOM   36   C C    . VAL A 1 7  ? 4.714   -6.544  -3.527  1.00 9.79  ? 87  VAL A C    1 
ATOM   37   O O    . VAL A 1 7  ? 5.414   -5.658  -4.014  1.00 11.15 ? 87  VAL A O    1 
ATOM   38   C CB   . VAL A 1 7  ? 4.953   -8.681  -4.866  1.00 13.19 ? 87  VAL A CB   1 
ATOM   39   C CG1  . VAL A 1 7  ? 6.113   -8.145  -5.697  1.00 16.98 ? 87  VAL A CG1  1 
ATOM   40   C CG2  . VAL A 1 7  ? 5.424   -9.498  -3.689  1.00 14.21 ? 87  VAL A CG2  1 
ATOM   41   H H    . VAL A 1 7  ? 3.988   -6.421  -6.024  1.00 14.66 ? 87  VAL A H    1 
ATOM   42   H HA   . VAL A 1 7  ? 3.277   -7.962  -3.886  1.00 13.55 ? 87  VAL A HA   1 
ATOM   43   H HB   . VAL A 1 7  ? 4.447   -9.288  -5.446  1.00 15.83 ? 87  VAL A HB   1 
ATOM   44   H HG11 . VAL A 1 7  ? 6.678   -8.878  -5.954  1.00 20.38 ? 87  VAL A HG11 1 
ATOM   45   H HG12 . VAL A 1 7  ? 5.763   -7.711  -6.478  1.00 20.38 ? 87  VAL A HG12 1 
ATOM   46   H HG13 . VAL A 1 7  ? 6.612   -7.517  -5.168  1.00 20.38 ? 87  VAL A HG13 1 
ATOM   47   H HG21 . VAL A 1 7  ? 6.015   -10.187 -4.004  1.00 17.05 ? 87  VAL A HG21 1 
ATOM   48   H HG22 . VAL A 1 7  ? 5.889   -8.923  -3.076  1.00 17.05 ? 87  VAL A HG22 1 
ATOM   49   H HG23 . VAL A 1 7  ? 4.664   -9.891  -3.257  1.00 17.05 ? 87  VAL A HG23 1 
ATOM   50   N N    . ALA A 1 8  ? 4.542   -6.680  -2.218  1.00 9.04  ? 88  ALA A N    1 
ATOM   51   C CA   . ALA A 1 8  ? 5.205   -5.795  -1.271  1.00 8.88  ? 88  ALA A CA   1 
ATOM   52   C C    . ALA A 1 8  ? 6.687   -6.121  -1.200  1.00 8.63  ? 88  ALA A C    1 
ATOM   53   O O    . ALA A 1 8  ? 7.076   -7.284  -1.048  1.00 9.60  ? 88  ALA A O    1 
ATOM   54   C CB   . ALA A 1 8  ? 4.590   -5.967  0.092   1.00 9.09  ? 88  ALA A CB   1 
ATOM   55   H H    . ALA A 1 8  ? 4.044   -7.278  -1.852  1.00 10.85 ? 88  ALA A H    1 
ATOM   56   H HA   . ALA A 1 8  ? 5.097   -4.864  -1.552  1.00 10.66 ? 88  ALA A HA   1 
ATOM   57   H HB1  . ALA A 1 8  ? 5.034   -5.381  0.710   1.00 10.91 ? 88  ALA A HB1  1 
ATOM   58   H HB2  . ALA A 1 8  ? 3.657   -5.749  0.044   1.00 10.91 ? 88  ALA A HB2  1 
ATOM   59   H HB3  . ALA A 1 8  ? 4.699   -6.880  0.370   1.00 10.91 ? 88  ALA A HB3  1 
ATOM   60   N N    . LEU A 1 9  ? 7.503   -5.071  -1.254  1.00 8.17  ? 89  LEU A N    1 
ATOM   61   C CA   . LEU A 1 9  ? 8.956   -5.211  -1.151  1.00 9.21  ? 89  LEU A CA   1 
ATOM   62   C C    . LEU A 1 9  ? 9.486   -4.993  0.258   1.00 8.46  ? 89  LEU A C    1 
ATOM   63   O O    . LEU A 1 9  ? 10.628  -5.355  0.552   1.00 9.30  ? 89  LEU A O    1 
ATOM   64   C CB   . LEU A 1 9  ? 9.646   -4.224  -2.071  1.00 11.32 ? 89  LEU A CB   1 
ATOM   65   C CG   . LEU A 1 9  ? 9.290   -4.353  -3.537  1.00 14.78 ? 89  LEU A CG   1 
ATOM   66   C CD1  . LEU A 1 9  ? 9.910   -3.196  -4.287  1.00 18.88 ? 89  LEU A CD1  1 
ATOM   67   C CD2  . LEU A 1 9  ? 9.769   -5.694  -4.050  1.00 20.43 ? 89  LEU A CD2  1 
ATOM   68   H H    . LEU A 1 9  ? 7.239   -4.259  -1.352  1.00 9.81  ? 89  LEU A H    1 
ATOM   69   H HA   . LEU A 1 9  ? 9.208   -6.116  -1.432  1.00 11.05 ? 89  LEU A HA   1 
ATOM   70   H HB2  . LEU A 1 9  ? 9.411   -3.326  -1.790  1.00 13.59 ? 89  LEU A HB2  1 
ATOM   71   H HB3  . LEU A 1 9  ? 10.605  -4.348  -1.992  1.00 13.59 ? 89  LEU A HB3  1 
ATOM   72   H HG   . LEU A 1 9  ? 8.326   -4.309  -3.643  1.00 17.73 ? 89  LEU A HG   1 
ATOM   73   H HD11 . LEU A 1 9  ? 9.687   -3.272  -5.218  1.00 22.66 ? 89  LEU A HD11 1 
ATOM   74   H HD12 . LEU A 1 9  ? 9.565   -2.373  -3.934  1.00 22.66 ? 89  LEU A HD12 1 
ATOM   75   H HD13 . LEU A 1 9  ? 10.864  -3.227  -4.175  1.00 22.66 ? 89  LEU A HD13 1 
ATOM   76   H HD21 . LEU A 1 9  ? 9.541   -5.772  -4.979  1.00 24.52 ? 89  LEU A HD21 1 
ATOM   77   H HD22 . LEU A 1 9  ? 10.722  -5.747  -3.940  1.00 24.52 ? 89  LEU A HD22 1 
ATOM   78   H HD23 . LEU A 1 9  ? 9.342   -6.392  -3.548  1.00 24.52 ? 89  LEU A HD23 1 
ATOM   79   N N    . TYR A 1 10 ? 8.654   -4.393  1.107   1.00 7.81  ? 90  TYR A N    1 
ATOM   80   C CA   . TYR A 1 10 ? 8.999   -4.038  2.483   1.00 7.52  ? 90  TYR A CA   1 
ATOM   81   C C    . TYR A 1 10 ? 7.755   -4.305  3.325   1.00 6.87  ? 90  TYR A C    1 
ATOM   82   O O    . TYR A 1 10 ? 6.641   -4.333  2.798   1.00 8.89  ? 90  TYR A O    1 
ATOM   83   C CB   . TYR A 1 10 ? 9.335   -2.538  2.605   1.00 8.64  ? 90  TYR A CB   1 
ATOM   84   C CG   . TYR A 1 10 ? 10.371  -2.036  1.662   1.00 8.84  ? 90  TYR A CG   1 
ATOM   85   C CD1  . TYR A 1 10 ? 11.706  -2.014  2.025   1.00 10.00 ? 90  TYR A CD1  1 
ATOM   86   C CD2  . TYR A 1 10 ? 10.025  -1.595  0.393   1.00 10.62 ? 90  TYR A CD2  1 
ATOM   87   C CE1  . TYR A 1 10 ? 12.676  -1.566  1.152   1.00 13.10 ? 90  TYR A CE1  1 
ATOM   88   C CE2  . TYR A 1 10 ? 10.988  -1.150  -0.488  1.00 14.30 ? 90  TYR A CE2  1 
ATOM   89   C CZ   . TYR A 1 10 ? 12.314  -1.149  -0.097  1.00 13.66 ? 90  TYR A CZ   1 
ATOM   90   O OH   . TYR A 1 10 ? 13.289  -0.702  -0.966  1.00 18.35 ? 90  TYR A OH   1 
ATOM   91   H H    . TYR A 1 10 ? 7.849   -4.172  0.898   1.00 9.37  ? 90  TYR A H    1 
ATOM   92   H HA   . TYR A 1 10 ? 9.748   -4.579  2.810   1.00 9.02  ? 90  TYR A HA   1 
ATOM   93   H HB2  . TYR A 1 10 ? 8.525   -2.028  2.446   1.00 10.37 ? 90  TYR A HB2  1 
ATOM   94   H HB3  . TYR A 1 10 ? 9.653   -2.367  3.505   1.00 10.37 ? 90  TYR A HB3  1 
ATOM   95   H HD1  . TYR A 1 10 ? 11.953  -2.309  2.871   1.00 12.00 ? 90  TYR A HD1  1 
ATOM   96   H HD2  . TYR A 1 10 ? 9.133   -1.610  0.129   1.00 12.74 ? 90  TYR A HD2  1 
ATOM   97   H HE1  . TYR A 1 10 ? 13.571  -1.560  1.408   1.00 15.72 ? 90  TYR A HE1  1 
ATOM   98   H HE2  . TYR A 1 10 ? 10.748  -0.860  -1.339  1.00 17.16 ? 90  TYR A HE2  1 
ATOM   99   H HH   . TYR A 1 10 ? 13.837  -1.297  -1.104  1.00 22.02 ? 90  TYR A HH   1 
ATOM   100  N N    . ASP A 1 11 ? 7.935   -4.464  4.627   1.00 6.37  ? 91  ASP A N    1 
ATOM   101  C CA   . ASP A 1 11 ? 6.807   -4.362  5.535   1.00 6.18  ? 91  ASP A CA   1 
ATOM   102  C C    . ASP A 1 11 ? 6.376   -2.882  5.618   1.00 6.35  ? 91  ASP A C    1 
ATOM   103  O O    . ASP A 1 11 ? 7.190   -1.969  5.469   1.00 7.06  ? 91  ASP A O    1 
ATOM   104  C CB   . ASP A 1 11 ? 7.161   -4.806  6.959   1.00 6.64  ? 91  ASP A CB   1 
ATOM   105  C CG   . ASP A 1 11 ? 7.448   -6.297  7.146   1.00 7.51  ? 91  ASP A CG   1 
ATOM   106  O OD1  . ASP A 1 11 ? 7.506   -7.077  6.186   1.00 9.24  ? 91  ASP A OD1  1 
ATOM   107  O OD2  . ASP A 1 11 ? 7.666   -6.661  8.336   1.00 9.53  ? 91  ASP A OD2  1 
ATOM   108  H H    . ASP A 1 11 ? 8.690   -4.628  5.005   1.00 7.64  ? 91  ASP A H    1 
ATOM   109  H HA   . ASP A 1 11 ? 6.057   -4.900  5.205   1.00 7.41  ? 91  ASP A HA   1 
ATOM   110  H HB2  . ASP A 1 11 ? 7.954   -4.322  7.241   1.00 7.96  ? 91  ASP A HB2  1 
ATOM   111  H HB3  . ASP A 1 11 ? 6.421   -4.579  7.543   1.00 7.96  ? 91  ASP A HB3  1 
ATOM   112  N N    . TYR A 1 12 ? 5.099   -2.664  5.923   1.00 6.86  ? 92  TYR A N    1 
ATOM   113  C CA   . TYR A 1 12 ? 4.570   -1.340  6.121   1.00 6.48  ? 92  TYR A CA   1 
ATOM   114  C C    . TYR A 1 12 ? 3.563   -1.380  7.258   1.00 7.03  ? 92  TYR A C    1 
ATOM   115  O O    . TYR A 1 12 ? 2.583   -2.120  7.221   1.00 7.59  ? 92  TYR A O    1 
ATOM   116  C CB   . TYR A 1 12 ? 3.902   -0.794  4.843   1.00 6.88  ? 92  TYR A CB   1 
ATOM   117  C CG   . TYR A 1 12 ? 3.283   0.558   5.077   1.00 6.65  ? 92  TYR A CG   1 
ATOM   118  C CD1  . TYR A 1 12 ? 4.082   1.670   5.290   1.00 7.54  ? 92  TYR A CD1  1 
ATOM   119  C CD2  . TYR A 1 12 ? 1.917   0.720   5.144   1.00 6.78  ? 92  TYR A CD2  1 
ATOM   120  C CE1  . TYR A 1 12 ? 3.542   2.889   5.584   1.00 8.16  ? 92  TYR A CE1  1 
ATOM   121  C CE2  . TYR A 1 12 ? 1.358   1.952   5.433   1.00 7.37  ? 92  TYR A CE2  1 
ATOM   122  C CZ   . TYR A 1 12 ? 2.184   3.031   5.680   1.00 7.61  ? 92  TYR A CZ   1 
ATOM   123  O OH   . TYR A 1 12 ? 1.694   4.269   6.010   1.00 9.85  ? 92  TYR A OH   1 
ATOM   124  H H    . TYR A 1 12 ? 4.514   -3.288  6.020   1.00 8.23  ? 92  TYR A H    1 
ATOM   125  H HA   . TYR A 1 12 ? 5.298   -0.733  6.372   1.00 7.78  ? 92  TYR A HA   1 
ATOM   126  H HB2  . TYR A 1 12 ? 4.571   -0.707  4.146   1.00 8.26  ? 92  TYR A HB2  1 
ATOM   127  H HB3  . TYR A 1 12 ? 3.202   -1.405  4.563   1.00 8.26  ? 92  TYR A HB3  1 
ATOM   128  H HD1  . TYR A 1 12 ? 5.008   1.575   5.272   1.00 9.04  ? 92  TYR A HD1  1 
ATOM   129  H HD2  . TYR A 1 12 ? 1.362   -0.015  5.020   1.00 8.14  ? 92  TYR A HD2  1 
ATOM   130  H HE1  . TYR A 1 12 ? 4.098   3.617   5.748   1.00 9.80  ? 92  TYR A HE1  1 
ATOM   131  H HE2  . TYR A 1 12 ? 0.435   2.044   5.500   1.00 8.84  ? 92  TYR A HE2  1 
ATOM   132  H HH   . TYR A 1 12 ? 1.263   4.223   6.707   1.00 11.82 ? 92  TYR A HH   1 
ATOM   133  N N    . GLU A 1 13 ? 3.840   -0.579  8.280   1.00 6.93  ? 93  GLU A N    1 
ATOM   134  C CA   A GLU A 1 13 ? 2.938   -0.398  9.398   0.53 7.71  ? 93  GLU A CA   1 
ATOM   135  C CA   B GLU A 1 13 ? 2.921   -0.406  9.401   0.47 8.76  ? 93  GLU A CA   1 
ATOM   136  C C    . GLU A 1 13 ? 2.046   0.826   9.165   1.00 7.64  ? 93  GLU A C    1 
ATOM   137  O O    . GLU A 1 13 ? 2.519   1.913   8.893   1.00 8.74  ? 93  GLU A O    1 
ATOM   138  C CB   A GLU A 1 13 ? 3.774   -0.197  10.662  0.53 9.14  ? 93  GLU A CB   1 
ATOM   139  C CB   B GLU A 1 13 ? 3.665   -0.287  10.731  0.47 14.95 ? 93  GLU A CB   1 
ATOM   140  C CG   A GLU A 1 13 ? 4.467   -1.467  11.150  0.53 13.43 ? 93  GLU A CG   1 
ATOM   141  C CG   B GLU A 1 13 ? 2.797   0.205   11.892  0.47 20.14 ? 93  GLU A CG   1 
ATOM   142  C CD   A GLU A 1 13 ? 3.557   -2.313  12.015  0.53 25.22 ? 93  GLU A CD   1 
ATOM   143  C CD   B GLU A 1 13 ? 1.467   -0.517  12.030  0.47 29.95 ? 93  GLU A CD   1 
ATOM   144  O OE1  A GLU A 1 13 ? 4.073   -3.055  12.872  0.53 31.17 ? 93  GLU A OE1  1 
ATOM   145  O OE1  B GLU A 1 13 ? 1.275   -1.583  11.405  0.47 34.08 ? 93  GLU A OE1  1 
ATOM   146  O OE2  A GLU A 1 13 ? 2.322   -2.228  11.843  0.53 32.22 ? 93  GLU A OE2  1 
ATOM   147  O OE2  B GLU A 1 13 ? 0.603   0.004   12.771  0.47 32.37 ? 93  GLU A OE2  1 
ATOM   148  H H    . GLU A 1 13 ? 4.563   -0.120  8.346   0.47 8.31  ? 93  GLU A H    1 
ATOM   149  H HA   . GLU A 1 13 ? 2.353   -1.190  9.480   0.53 10.51 ? 93  GLU A HA   1 
ATOM   150  H HB2  A GLU A 1 13 ? 4.460   0.465   10.482  0.53 10.96 ? 93  GLU A HB2  1 
ATOM   151  H HB2  B GLU A 1 13 ? 4.015   -1.160  10.972  0.47 17.94 ? 93  GLU A HB2  1 
ATOM   152  H HB3  A GLU A 1 13 ? 3.195   0.116   11.374  0.53 10.96 ? 93  GLU A HB3  1 
ATOM   153  H HB3  B GLU A 1 13 ? 4.398   0.340   10.623  0.47 17.94 ? 93  GLU A HB3  1 
ATOM   154  H HG2  A GLU A 1 13 ? 4.736   -1.997  10.384  0.53 16.11 ? 93  GLU A HG2  1 
ATOM   155  H HG2  B GLU A 1 13 ? 3.287   0.081   12.721  0.47 24.16 ? 93  GLU A HG2  1 
ATOM   156  H HG3  A GLU A 1 13 ? 5.245   -1.223  11.677  0.53 16.11 ? 93  GLU A HG3  1 
ATOM   157  H HG3  B GLU A 1 13 ? 2.609   1.147   11.762  0.47 24.16 ? 93  GLU A HG3  1 
ATOM   158  N N    . SER A 1 14 ? 0.748   0.647   9.298   1.00 8.48  ? 94  SER A N    1 
ATOM   159  C CA   A SER A 1 14 ? -0.195  1.721   9.084   0.36 9.33  ? 94  SER A CA   1 
ATOM   160  C CA   B SER A 1 14 ? -0.205  1.733   9.086   0.64 9.32  ? 94  SER A CA   1 
ATOM   161  C C    . SER A 1 14 ? 0.117   2.954   9.934   1.00 9.66  ? 94  SER A C    1 
ATOM   162  O O    . SER A 1 14 ? 0.378   2.849   11.136  1.00 11.06 ? 94  SER A O    1 
ATOM   163  C CB   A SER A 1 14 ? -1.591  1.203   9.402   0.36 10.05 ? 94  SER A CB   1 
ATOM   164  C CB   B SER A 1 14 ? -1.623  1.261   9.401   0.64 13.70 ? 94  SER A CB   1 
ATOM   165  O OG   A SER A 1 14 ? -2.499  2.265   9.515   0.36 10.86 ? 94  SER A OG   1 
ATOM   166  O OG   B SER A 1 14 ? -2.173  0.565   8.300   0.64 16.32 ? 94  SER A OG   1 
ATOM   167  H H    A SER A 1 14 ? 0.383   -0.100  9.515   0.36 10.18 ? 94  SER A H    1 
ATOM   168  H HA   . SER A 1 14 ? -0.176  1.994   8.142   0.36 11.18 ? 94  SER A HA   1 
ATOM   169  H HB2  A SER A 1 14 ? -1.881  0.614   8.687   0.36 12.06 ? 94  SER A HB2  1 
ATOM   170  H HB2  B SER A 1 14 ? -1.596  0.668   10.169  0.64 16.44 ? 94  SER A HB2  1 
ATOM   171  H HB3  A SER A 1 14 ? -1.565  0.718   10.242  0.36 12.06 ? 94  SER A HB3  1 
ATOM   172  H HB3  B SER A 1 14 ? -2.177  2.033   9.598   0.64 16.44 ? 94  SER A HB3  1 
ATOM   173  H HG   A SER A 1 14 ? -3.248  1.978   9.687   0.36 13.04 ? 94  SER A HG   1 
ATOM   174  H HG   B SER A 1 14 ? -2.934  0.315   8.477   0.64 19.58 ? 94  SER A HG   1 
ATOM   175  N N    A ARG A 1 15 ? 0.033   4.112   9.309   0.86 8.30  ? 95  ARG A N    1 
ATOM   176  C CA   A ARG A 1 15 ? 0.257   5.368   9.993   0.86 9.20  ? 95  ARG A CA   1 
ATOM   177  C C    A ARG A 1 15 ? -0.976  6.235   10.057  0.86 9.54  ? 95  ARG A C    1 
ATOM   178  O O    A ARG A 1 15 ? -0.948  7.304   10.647  0.86 10.98 ? 95  ARG A O    1 
ATOM   179  C CB   A ARG A 1 15 ? 1.388   6.106   9.321   0.86 11.00 ? 95  ARG A CB   1 
ATOM   180  C CG   A ARG A 1 15 ? 2.745   5.457   9.685   0.86 10.81 ? 95  ARG A CG   1 
ATOM   181  C CD   A ARG A 1 15 ? 3.752   5.810   8.670   0.86 11.69 ? 95  ARG A CD   1 
ATOM   182  N NE   A ARG A 1 15 ? 5.135   5.516   9.020   0.86 9.89  ? 95  ARG A NE   1 
ATOM   183  C CZ   A ARG A 1 15 ? 5.718   4.336   8.902   0.86 7.75  ? 95  ARG A CZ   1 
ATOM   184  N NH1  A ARG A 1 15 ? 5.032   3.267   8.554   0.86 8.06  ? 95  ARG A NH1  1 
ATOM   185  N NH2  A ARG A 1 15 ? 7.005   4.229   9.136   0.86 10.12 ? 95  ARG A NH2  1 
ATOM   186  H H    A ARG A 1 15 ? -0.156  4.199   8.474   0.86 9.96  ? 95  ARG A H    1 
ATOM   187  H HA   A ARG A 1 15 ? 0.532   5.176   10.914  0.86 11.04 ? 95  ARG A HA   1 
ATOM   188  H HB2  A ARG A 1 15 ? 1.276   6.063   8.358   0.86 13.20 ? 95  ARG A HB2  1 
ATOM   189  H HB3  A ARG A 1 15 ? 1.397   7.027   9.621   0.86 13.20 ? 95  ARG A HB3  1 
ATOM   190  H HG2  A ARG A 1 15 ? 3.043   5.789   10.546  0.86 12.97 ? 95  ARG A HG2  1 
ATOM   191  H HG3  A ARG A 1 15 ? 2.649   4.492   9.704   0.86 12.97 ? 95  ARG A HG3  1 
ATOM   192  H HD2  A ARG A 1 15 ? 3.549   5.323   7.856   0.86 14.03 ? 95  ARG A HD2  1 
ATOM   193  H HD3  A ARG A 1 15 ? 3.692   6.763   8.499   0.86 14.03 ? 95  ARG A HD3  1 
ATOM   194  H HE   A ARG A 1 15 ? 5.611   6.163   9.328   0.86 11.86 ? 95  ARG A HE   1 
ATOM   195  H HH11 A ARG A 1 15 ? 4.195   3.335   8.367   0.86 9.67  ? 95  ARG A HH11 1 
ATOM   196  H HH12 A ARG A 1 15 ? 5.424   2.503   8.499   0.86 9.67  ? 95  ARG A HH12 1 
ATOM   197  H HH21 A ARG A 1 15 ? 7.453   4.919   9.391   0.86 12.14 ? 95  ARG A HH21 1 
ATOM   198  H HH22 A ARG A 1 15 ? 7.382   3.457   9.114   0.86 12.14 ? 95  ARG A HH22 1 
ATOM   199  N N    . THR A 1 16 ? -2.056  5.774   9.449   1.00 10.58 ? 96  THR A N    1 
ATOM   200  C CA   . THR A 1 16 ? -3.336  6.451   9.517   1.00 10.66 ? 96  THR A CA   1 
ATOM   201  C C    . THR A 1 16 ? -4.445  5.416   9.572   1.00 10.47 ? 96  THR A C    1 
ATOM   202  O O    . THR A 1 16 ? -4.239  4.259   9.227   1.00 11.86 ? 96  THR A O    1 
ATOM   203  C CB   . THR A 1 16 ? -3.615  7.376   8.327   1.00 11.96 ? 96  THR A CB   1 
ATOM   204  O OG1  . THR A 1 16 ? -4.218  6.638   7.260   1.00 14.68 ? 96  THR A OG1  1 
ATOM   205  C CG2  . THR A 1 16 ? -2.389  8.143   7.892   1.00 14.42 ? 96  THR A CG2  1 
ATOM   206  H H    A THR A 1 16 ? -2.072  5.052   8.981   0.86 12.70 ? 96  THR A H    1 
ATOM   207  H HA   . THR A 1 16 ? -3.375  6.986   10.337  1.00 12.79 ? 96  THR A HA   1 
ATOM   208  H HB   . THR A 1 16 ? -4.260  8.038   8.621   1.00 14.35 ? 96  THR A HB   1 
ATOM   209  H HG1  . THR A 1 16 ? -3.717  6.037   7.016   1.00 17.61 ? 96  THR A HG1  1 
ATOM   210  H HG21 . THR A 1 16 ? -2.603  8.710   7.147   1.00 17.30 ? 96  THR A HG21 1 
ATOM   211  H HG22 . THR A 1 16 ? -2.067  8.687   8.615   1.00 17.30 ? 96  THR A HG22 1 
ATOM   212  H HG23 . THR A 1 16 ? -1.696  7.532   7.630   1.00 17.30 ? 96  THR A HG23 1 
ATOM   213  N N    . GLU A 1 17 ? -5.632  5.843   9.986   1.00 11.27 ? 97  GLU A N    1 
ATOM   214  C CA   . GLU A 1 17 ? -6.773  4.936   10.042  1.00 13.58 ? 97  GLU A CA   1 
ATOM   215  C C    . GLU A 1 17 ? -7.192  4.412   8.669   1.00 13.27 ? 97  GLU A C    1 
ATOM   216  O O    . GLU A 1 17 ? -7.919  3.431   8.587   1.00 18.86 ? 97  GLU A O    1 
ATOM   217  C CB   . GLU A 1 17 ? -7.967  5.606   10.717  1.00 17.70 ? 97  GLU A CB   1 
ATOM   218  C CG   . GLU A 1 17 ? -8.517  6.771   9.941   1.00 21.00 ? 97  GLU A CG   1 
ATOM   219  C CD   . GLU A 1 17 ? -9.813  7.314   10.529  1.00 26.83 ? 97  GLU A CD   1 
ATOM   220  O OE1  . GLU A 1 17 ? -10.110 7.051   11.729  1.00 26.54 ? 97  GLU A OE1  1 
ATOM   221  O OE2  . GLU A 1 17 ? -10.540 8.017   9.788   1.00 24.54 ? 97  GLU A OE2  1 
ATOM   222  H H    . GLU A 1 17 ? -5.805  6.647   10.238  1.00 13.53 ? 97  GLU A H    1 
ATOM   223  H HA   . GLU A 1 17 ? -6.525  4.161   10.588  1.00 16.30 ? 97  GLU A HA   1 
ATOM   224  H HB2  . GLU A 1 17 ? -8.678  4.953   10.818  1.00 21.23 ? 97  GLU A HB2  1 
ATOM   225  H HB3  . GLU A 1 17 ? -7.692  5.932   11.588  1.00 21.23 ? 97  GLU A HB3  1 
ATOM   226  H HG2  . GLU A 1 17 ? -7.864  7.488   9.942   1.00 25.20 ? 97  GLU A HG2  1 
ATOM   227  H HG3  . GLU A 1 17 ? -8.698  6.488   9.031   1.00 25.20 ? 97  GLU A HG3  1 
ATOM   228  N N    . GLU A 1 18 ? -6.753  5.069   7.601   1.00 11.20 ? 98  GLU A N    1 
ATOM   229  C CA   . GLU A 1 18 ? -7.124  4.674   6.248   1.00 13.05 ? 98  GLU A CA   1 
ATOM   230  C C    . GLU A 1 18 ? -6.083  3.794   5.565   1.00 9.92  ? 98  GLU A C    1 
ATOM   231  O O    . GLU A 1 18 ? -6.307  3.346   4.440   1.00 11.60 ? 98  GLU A O    1 
ATOM   232  C CB   . GLU A 1 18 ? -7.347  5.928   5.379   1.00 21.37 ? 98  GLU A CB   1 
ATOM   233  C CG   . GLU A 1 18 ? -8.230  6.999   5.999   1.00 29.88 ? 98  GLU A CG   1 
ATOM   234  C CD   . GLU A 1 18 ? -8.273  8.287   5.175   1.00 31.06 ? 98  GLU A CD   1 
ATOM   235  O OE1  . GLU A 1 18 ? -7.761  8.303   4.035   1.00 35.50 ? 98  GLU A OE1  1 
ATOM   236  O OE2  . GLU A 1 18 ? -8.814  9.294   5.678   1.00 34.06 ? 98  GLU A OE2  1 
ATOM   237  H H    . GLU A 1 18 ? -6.234  5.753   7.634   1.00 13.44 ? 98  GLU A H    1 
ATOM   238  H HA   . GLU A 1 18 ? -7.967  4.176   6.281   1.00 15.66 ? 98  GLU A HA   1 
ATOM   239  H HB2  . GLU A 1 18 ? -6.484  6.332   5.195   1.00 25.64 ? 98  GLU A HB2  1 
ATOM   240  H HB3  . GLU A 1 18 ? -7.761  5.655   4.545   1.00 25.64 ? 98  GLU A HB3  1 
ATOM   241  H HG2  . GLU A 1 18 ? -9.135  6.658   6.070   1.00 35.86 ? 98  GLU A HG2  1 
ATOM   242  H HG3  . GLU A 1 18 ? -7.889  7.218   6.880   1.00 35.86 ? 98  GLU A HG3  1 
ATOM   243  N N    . ASP A 1 19 ? -4.944  3.559   6.213   1.00 9.16  ? 99  ASP A N    1 
ATOM   244  C CA   . ASP A 1 19 ? -3.859  2.824   5.596   1.00 8.13  ? 99  ASP A CA   1 
ATOM   245  C C    . ASP A 1 19 ? -4.095  1.327   5.694   1.00 8.85  ? 99  ASP A C    1 
ATOM   246  O O    . ASP A 1 19 ? -4.849  0.849   6.535   1.00 11.38 ? 99  ASP A O    1 
ATOM   247  C CB   . ASP A 1 19 ? -2.534  3.112   6.321   1.00 9.07  ? 99  ASP A CB   1 
ATOM   248  C CG   . ASP A 1 19 ? -1.963  4.470   6.037   1.00 11.80 ? 99  ASP A CG   1 
ATOM   249  O OD1  . ASP A 1 19 ? -2.636  5.290   5.379   1.00 14.10 ? 99  ASP A OD1  1 
ATOM   250  O OD2  . ASP A 1 19 ? -0.831  4.714   6.516   1.00 12.00 ? 99  ASP A OD2  1 
ATOM   251  H H    . ASP A 1 19 ? -4.780  3.818   7.016   1.00 11.00 ? 99  ASP A H    1 
ATOM   252  H HA   . ASP A 1 19 ? -3.773  3.076   4.653   1.00 9.75  ? 99  ASP A HA   1 
ATOM   253  H HB2  . ASP A 1 19 ? -2.683  3.048   7.278   1.00 10.88 ? 99  ASP A HB2  1 
ATOM   254  H HB3  . ASP A 1 19 ? -1.879  2.453   6.046   1.00 10.88 ? 99  ASP A HB3  1 
ATOM   255  N N    . LEU A 1 20 ? -3.434  0.591   4.819   1.00 7.65  ? 100 LEU A N    1 
ATOM   256  C CA   . LEU A 1 20 ? -3.341  -0.864  4.864   1.00 7.67  ? 100 LEU A CA   1 
ATOM   257  C C    . LEU A 1 20 ? -1.952  -1.259  5.317   1.00 7.99  ? 100 LEU A C    1 
ATOM   258  O O    . LEU A 1 20 ? -0.976  -0.888  4.673   1.00 9.28  ? 100 LEU A O    1 
ATOM   259  C CB   . LEU A 1 20 ? -3.592  -1.414  3.458   1.00 9.01  ? 100 LEU A CB   1 
ATOM   260  C CG   . LEU A 1 20 ? -3.390  -2.909  3.261   1.00 10.02 ? 100 LEU A CG   1 
ATOM   261  C CD1  . LEU A 1 20 ? -4.351  -3.698  4.088   1.00 11.18 ? 100 LEU A CD1  1 
ATOM   262  C CD2  . LEU A 1 20 ? -3.547  -3.266  1.784   1.00 12.78 ? 100 LEU A CD2  1 
ATOM   263  H H    . LEU A 1 20 ? -3.008  0.928   4.152   1.00 9.18  ? 100 LEU A H    1 
ATOM   264  H HA   . LEU A 1 20 ? -4.006  -1.231  5.484   1.00 9.20  ? 100 LEU A HA   1 
ATOM   265  H HB2  . LEU A 1 20 ? -4.509  -1.213  3.215   1.00 10.81 ? 100 LEU A HB2  1 
ATOM   266  H HB3  . LEU A 1 20 ? -2.991  -0.960  2.845   1.00 10.81 ? 100 LEU A HB3  1 
ATOM   267  H HG   . LEU A 1 20 ? -2.491  -3.147  3.534   1.00 12.02 ? 100 LEU A HG   1 
ATOM   268  H HD11 . LEU A 1 20 ? -4.196  -4.633  3.938   1.00 13.42 ? 100 LEU A HD11 1 
ATOM   269  H HD12 . LEU A 1 20 ? -4.213  -3.486  5.014   1.00 13.42 ? 100 LEU A HD12 1 
ATOM   270  H HD13 . LEU A 1 20 ? -5.247  -3.469  3.829   1.00 13.42 ? 100 LEU A HD13 1 
ATOM   271  H HD21 . LEU A 1 20 ? -3.417  -4.210  1.676   1.00 15.33 ? 100 LEU A HD21 1 
ATOM   272  H HD22 . LEU A 1 20 ? -4.429  -3.020  1.496   1.00 15.33 ? 100 LEU A HD22 1 
ATOM   273  H HD23 . LEU A 1 20 ? -2.890  -2.784  1.275   1.00 15.33 ? 100 LEU A HD23 1 
ATOM   274  N N    . SER A 1 21 ? -1.868  -2.003  6.425   1.00 8.40  ? 101 SER A N    1 
ATOM   275  C CA   A SER A 1 21 ? -0.603  -2.590  6.858   0.54 8.32  ? 101 SER A CA   1 
ATOM   276  C CA   B SER A 1 21 ? -0.602  -2.582  6.848   0.46 9.01  ? 101 SER A CA   1 
ATOM   277  C C    . SER A 1 21 ? -0.343  -3.869  6.072   1.00 8.11  ? 101 SER A C    1 
ATOM   278  O O    . SER A 1 21 ? -1.279  -4.594  5.731   1.00 10.29 ? 101 SER A O    1 
ATOM   279  C CB   A SER A 1 21 ? -0.654  -2.940  8.341   0.54 8.71  ? 101 SER A CB   1 
ATOM   280  C CB   B SER A 1 21 ? -0.649  -2.876  8.332   0.46 12.79 ? 101 SER A CB   1 
ATOM   281  O OG   A SER A 1 21 ? -0.782  -1.793  9.173   0.54 8.42  ? 101 SER A OG   1 
ATOM   282  O OG   B SER A 1 21 ? -1.728  -3.738  8.619   0.46 19.14 ? 101 SER A OG   1 
ATOM   283  H H    . SER A 1 21 ? -2.532  -2.183  6.942   0.46 10.08 ? 101 SER A H    1 
ATOM   284  H HA   . SER A 1 21 ? 0.130   -1.956  6.687   0.54 10.81 ? 101 SER A HA   1 
ATOM   285  H HB2  A SER A 1 21 ? -1.415  -3.521  8.496   0.54 10.45 ? 101 SER A HB2  1 
ATOM   286  H HB2  B SER A 1 21 ? 0.180   -3.303  8.600   0.46 15.35 ? 101 SER A HB2  1 
ATOM   287  H HB3  A SER A 1 21 ? 0.164   -3.404  8.577   0.54 10.45 ? 101 SER A HB3  1 
ATOM   288  H HB3  B SER A 1 21 ? -0.768  -2.044  8.818   0.46 15.35 ? 101 SER A HB3  1 
ATOM   289  H HG   A SER A 1 21 ? -0.806  -2.020  9.960   0.54 10.10 ? 101 SER A HG   1 
ATOM   290  H HG   B SER A 1 21 ? -1.754  -3.898  9.424   0.46 22.97 ? 101 SER A HG   1 
ATOM   291  N N    . PHE A 1 22 ? 0.917   -4.156  5.801   1.00 7.07  ? 102 PHE A N    1 
ATOM   292  C CA   . PHE A 1 22 ? 1.263   -5.350  5.052   1.00 7.45  ? 102 PHE A CA   1 
ATOM   293  C C    . PHE A 1 22 ? 2.690   -5.779  5.354   1.00 6.86  ? 102 PHE A C    1 
ATOM   294  O O    . PHE A 1 22 ? 3.500   -5.005  5.871   1.00 7.83  ? 102 PHE A O    1 
ATOM   295  C CB   . PHE A 1 22 ? 1.054   -5.157  3.535   1.00 8.14  ? 102 PHE A CB   1 
ATOM   296  C CG   . PHE A 1 22 ? 1.764   -3.974  2.938   1.00 6.96  ? 102 PHE A CG   1 
ATOM   297  C CD1  . PHE A 1 22 ? 3.087   -4.061  2.539   1.00 7.79  ? 102 PHE A CD1  1 
ATOM   298  C CD2  . PHE A 1 22 ? 1.103   -2.773  2.739   1.00 7.55  ? 102 PHE A CD2  1 
ATOM   299  C CE1  . PHE A 1 22 ? 3.721   -2.994  1.962   1.00 7.57  ? 102 PHE A CE1  1 
ATOM   300  C CE2  . PHE A 1 22 ? 1.751   -1.703  2.171   1.00 8.22  ? 102 PHE A CE2  1 
ATOM   301  C CZ   . PHE A 1 22 ? 3.038   -1.817  1.763   1.00 7.74  ? 102 PHE A CZ   1 
ATOM   302  H H    . PHE A 1 22 ? 1.590   -3.677  6.040   1.00 8.49  ? 102 PHE A H    1 
ATOM   303  H HA   . PHE A 1 22 ? 0.671   -6.078  5.339   1.00 8.94  ? 102 PHE A HA   1 
ATOM   304  H HB2  . PHE A 1 22 ? 1.372   -5.951  3.077   1.00 9.76  ? 102 PHE A HB2  1 
ATOM   305  H HB3  . PHE A 1 22 ? 0.106   -5.044  3.367   1.00 9.76  ? 102 PHE A HB3  1 
ATOM   306  H HD1  . PHE A 1 22 ? 3.547   -4.862  2.650   1.00 9.35  ? 102 PHE A HD1  1 
ATOM   307  H HD2  . PHE A 1 22 ? 0.213   -2.690  2.994   1.00 9.06  ? 102 PHE A HD2  1 
ATOM   308  H HE1  . PHE A 1 22 ? 4.610   -3.067  1.698   1.00 9.08  ? 102 PHE A HE1  1 
ATOM   309  H HE2  . PHE A 1 22 ? 1.295   -0.903  2.039   1.00 9.86  ? 102 PHE A HE2  1 
ATOM   310  H HZ   . PHE A 1 22 ? 3.474   -1.084  1.393   1.00 9.28  ? 102 PHE A HZ   1 
ATOM   311  N N    . LYS A 1 23 ? 2.979   -7.035  5.032   1.00 7.91  ? 103 LYS A N    1 
ATOM   312  C CA   . LYS A 1 23 ? 4.301   -7.606  5.136   1.00 8.41  ? 103 LYS A CA   1 
ATOM   313  C C    . LYS A 1 23 ? 4.939   -7.779  3.779   1.00 8.26  ? 103 LYS A C    1 
ATOM   314  O O    . LYS A 1 23 ? 4.262   -8.016  2.785   1.00 9.37  ? 103 LYS A O    1 
ATOM   315  C CB   . LYS A 1 23 ? 4.220   -8.970  5.829   1.00 10.38 ? 103 LYS A CB   1 
ATOM   316  C CG   . LYS A 1 23 ? 3.859   -8.875  7.300   1.00 12.95 ? 103 LYS A CG   1 
ATOM   317  C CD   . LYS A 1 23 ? 3.647   -10.231 7.928   1.00 17.16 ? 103 LYS A CD   1 
ATOM   318  C CE   . LYS A 1 23 ? 3.265   -10.102 9.386   1.00 22.26 ? 103 LYS A CE   1 
ATOM   319  N NZ   . LYS A 1 23 ? 2.669   -11.344 9.966   1.00 31.61 ? 103 LYS A NZ   1 
ATOM   320  H H    . LYS A 1 23 ? 2.395   -7.593  4.739   1.00 9.50  ? 103 LYS A H    1 
ATOM   321  H HA   . LYS A 1 23 ? 4.870   -7.017  5.674   1.00 10.09 ? 103 LYS A HA   1 
ATOM   322  H HB2  . LYS A 1 23 ? 3.541   -9.506  5.389   1.00 12.45 ? 103 LYS A HB2  1 
ATOM   323  H HB3  . LYS A 1 23 ? 5.082   -9.409  5.762   1.00 12.45 ? 103 LYS A HB3  1 
ATOM   324  H HG2  . LYS A 1 23 ? 4.579   -8.431  7.776   1.00 15.53 ? 103 LYS A HG2  1 
ATOM   325  H HG3  . LYS A 1 23 ? 3.037   -8.369  7.393   1.00 15.53 ? 103 LYS A HG3  1 
ATOM   326  H HD2  . LYS A 1 23 ? 2.932   -10.693 7.464   1.00 20.59 ? 103 LYS A HD2  1 
ATOM   327  H HD3  . LYS A 1 23 ? 4.470   -10.743 7.873   1.00 20.59 ? 103 LYS A HD3  1 
ATOM   328  H HE2  . LYS A 1 23 ? 4.059   -9.886  9.900   1.00 26.72 ? 103 LYS A HE2  1 
ATOM   329  H HE3  . LYS A 1 23 ? 2.612   -9.390  9.476   1.00 26.72 ? 103 LYS A HE3  1 
ATOM   330  H HZ1  . LYS A 1 23 ? 2.464   -11.212 10.821  1.00 37.93 ? 103 LYS A HZ1  1 
ATOM   331  H HZ2  . LYS A 1 23 ? 1.930   -11.561 9.521   1.00 37.93 ? 103 LYS A HZ2  1 
ATOM   332  H HZ3  . LYS A 1 23 ? 3.250   -12.015 9.907   1.00 37.93 ? 103 LYS A HZ3  1 
ATOM   333  N N    . LYS A 1 24 ? 6.265   -7.706  3.755   1.00 8.25  ? 104 LYS A N    1 
ATOM   334  C CA   . LYS A 1 24 ? 7.021   -8.030  2.563   1.00 8.63  ? 104 LYS A CA   1 
ATOM   335  C C    . LYS A 1 24 ? 6.547   -9.361  1.994   1.00 8.78  ? 104 LYS A C    1 
ATOM   336  O O    . LYS A 1 24 ? 6.345   -10.322 2.733   1.00 10.56 ? 104 LYS A O    1 
ATOM   337  C CB   . LYS A 1 24 ? 8.510   -8.082  2.900   1.00 10.34 ? 104 LYS A CB   1 
ATOM   338  C CG   . LYS A 1 24 ? 9.417   -8.578  1.803   1.00 13.37 ? 104 LYS A CG   1 
ATOM   339  C CD   . LYS A 1 24 ? 10.837  -8.649  2.281   1.00 16.90 ? 104 LYS A CD   1 
ATOM   340  C CE   . LYS A 1 24 ? 11.701  -9.369  1.279   1.00 27.35 ? 104 LYS A CE   1 
ATOM   341  N NZ   . LYS A 1 24 ? 13.009  -9.735  1.865   1.00 33.16 ? 104 LYS A NZ   1 
ATOM   342  H H    . LYS A 1 24 ? 6.750   -7.470  4.424   1.00 9.90  ? 104 LYS A H    1 
ATOM   343  H HA   . LYS A 1 24 ? 6.879   -7.335  1.886   1.00 10.36 ? 104 LYS A HA   1 
ATOM   344  H HB2  . LYS A 1 24 ? 8.802   -7.187  3.135   1.00 12.41 ? 104 LYS A HB2  1 
ATOM   345  H HB3  . LYS A 1 24 ? 8.630   -8.670  3.663   1.00 12.41 ? 104 LYS A HB3  1 
ATOM   346  H HG2  . LYS A 1 24 ? 9.139   -9.467  1.533   1.00 16.05 ? 104 LYS A HG2  1 
ATOM   347  H HG3  . LYS A 1 24 ? 9.377   -7.967  1.051   1.00 16.05 ? 104 LYS A HG3  1 
ATOM   348  H HD2  . LYS A 1 24 ? 11.185  -7.751  2.396   1.00 20.27 ? 104 LYS A HD2  1 
ATOM   349  H HD3  . LYS A 1 24 ? 10.872  -9.136  3.119   1.00 20.27 ? 104 LYS A HD3  1 
ATOM   350  H HE2  . LYS A 1 24 ? 11.255  -10.183 0.997   1.00 32.82 ? 104 LYS A HE2  1 
ATOM   351  H HE3  . LYS A 1 24 ? 11.859  -8.790  0.518   1.00 32.82 ? 104 LYS A HE3  1 
ATOM   352  H HZ1  . LYS A 1 24 ? 13.505  -10.159 1.259   1.00 39.79 ? 104 LYS A HZ1  1 
ATOM   353  H HZ2  . LYS A 1 24 ? 13.440  -9.003  2.129   1.00 39.79 ? 104 LYS A HZ2  1 
ATOM   354  H HZ3  . LYS A 1 24 ? 12.890  -10.271 2.566   1.00 39.79 ? 104 LYS A HZ3  1 
ATOM   355  N N    . GLY A 1 25 ? 6.339   -9.406  0.682   1.00 9.59  ? 105 GLY A N    1 
ATOM   356  C CA   . GLY A 1 25 ? 5.899   -10.614 0.004   1.00 11.61 ? 105 GLY A CA   1 
ATOM   357  C C    . GLY A 1 25 ? 4.392   -10.734 -0.149  1.00 11.34 ? 105 GLY A C    1 
ATOM   358  O O    . GLY A 1 25 ? 3.929   -11.606 -0.871  1.00 13.92 ? 105 GLY A O    1 
ATOM   359  H H    . GLY A 1 25 ? 6.450   -8.735  0.155   1.00 11.50 ? 105 GLY A H    1 
ATOM   360  H HA2  . GLY A 1 25 ? 6.293   -10.642 -0.882  1.00 13.93 ? 105 GLY A HA2  1 
ATOM   361  H HA3  . GLY A 1 25 ? 6.212   -11.387 0.499   1.00 13.93 ? 105 GLY A HA3  1 
ATOM   362  N N    . GLU A 1 26 ? 3.619   -9.897  0.525   1.00 10.69 ? 106 GLU A N    1 
ATOM   363  C CA   . GLU A 1 26 ? 2.177   -9.910  0.329   1.00 12.09 ? 106 GLU A CA   1 
ATOM   364  C C    . GLU A 1 26 ? 1.850   -9.494  -1.081  1.00 10.94 ? 106 GLU A C    1 
ATOM   365  O O    . GLU A 1 26 ? 2.518   -8.648  -1.661  1.00 13.06 ? 106 GLU A O    1 
ATOM   366  C CB   . GLU A 1 26 ? 1.485   -8.951  1.280   1.00 14.11 ? 106 GLU A CB   1 
ATOM   367  C CG   . GLU A 1 26 ? 1.099   -9.591  2.574   1.00 19.68 ? 106 GLU A CG   1 
ATOM   368  C CD   . GLU A 1 26 ? 0.187   -8.736  3.424   1.00 14.92 ? 106 GLU A CD   1 
ATOM   369  O OE1  . GLU A 1 26 ? 0.502   -8.606  4.608   1.00 14.19 ? 106 GLU A OE1  1 
ATOM   370  O OE2  . GLU A 1 26 ? -0.865  -8.236  2.946   1.00 18.37 ? 106 GLU A OE2  1 
ATOM   371  H H    . GLU A 1 26 ? 3.900   -9.319  1.097   1.00 12.82 ? 106 GLU A H    1 
ATOM   372  H HA   . GLU A 1 26 ? 1.828   -10.813 0.481   1.00 14.51 ? 106 GLU A HA   1 
ATOM   373  H HB2  . GLU A 1 26 ? 2.086   -8.215  1.478   1.00 16.93 ? 106 GLU A HB2  1 
ATOM   374  H HB3  . GLU A 1 26 ? 0.678   -8.616  0.859   1.00 16.93 ? 106 GLU A HB3  1 
ATOM   375  H HG2  . GLU A 1 26 ? 0.636   -10.423 2.386   1.00 23.62 ? 106 GLU A HG2  1 
ATOM   376  H HG3  . GLU A 1 26 ? 1.902   -9.769  3.088   1.00 23.62 ? 106 GLU A HG3  1 
ATOM   377  N N    . ARG A 1 27 ? 0.792   -10.083 -1.620  1.00 11.24 ? 107 ARG A N    1 
ATOM   378  C CA   . ARG A 1 27 ? 0.322   -9.736  -2.944  1.00 12.49 ? 107 ARG A CA   1 
ATOM   379  C C    . ARG A 1 27 ? -0.914  -8.873  -2.807  1.00 11.77 ? 107 ARG A C    1 
ATOM   380  O O    . ARG A 1 27 ? -1.807  -9.155  -2.012  1.00 13.46 ? 107 ARG A O    1 
ATOM   381  C CB   . ARG A 1 27 ? 0.026   -11.002 -3.745  1.00 16.60 ? 107 ARG A CB   1 
ATOM   382  C CG   . ARG A 1 27 ? 1.120   -12.034 -3.632  1.00 28.24 ? 107 ARG A CG   1 
ATOM   383  C CD   . ARG A 1 27 ? 1.845   -12.284 -4.936  1.00 32.39 ? 107 ARG A CD   1 
ATOM   384  N NE   . ARG A 1 27 ? 3.118   -12.950 -4.676  1.00 33.43 ? 107 ARG A NE   1 
ATOM   385  C CZ   . ARG A 1 27 ? 4.225   -12.771 -5.387  1.00 31.94 ? 107 ARG A CZ   1 
ATOM   386  N NH1  . ARG A 1 27 ? 4.227   -11.956 -6.427  1.00 33.97 ? 107 ARG A NH1  1 
ATOM   387  N NH2  . ARG A 1 27 ? 5.334   -13.414 -5.057  1.00 35.37 ? 107 ARG A NH2  1 
ATOM   388  H H    . ARG A 1 27 ? 0.327   -10.694 -1.231  1.00 13.48 ? 107 ARG A H    1 
ATOM   389  H HA   . ARG A 1 27 ? 1.012   -9.223  -3.414  1.00 14.99 ? 107 ARG A HA   1 
ATOM   390  H HB2  . ARG A 1 27 ? -0.796  -11.399 -3.417  1.00 19.92 ? 107 ARG A HB2  1 
ATOM   391  H HB3  . ARG A 1 27 ? -0.069  -10.768 -4.682  1.00 19.92 ? 107 ARG A HB3  1 
ATOM   392  H HG2  . ARG A 1 27 ? 1.773   -11.731 -2.982  1.00 33.88 ? 107 ARG A HG2  1 
ATOM   393  H HG3  . ARG A 1 27 ? 0.731   -12.874 -3.341  1.00 33.88 ? 107 ARG A HG3  1 
ATOM   394  H HD2  . ARG A 1 27 ? 1.306   -12.857 -5.504  1.00 38.87 ? 107 ARG A HD2  1 
ATOM   395  H HD3  . ARG A 1 27 ? 2.024   -11.437 -5.376  1.00 38.87 ? 107 ARG A HD3  1 
ATOM   396  H HE   . ARG A 1 27 ? 3.154   -13.498 -4.014  1.00 40.11 ? 107 ARG A HE   1 
ATOM   397  H HH11 . ARG A 1 27 ? 3.510   -11.532 -6.643  1.00 40.76 ? 107 ARG A HH11 1 
ATOM   398  H HH12 . ARG A 1 27 ? 4.946   -11.845 -6.886  1.00 40.76 ? 107 ARG A HH12 1 
ATOM   399  H HH21 . ARG A 1 27 ? 5.337   -13.949 -4.383  1.00 42.44 ? 107 ARG A HH21 1 
ATOM   400  H HH22 . ARG A 1 27 ? 6.049   -13.305 -5.522  1.00 42.44 ? 107 ARG A HH22 1 
ATOM   401  N N    . LEU A 1 28 ? -0.938  -7.799  -3.582  1.00 12.92 ? 108 LEU A N    1 
ATOM   402  C CA   . LEU A 1 28 ? -1.948  -6.775  -3.461  1.00 14.97 ? 108 LEU A CA   1 
ATOM   403  C C    . LEU A 1 28 ? -2.561  -6.507  -4.825  1.00 17.21 ? 108 LEU A C    1 
ATOM   404  O O    . LEU A 1 28 ? -1.910  -6.640  -5.856  1.00 18.65 ? 108 LEU A O    1 
ATOM   405  C CB   . LEU A 1 28 ? -1.309  -5.488  -2.934  1.00 15.59 ? 108 LEU A CB   1 
ATOM   406  C CG   . LEU A 1 28 ? -0.449  -5.595  -1.661  1.00 16.43 ? 108 LEU A CG   1 
ATOM   407  C CD1  . LEU A 1 28 ? 0.347   -4.318  -1.425  1.00 25.86 ? 108 LEU A CD1  1 
ATOM   408  C CD2  . LEU A 1 28 ? -1.281  -5.921  -0.439  1.00 23.33 ? 108 LEU A CD2  1 
ATOM   409  H H    . LEU A 1 28 ? -0.360  -7.641  -4.200  1.00 15.50 ? 108 LEU A H    1 
ATOM   410  H HA   . LEU A 1 28 ? -2.651  -7.063  -2.842  1.00 17.97 ? 108 LEU A HA   1 
ATOM   411  H HB2  . LEU A 1 28 ? -0.740  -5.128  -3.632  1.00 18.70 ? 108 LEU A HB2  1 
ATOM   412  H HB3  . LEU A 1 28 ? -2.019  -4.856  -2.744  1.00 18.70 ? 108 LEU A HB3  1 
ATOM   413  H HG   . LEU A 1 28 ? 0.186   -6.317  -1.781  1.00 19.71 ? 108 LEU A HG   1 
ATOM   414  H HD11 . LEU A 1 28 ? 0.869   -4.420  -0.626  1.00 31.03 ? 108 LEU A HD11 1 
ATOM   415  H HD12 . LEU A 1 28 ? 0.924   -4.167  -2.177  1.00 31.03 ? 108 LEU A HD12 1 
ATOM   416  H HD13 . LEU A 1 28 ? -0.263  -3.585  -1.327  1.00 31.03 ? 108 LEU A HD13 1 
ATOM   417  H HD21 . LEU A 1 28 ? -0.704  -5.978  0.326   1.00 28.00 ? 108 LEU A HD21 1 
ATOM   418  H HD22 . LEU A 1 28 ? -1.930  -5.226  -0.309  1.00 28.00 ? 108 LEU A HD22 1 
ATOM   419  H HD23 . LEU A 1 28 ? -1.725  -6.761  -0.578  1.00 28.00 ? 108 LEU A HD23 1 
ATOM   420  N N    . GLN A 1 29 ? -3.830  -6.141  -4.829  1.00 17.37 ? 109 GLN A N    1 
ATOM   421  C CA   . GLN A 1 29 ? -4.452  -5.635  -6.036  1.00 20.89 ? 109 GLN A CA   1 
ATOM   422  C C    . GLN A 1 29 ? -4.815  -4.177  -5.839  1.00 15.71 ? 109 GLN A C    1 
ATOM   423  O O    . GLN A 1 29 ? -5.262  -3.770  -4.770  1.00 17.35 ? 109 GLN A O    1 
ATOM   424  C CB   . GLN A 1 29 ? -5.688  -6.445  -6.403  1.00 29.35 ? 109 GLN A CB   1 
ATOM   425  C CG   . GLN A 1 29 ? -5.339  -7.795  -6.965  1.00 40.45 ? 109 GLN A CG   1 
ATOM   426  C CD   . GLN A 1 29 ? -6.527  -8.494  -7.583  1.00 45.26 ? 109 GLN A CD   1 
ATOM   427  O OE1  . GLN A 1 29 ? -7.664  -8.046  -7.441  1.00 46.68 ? 109 GLN A OE1  1 
ATOM   428  N NE2  . GLN A 1 29 ? -6.270  -9.597  -8.290  1.00 45.48 ? 109 GLN A NE2  1 
ATOM   429  H H    . GLN A 1 29 ? -4.353  -6.178  -4.147  1.00 20.84 ? 109 GLN A H    1 
ATOM   430  H HA   . GLN A 1 29 ? -3.814  -5.695  -6.777  1.00 25.06 ? 109 GLN A HA   1 
ATOM   431  H HB2  . GLN A 1 29 ? -6.228  -6.580  -5.609  1.00 35.21 ? 109 GLN A HB2  1 
ATOM   432  H HB3  . GLN A 1 29 ? -6.196  -5.962  -7.074  1.00 35.21 ? 109 GLN A HB3  1 
ATOM   433  H HG2  . GLN A 1 29 ? -4.663  -7.686  -7.653  1.00 48.54 ? 109 GLN A HG2  1 
ATOM   434  H HG3  . GLN A 1 29 ? -4.999  -8.356  -6.251  1.00 48.54 ? 109 GLN A HG3  1 
ATOM   435  H HE21 . GLN A 1 29 ? -5.460  -9.875  -8.372  1.00 54.57 ? 109 GLN A HE21 1 
ATOM   436  H HE22 . GLN A 1 29 ? -6.913  -10.030 -8.661  1.00 54.57 ? 109 GLN A HE22 1 
ATOM   437  N N    . ILE A 1 30 ? -4.618  -3.382  -6.878  1.00 17.75 ? 110 ILE A N    1 
ATOM   438  C CA   . ILE A 1 30 ? -4.907  -1.965  -6.777  1.00 16.36 ? 110 ILE A CA   1 
ATOM   439  C C    . ILE A 1 30 ? -6.377  -1.742  -7.072  1.00 16.04 ? 110 ILE A C    1 
ATOM   440  O O    . ILE A 1 30 ? -6.901  -2.209  -8.077  1.00 22.67 ? 110 ILE A O    1 
ATOM   441  C CB   . ILE A 1 30 ? -3.969  -1.135  -7.686  1.00 20.95 ? 110 ILE A CB   1 
ATOM   442  C CG1  . ILE A 1 30 ? -2.505  -1.485  -7.387  1.00 23.22 ? 110 ILE A CG1  1 
ATOM   443  C CG2  . ILE A 1 30 ? -4.187  0.344   -7.481  1.00 23.35 ? 110 ILE A CG2  1 
ATOM   444  C CD1  . ILE A 1 30 ? -2.145  -1.479  -5.893  1.00 24.51 ? 110 ILE A CD1  1 
ATOM   445  H H    . ILE A 1 30 ? -4.321  -3.635  -7.644  1.00 21.29 ? 110 ILE A H    1 
ATOM   446  H HA   . ILE A 1 30 ? -4.747  -1.681  -5.852  1.00 19.63 ? 110 ILE A HA   1 
ATOM   447  H HB   . ILE A 1 30 ? -4.160  -1.352  -8.611  1.00 25.14 ? 110 ILE A HB   1 
ATOM   448  H HG12 . ILE A 1 30 ? -2.322  -2.374  -7.730  1.00 27.86 ? 110 ILE A HG12 1 
ATOM   449  H HG13 . ILE A 1 30 ? -1.933  -0.839  -7.831  1.00 27.86 ? 110 ILE A HG13 1 
ATOM   450  H HG21 . ILE A 1 30 ? -3.592  0.830   -8.057  1.00 28.02 ? 110 ILE A HG21 1 
ATOM   451  H HG22 . ILE A 1 30 ? -5.098  0.559   -7.695  1.00 28.02 ? 110 ILE A HG22 1 
ATOM   452  H HG23 . ILE A 1 30 ? -4.006  0.563   -6.564  1.00 28.02 ? 110 ILE A HG23 1 
ATOM   453  H HD11 . ILE A 1 30 ? -1.217  -1.706  -5.794  1.00 29.41 ? 110 ILE A HD11 1 
ATOM   454  H HD12 . ILE A 1 30 ? -2.307  -0.602  -5.537  1.00 29.41 ? 110 ILE A HD12 1 
ATOM   455  H HD13 . ILE A 1 30 ? -2.691  -2.123  -5.437  1.00 29.41 ? 110 ILE A HD13 1 
ATOM   456  N N    . VAL A 1 31 ? -7.044  -1.078  -6.144  1.00 13.64 ? 111 VAL A N    1 
ATOM   457  C CA   . VAL A 1 31 ? -8.447  -0.707  -6.270  1.00 12.95 ? 111 VAL A CA   1 
ATOM   458  C C    . VAL A 1 31 ? -8.540  0.623   -6.984  1.00 15.78 ? 111 VAL A C    1 
ATOM   459  O O    . VAL A 1 31 ? -9.372  0.807   -7.864  1.00 18.65 ? 111 VAL A O    1 
ATOM   460  C CB   . VAL A 1 31 ? -9.097  -0.595  -4.882  1.00 13.72 ? 111 VAL A CB   1 
ATOM   461  C CG1  . VAL A 1 31 ? -10.543 -0.133  -4.991  1.00 14.51 ? 111 VAL A CG1  1 
ATOM   462  C CG2  . VAL A 1 31 ? -9.018  -1.928  -4.163  1.00 14.55 ? 111 VAL A CG2  1 
ATOM   463  H H    . VAL A 1 31 ? -6.693  -0.821  -5.402  1.00 16.37 ? 111 VAL A H    1 
ATOM   464  H HA   . VAL A 1 31 ? -8.925  -1.383  -6.793  1.00 15.54 ? 111 VAL A HA   1 
ATOM   465  H HB   . VAL A 1 31 ? -8.606  0.066   -4.351  1.00 16.46 ? 111 VAL A HB   1 
ATOM   466  H HG11 . VAL A 1 31 ? -10.918 -0.073  -4.109  1.00 17.41 ? 111 VAL A HG11 1 
ATOM   467  H HG12 . VAL A 1 31 ? -10.564 0.729   -5.414  1.00 17.41 ? 111 VAL A HG12 1 
ATOM   468  H HG13 . VAL A 1 31 ? -11.036 -0.768  -5.515  1.00 17.41 ? 111 VAL A HG13 1 
ATOM   469  H HG21 . VAL A 1 31 ? -9.429  -1.841  -3.298  1.00 17.46 ? 111 VAL A HG21 1 
ATOM   470  H HG22 . VAL A 1 31 ? -9.481  -2.590  -4.680  1.00 17.46 ? 111 VAL A HG22 1 
ATOM   471  H HG23 . VAL A 1 31 ? -8.096  -2.175  -4.063  1.00 17.46 ? 111 VAL A HG23 1 
ATOM   472  N N    . ASN A 1 32 ? -7.661  1.549   -6.612  1.00 15.54 ? 112 ASN A N    1 
ATOM   473  C CA   . ASN A 1 32 ? -7.651  2.860   -7.223  1.00 18.01 ? 112 ASN A CA   1 
ATOM   474  C C    . ASN A 1 32 ? -6.265  3.461   -7.075  1.00 18.81 ? 112 ASN A C    1 
ATOM   475  O O    . ASN A 1 32 ? -5.744  3.561   -5.968  1.00 17.73 ? 112 ASN A O    1 
ATOM   476  C CB   . ASN A 1 32 ? -8.698  3.742   -6.543  1.00 20.57 ? 112 ASN A CB   1 
ATOM   477  C CG   . ASN A 1 32 ? -8.984  5.007   -7.316  1.00 26.49 ? 112 ASN A CG   1 
ATOM   478  O OD1  . ASN A 1 32 ? -8.189  5.945   -7.308  1.00 32.45 ? 112 ASN A OD1  1 
ATOM   479  N ND2  . ASN A 1 32 ? -10.128 5.045   -7.987  1.00 28.33 ? 112 ASN A ND2  1 
ATOM   480  H H    . ASN A 1 32 ? -7.062  1.437   -6.005  1.00 18.64 ? 112 ASN A H    1 
ATOM   481  H HA   . ASN A 1 32 ? -7.866  2.786   -8.176  1.00 21.61 ? 112 ASN A HA   1 
ATOM   482  H HB2  . ASN A 1 32 ? -9.527  3.245   -6.463  1.00 24.69 ? 112 ASN A HB2  1 
ATOM   483  H HB3  . ASN A 1 32 ? -8.376  3.995   -5.663  1.00 24.69 ? 112 ASN A HB3  1 
ATOM   484  H HD21 . ASN A 1 32 ? -10.661 4.371   -7.966  1.00 33.99 ? 112 ASN A HD21 1 
ATOM   485  H HD22 . ASN A 1 32 ? -10.336 5.744   -8.442  1.00 33.99 ? 112 ASN A HD22 1 
ATOM   486  N N    . ASN A 1 33 ? -5.638  3.828   -8.184  1.00 25.05 ? 113 ASN A N    1 
ATOM   487  C CA   . ASN A 1 33 ? -4.348  4.503   -8.101  1.00 27.46 ? 113 ASN A CA   1 
ATOM   488  C C    . ASN A 1 33 ? -4.349  5.813   -8.862  1.00 31.59 ? 113 ASN A C    1 
ATOM   489  O O    . ASN A 1 33 ? -3.371  6.176   -9.523  1.00 36.40 ? 113 ASN A O    1 
ATOM   490  C CB   . ASN A 1 33 ? -3.177  3.587   -8.509  1.00 31.02 ? 113 ASN A CB   1 
ATOM   491  C CG   . ASN A 1 33 ? -3.149  3.255   -9.980  1.00 34.36 ? 113 ASN A CG   1 
ATOM   492  O OD1  . ASN A 1 33 ? -4.105  3.503   -10.716 1.00 37.95 ? 113 ASN A OD1  1 
ATOM   493  N ND2  . ASN A 1 33 ? -2.033  2.672   -10.422 1.00 38.90 ? 113 ASN A ND2  1 
ATOM   494  H H    . ASN A 1 33 ? -5.929  3.703   -8.983  1.00 30.06 ? 113 ASN A H    1 
ATOM   495  H HA   . ASN A 1 33 ? -4.200  4.733   -7.160  1.00 32.96 ? 113 ASN A HA   1 
ATOM   496  H HB2  . ASN A 1 33 ? -2.342  4.030   -8.290  1.00 37.23 ? 113 ASN A HB2  1 
ATOM   497  H HB3  . ASN A 1 33 ? -3.246  2.754   -8.018  1.00 37.23 ? 113 ASN A HB3  1 
ATOM   498  H HD21 . ASN A 1 33 ? -1.389  2.510   -9.876  1.00 46.68 ? 113 ASN A HD21 1 
ATOM   499  H HD22 . ASN A 1 33 ? -1.959  2.459   -11.251 1.00 46.68 ? 113 ASN A HD22 1 
ATOM   500  N N    . THR A 1 34 ? -5.452  6.541   -8.709  1.00 31.81 ? 114 THR A N    1 
ATOM   501  C CA   . THR A 1 34 ? -5.725  7.717   -9.521  1.00 32.92 ? 114 THR A CA   1 
ATOM   502  C C    . THR A 1 34 ? -5.647  9.017   -8.715  1.00 33.83 ? 114 THR A C    1 
ATOM   503  O O    . THR A 1 34 ? -5.827  10.102  -9.267  1.00 36.96 ? 114 THR A O    1 
ATOM   504  C CB   . THR A 1 34 ? -7.120  7.593   -10.189 1.00 35.80 ? 114 THR A CB   1 
ATOM   505  O OG1  . THR A 1 34 ? -8.157  7.818   -9.226  1.00 37.41 ? 114 THR A OG1  1 
ATOM   506  C CG2  . THR A 1 34 ? -7.282  6.209   -10.820 1.00 39.82 ? 114 THR A CG2  1 
ATOM   507  H H    . THR A 1 34 ? -6.066  6.369   -8.132  1.00 38.18 ? 114 THR A H    1 
ATOM   508  H HA   . THR A 1 34 ? -5.055  7.768   -10.235 1.00 39.50 ? 114 THR A HA   1 
ATOM   509  H HB   . THR A 1 34 ? -7.194  8.255   -10.894 1.00 42.96 ? 114 THR A HB   1 
ATOM   510  H HG1  . THR A 1 34 ? -8.086  8.568   -8.906  1.00 44.89 ? 114 THR A HG1  1 
ATOM   511  H HG21 . THR A 1 34 ? -7.198  5.530   -10.147 1.00 47.79 ? 114 THR A HG21 1 
ATOM   512  H HG22 . THR A 1 34 ? -8.146  6.135   -11.232 1.00 47.79 ? 114 THR A HG22 1 
ATOM   513  H HG23 . THR A 1 34 ? -6.605  6.072   -11.487 1.00 47.79 ? 114 THR A HG23 1 
ATOM   514  N N    . GLU A 1 35 ? -5.332  8.913   -7.425  1.00 32.72 ? 115 GLU A N    1 
ATOM   515  C CA   . GLU A 1 35 ? -5.393  10.072  -6.538  1.00 29.35 ? 115 GLU A CA   1 
ATOM   516  C C    . GLU A 1 35 ? -4.019  10.607  -6.117  1.00 26.60 ? 115 GLU A C    1 
ATOM   517  O O    . GLU A 1 35 ? -3.936  11.652  -5.477  1.00 29.28 ? 115 GLU A O    1 
ATOM   518  C CB   . GLU A 1 35 ? -6.207  9.743   -5.287  1.00 34.15 ? 115 GLU A CB   1 
ATOM   519  C CG   . GLU A 1 35 ? -7.639  9.310   -5.558  1.00 40.61 ? 115 GLU A CG   1 
ATOM   520  C CD   . GLU A 1 35 ? -8.432  9.123   -4.278  1.00 44.61 ? 115 GLU A CD   1 
ATOM   521  O OE1  . GLU A 1 35 ? -8.101  8.203   -3.497  1.00 42.71 ? 115 GLU A OE1  1 
ATOM   522  O OE2  . GLU A 1 35 ? -9.378  9.904   -4.045  1.00 50.70 ? 115 GLU A OE2  1 
ATOM   523  H H    . GLU A 1 35 ? -5.081  8.187   -7.041  1.00 39.27 ? 115 GLU A H    1 
ATOM   524  H HA   . GLU A 1 35 ? -5.856  10.796  -7.009  1.00 35.22 ? 115 GLU A HA   1 
ATOM   525  H HB2  . GLU A 1 35 ? -5.767  9.021   -4.812  1.00 40.98 ? 115 GLU A HB2  1 
ATOM   526  H HB3  . GLU A 1 35 ? -6.242  10.531  -4.723  1.00 40.98 ? 115 GLU A HB3  1 
ATOM   527  H HG2  . GLU A 1 35 ? -8.081  9.989   -6.092  1.00 48.73 ? 115 GLU A HG2  1 
ATOM   528  H HG3  . GLU A 1 35 ? -7.630  8.465   -6.035  1.00 48.73 ? 115 GLU A HG3  1 
ATOM   529  N N    . GLY A 1 36 ? -2.949  9.900   -6.476  1.00 25.11 ? 116 GLY A N    1 
ATOM   530  C CA   . GLY A 1 36 ? -1.609  10.297  -6.080  1.00 22.07 ? 116 GLY A CA   1 
ATOM   531  C C    . GLY A 1 36 ? -0.728  9.095   -5.828  1.00 20.92 ? 116 GLY A C    1 
ATOM   532  O O    . GLY A 1 36 ? -1.011  8.003   -6.314  1.00 21.43 ? 116 GLY A O    1 
ATOM   533  H H    . GLY A 1 36 ? -2.976  9.184   -6.952  1.00 30.13 ? 116 GLY A H    1 
ATOM   534  H HA2  . GLY A 1 36 ? -1.208  10.836  -6.780  1.00 26.49 ? 116 GLY A HA2  1 
ATOM   535  H HA3  . GLY A 1 36 ? -1.653  10.826  -5.268  1.00 26.49 ? 116 GLY A HA3  1 
ATOM   536  N N    . ASP A 1 37 ? 0.340   9.306   -5.066  1.00 17.44 ? 117 ASP A N    1 
ATOM   537  C CA   . ASP A 1 37 ? 1.325   8.272   -4.809  1.00 16.18 ? 117 ASP A CA   1 
ATOM   538  C C    . ASP A 1 37 ? 0.915   7.279   -3.728  1.00 12.62 ? 117 ASP A C    1 
ATOM   539  O O    . ASP A 1 37 ? 1.588   6.274   -3.526  1.00 13.04 ? 117 ASP A O    1 
ATOM   540  C CB   . ASP A 1 37 ? 2.645   8.917   -4.402  1.00 20.67 ? 117 ASP A CB   1 
ATOM   541  C CG   . ASP A 1 37 ? 3.279   9.694   -5.522  1.00 32.04 ? 117 ASP A CG   1 
ATOM   542  O OD1  . ASP A 1 37 ? 3.013   9.353   -6.692  1.00 32.54 ? 117 ASP A OD1  1 
ATOM   543  O OD2  . ASP A 1 37 ? 4.041   10.639  -5.227  1.00 38.28 ? 117 ASP A OD2  1 
ATOM   544  H H    . ASP A 1 37 ? 0.516   10.054  -4.681  1.00 20.93 ? 117 ASP A H    1 
ATOM   545  H HA   . ASP A 1 37 ? 1.479   7.768   -5.635  1.00 19.42 ? 117 ASP A HA   1 
ATOM   546  H HB2  . ASP A 1 37 ? 2.484   9.529   -3.666  1.00 24.80 ? 117 ASP A HB2  1 
ATOM   547  H HB3  . ASP A 1 37 ? 3.265   8.223   -4.128  1.00 24.80 ? 117 ASP A HB3  1 
ATOM   548  N N    . TRP A 1 38 ? -0.169  7.566   -3.015  1.00 10.91 ? 118 TRP A N    1 
ATOM   549  C CA   . TRP A 1 38 ? -0.799  6.578   -2.138  1.00 10.07 ? 118 TRP A CA   1 
ATOM   550  C C    . TRP A 1 38 ? -1.939  5.934   -2.898  1.00 11.26 ? 118 TRP A C    1 
ATOM   551  O O    . TRP A 1 38 ? -2.829  6.619   -3.391  1.00 14.52 ? 118 TRP A O    1 
ATOM   552  C CB   . TRP A 1 38 ? -1.300  7.220   -0.841  1.00 10.12 ? 118 TRP A CB   1 
ATOM   553  C CG   . TRP A 1 38 ? -0.164  7.644   0.040   1.00 9.27  ? 118 TRP A CG   1 
ATOM   554  C CD1  . TRP A 1 38 ? 0.597   8.769   -0.086  1.00 10.93 ? 118 TRP A CD1  1 
ATOM   555  C CD2  . TRP A 1 38 ? 0.357   6.933   1.170   1.00 7.61  ? 118 TRP A CD2  1 
ATOM   556  N NE1  . TRP A 1 38 ? 1.564   8.794   0.895   1.00 10.42 ? 118 TRP A NE1  1 
ATOM   557  C CE2  . TRP A 1 38 ? 1.435   7.673   1.682   1.00 8.28  ? 118 TRP A CE2  1 
ATOM   558  C CE3  . TRP A 1 38 ? 0.007   5.737   1.807   1.00 8.33  ? 118 TRP A CE3  1 
ATOM   559  C CZ2  . TRP A 1 38 ? 2.168   7.257   2.791   1.00 8.82  ? 118 TRP A CZ2  1 
ATOM   560  C CZ3  . TRP A 1 38 ? 0.728   5.326   2.896   1.00 8.31  ? 118 TRP A CZ3  1 
ATOM   561  C CH2  . TRP A 1 38 ? 1.792   6.088   3.386   1.00 8.89  ? 118 TRP A CH2  1 
ATOM   562  H H    . TRP A 1 38 ? -0.565  8.330   -3.020  1.00 13.09 ? 118 TRP A H    1 
ATOM   563  H HA   . TRP A 1 38 ? -0.147  5.884   -1.908  1.00 12.09 ? 118 TRP A HA   1 
ATOM   564  H HB2  . TRP A 1 38 ? -1.827  8.006   -1.056  1.00 12.14 ? 118 TRP A HB2  1 
ATOM   565  H HB3  . TRP A 1 38 ? -1.839  6.578   -0.354  1.00 12.14 ? 118 TRP A HB3  1 
ATOM   566  H HD1  . TRP A 1 38 ? 0.492   9.412   -0.750  1.00 13.12 ? 118 TRP A HD1  1 
ATOM   567  H HE1  . TRP A 1 38 ? 2.152   9.412   1.000   1.00 12.51 ? 118 TRP A HE1  1 
ATOM   568  H HE3  . TRP A 1 38 ? -0.695  5.220   1.486   1.00 9.99  ? 118 TRP A HE3  1 
ATOM   569  H HZ2  . TRP A 1 38 ? 2.871   7.766   3.125   1.00 10.58 ? 118 TRP A HZ2  1 
ATOM   570  H HZ3  . TRP A 1 38 ? 0.502   4.530   3.321   1.00 9.97  ? 118 TRP A HZ3  1 
ATOM   571  H HH2  . TRP A 1 38 ? 2.262   5.786   4.130   1.00 10.66 ? 118 TRP A HH2  1 
ATOM   572  N N    . TRP A 1 39 ? -1.877  4.620   -3.032  1.00 9.86  ? 119 TRP A N    1 
ATOM   573  C CA   . TRP A 1 39 ? -2.845  3.875   -3.814  1.00 10.97 ? 119 TRP A CA   1 
ATOM   574  C C    . TRP A 1 39 ? -3.789  3.126   -2.887  1.00 10.23 ? 119 TRP A C    1 
ATOM   575  O O    . TRP A 1 39 ? -3.374  2.603   -1.867  1.00 10.38 ? 119 TRP A O    1 
ATOM   576  C CB   . TRP A 1 39 ? -2.128  2.850   -4.681  1.00 12.94 ? 119 TRP A CB   1 
ATOM   577  C CG   . TRP A 1 39 ? -1.241  3.391   -5.741  1.00 14.50 ? 119 TRP A CG   1 
ATOM   578  C CD1  . TRP A 1 39 ? -1.108  4.688   -6.132  1.00 17.43 ? 119 TRP A CD1  1 
ATOM   579  C CD2  . TRP A 1 39 ? -0.376  2.621   -6.584  1.00 15.70 ? 119 TRP A CD2  1 
ATOM   580  N NE1  . TRP A 1 39 ? -0.210  4.770   -7.183  1.00 17.81 ? 119 TRP A NE1  1 
ATOM   581  C CE2  . TRP A 1 39 ? 0.253   3.515   -7.470  1.00 18.92 ? 119 TRP A CE2  1 
ATOM   582  C CE3  . TRP A 1 39 ? -0.070  1.261   -6.666  1.00 20.45 ? 119 TRP A CE3  1 
ATOM   583  C CZ2  . TRP A 1 39 ? 1.162   3.094   -8.434  1.00 19.64 ? 119 TRP A CZ2  1 
ATOM   584  C CZ3  . TRP A 1 39 ? 0.837   0.842   -7.621  1.00 22.21 ? 119 TRP A CZ3  1 
ATOM   585  C CH2  . TRP A 1 39 ? 1.444   1.757   -8.489  1.00 22.67 ? 119 TRP A CH2  1 
ATOM   586  H H    . TRP A 1 39 ? -1.270  4.127   -2.672  1.00 11.84 ? 119 TRP A H    1 
ATOM   587  H HA   . TRP A 1 39 ? -3.362  4.481   -4.386  1.00 13.17 ? 119 TRP A HA   1 
ATOM   588  H HB2  . TRP A 1 39 ? -1.581  2.293   -4.105  1.00 15.53 ? 119 TRP A HB2  1 
ATOM   589  H HB3  . TRP A 1 39 ? -2.796  2.299   -5.117  1.00 15.53 ? 119 TRP A HB3  1 
ATOM   590  H HD1  . TRP A 1 39 ? -1.569  5.407   -5.765  1.00 20.92 ? 119 TRP A HD1  1 
ATOM   591  H HE1  . TRP A 1 39 ? 0.025   5.494   -7.584  1.00 21.38 ? 119 TRP A HE1  1 
ATOM   592  H HE3  . TRP A 1 39 ? -0.478  0.648   -6.099  1.00 24.54 ? 119 TRP A HE3  1 
ATOM   593  H HZ2  . TRP A 1 39 ? 1.577   3.700   -9.004  1.00 23.57 ? 119 TRP A HZ2  1 
ATOM   594  H HZ3  . TRP A 1 39 ? 1.045   -0.061  -7.690  1.00 26.65 ? 119 TRP A HZ3  1 
ATOM   595  H HH2  . TRP A 1 39 ? 2.056   1.448   -9.118  1.00 27.21 ? 119 TRP A HH2  1 
ATOM   596  N N    . LEU A 1 40 ? -5.066  3.072   -3.248  1.00 10.76 ? 120 LEU A N    1 
ATOM   597  C CA   . LEU A 1 40 ? -6.008  2.243   -2.513  1.00 10.51 ? 120 LEU A CA   1 
ATOM   598  C C    . LEU A 1 40 ? -5.838  0.822   -3.009  1.00 10.59 ? 120 LEU A C    1 
ATOM   599  O O    . LEU A 1 40 ? -5.924  0.559   -4.209  1.00 12.31 ? 120 LEU A O    1 
ATOM   600  C CB   . LEU A 1 40 ? -7.437  2.734   -2.710  1.00 12.35 ? 120 LEU A CB   1 
ATOM   601  C CG   . LEU A 1 40 ? -8.495  2.008   -1.878  1.00 14.33 ? 120 LEU A CG   1 
ATOM   602  C CD1  . LEU A 1 40 ? -8.266  2.162   -0.395  1.00 14.43 ? 120 LEU A CD1  1 
ATOM   603  C CD2  . LEU A 1 40 ? -9.859  2.550   -2.261  1.00 16.74 ? 120 LEU A CD2  1 
ATOM   604  H H    . LEU A 1 40 ? -5.408  3.501   -3.910  1.00 12.91 ? 120 LEU A H    1 
ATOM   605  H HA   . LEU A 1 40 ? -5.795  2.269   -1.556  1.00 12.61 ? 120 LEU A HA   1 
ATOM   606  H HB2  . LEU A 1 40 ? -7.475  3.675   -2.472  1.00 14.82 ? 120 LEU A HB2  1 
ATOM   607  H HB3  . LEU A 1 40 ? -7.675  2.625   -3.643  1.00 14.82 ? 120 LEU A HB3  1 
ATOM   608  H HG   . LEU A 1 40 ? -8.474  1.062   -2.091  1.00 17.19 ? 120 LEU A HG   1 
ATOM   609  H HD11 . LEU A 1 40 ? -8.954  1.689   0.077   1.00 17.32 ? 120 LEU A HD11 1 
ATOM   610  H HD12 . LEU A 1 40 ? -7.405  1.798   -0.173  1.00 17.32 ? 120 LEU A HD12 1 
ATOM   611  H HD13 . LEU A 1 40 ? -8.295  3.095   -0.171  1.00 17.32 ? 120 LEU A HD13 1 
ATOM   612  H HD21 . LEU A 1 40 ? -10.530 2.101   -1.744  1.00 20.09 ? 120 LEU A HD21 1 
ATOM   613  H HD22 . LEU A 1 40 ? -9.882  3.493   -2.080  1.00 20.09 ? 120 LEU A HD22 1 
ATOM   614  H HD23 . LEU A 1 40 ? -10.005 2.393   -3.197  1.00 20.09 ? 120 LEU A HD23 1 
ATOM   615  N N    . ALA A 1 41 ? -5.543  -0.088  -2.088  1.00 10.86 ? 121 ALA A N    1 
ATOM   616  C CA   . ALA A 1 41 ? -5.202  -1.458  -2.423  1.00 11.62 ? 121 ALA A CA   1 
ATOM   617  C C    . ALA A 1 41 ? -5.999  -2.446  -1.588  1.00 11.43 ? 121 ALA A C    1 
ATOM   618  O O    . ALA A 1 41 ? -6.511  -2.125  -0.511  1.00 12.84 ? 121 ALA A O    1 
ATOM   619  C CB   . ALA A 1 41 ? -3.703  -1.684  -2.220  1.00 13.77 ? 121 ALA A CB   1 
ATOM   620  H H    . ALA A 1 41 ? -5.534  0.071   -1.242  1.00 13.03 ? 121 ALA A H    1 
ATOM   621  H HA   . ALA A 1 41 ? -5.409  -1.619  -3.367  1.00 13.94 ? 121 ALA A HA   1 
ATOM   622  H HB1  . ALA A 1 41 ? -3.492  -2.593  -2.446  1.00 16.52 ? 121 ALA A HB1  1 
ATOM   623  H HB2  . ALA A 1 41 ? -3.217  -1.084  -2.789  1.00 16.52 ? 121 ALA A HB2  1 
ATOM   624  H HB3  . ALA A 1 41 ? -3.485  -1.515  -1.301  1.00 16.52 ? 121 ALA A HB3  1 
ATOM   625  N N    A HIS A 1 42 ? -6.076  -3.664  -2.096  0.99 12.32 ? 122 HIS A N    1 
ATOM   626  C CA   A HIS A 1 42 ? -6.693  -4.768  -1.393  0.99 12.40 ? 122 HIS A CA   1 
ATOM   627  C C    A HIS A 1 42 ? -5.668  -5.893  -1.303  0.99 12.92 ? 122 HIS A C    1 
ATOM   628  O O    A HIS A 1 42 ? -5.105  -6.302  -2.312  0.99 14.72 ? 122 HIS A O    1 
ATOM   629  C CB   . HIS A 1 42 ? -7.929  -5.241  -2.164  1.00 15.61 ? 122 HIS A CB   1 
ATOM   630  C CG   . HIS A 1 42 ? -8.608  -6.414  -1.542  1.00 19.69 ? 122 HIS A CG   1 
ATOM   631  N ND1  . HIS A 1 42 ? -8.562  -7.678  -2.090  1.00 25.24 ? 122 HIS A ND1  1 
ATOM   632  C CD2  . HIS A 1 42 ? -9.335  -6.520  -0.408  1.00 22.98 ? 122 HIS A CD2  1 
ATOM   633  C CE1  . HIS A 1 42 ? -9.243  -8.510  -1.324  1.00 25.84 ? 122 HIS A CE1  1 
ATOM   634  N NE2  . HIS A 1 42 ? -9.728  -7.830  -0.300  1.00 25.43 ? 122 HIS A NE2  1 
ATOM   635  H H    A HIS A 1 42 ? -5.766  -3.880  -2.870  0.99 14.78 ? 122 HIS A H    1 
ATOM   636  H HB2  A HIS A 1 42 ? -8.569  -4.513  -2.204  0.99 18.73 ? 122 HIS A HB2  1 
ATOM   637  H HB3  A HIS A 1 42 ? -7.661  -5.493  -3.061  0.99 18.73 ? 122 HIS A HB3  1 
ATOM   638  H HD1  . HIS A 1 42 ? -8.158  -7.890  -2.818  1.00 30.28 ? 122 HIS A HD1  1 
ATOM   639  H HD2  . HIS A 1 42 ? -9.544  -5.829  0.180   1.00 27.58 ? 122 HIS A HD2  1 
ATOM   640  H HE1  . HIS A 1 42 ? -9.365  -9.419  -1.479  1.00 31.01 ? 122 HIS A HE1  1 
ATOM   641  H HE2  . HIS A 1 42 ? -10.204 -8.158  0.338   1.00 30.51 ? 122 HIS A HE2  1 
ATOM   642  N N    . SER A 1 43 ? -5.416  -6.382  -0.095  1.00 11.29 ? 123 SER A N    1 
ATOM   643  C CA   . SER A 1 43 ? -4.485  -7.488  0.070   1.00 11.72 ? 123 SER A CA   1 
ATOM   644  C C    . SER A 1 43 ? -5.141  -8.798  -0.324  1.00 11.54 ? 123 SER A C    1 
ATOM   645  O O    . SER A 1 43 ? -6.138  -9.205  0.259   1.00 13.77 ? 123 SER A O    1 
ATOM   646  C CB   . SER A 1 43 ? -4.021  -7.600  1.506   1.00 13.07 ? 123 SER A CB   1 
ATOM   647  O OG   . SER A 1 43 ? -3.206  -8.749  1.609   1.00 14.96 ? 123 SER A OG   1 
ATOM   648  H H    A SER A 1 43 ? -5.765  -6.094  0.636   0.99 13.55 ? 123 SER A H    1 
ATOM   649  H HA   . SER A 1 43 ? -3.703  -7.347  -0.502  1.00 14.07 ? 123 SER A HA   1 
ATOM   650  H HB2  . SER A 1 43 ? -3.505  -6.814  1.742   1.00 15.68 ? 123 SER A HB2  1 
ATOM   651  H HB3  . SER A 1 43 ? -4.790  -7.693  2.090   1.00 15.68 ? 123 SER A HB3  1 
ATOM   652  H HG   . SER A 1 43 ? -2.939  -8.834  2.380   1.00 17.95 ? 123 SER A HG   1 
ATOM   653  N N    . LEU A 1 44 ? -4.550  -9.468  -1.302  1.00 13.38 ? 124 LEU A N    1 
ATOM   654  C CA   . LEU A 1 44 ? -5.026  -10.777 -1.725  1.00 13.93 ? 124 LEU A CA   1 
ATOM   655  C C    . LEU A 1 44 ? -4.672  -11.809 -0.687  1.00 16.05 ? 124 LEU A C    1 
ATOM   656  O O    . LEU A 1 44 ? -5.274  -12.875 -0.612  1.00 16.88 ? 124 LEU A O    1 
ATOM   657  C CB   . LEU A 1 44 ? -4.384  -11.152 -3.052  1.00 15.77 ? 124 LEU A CB   1 
ATOM   658  C CG   . LEU A 1 44 ? -4.758  -10.258 -4.229  1.00 18.73 ? 124 LEU A CG   1 
ATOM   659  C CD1  . LEU A 1 44 ? -3.841  -10.554 -5.406  1.00 20.97 ? 124 LEU A CD1  1 
ATOM   660  C CD2  . LEU A 1 44 ? -6.210  -10.491 -4.577  1.00 20.96 ? 124 LEU A CD2  1 
ATOM   661  H H    . LEU A 1 44 ? -3.866  -9.186  -1.739  1.00 16.05 ? 124 LEU A H    1 
ATOM   662  H HA   . LEU A 1 44 ? -5.998  -10.758 -1.837  1.00 16.72 ? 124 LEU A HA   1 
ATOM   663  H HB2  . LEU A 1 44 ? -3.420  -11.112 -2.951  1.00 18.92 ? 124 LEU A HB2  1 
ATOM   664  H HB3  . LEU A 1 44 ? -4.649  -12.057 -3.277  1.00 18.92 ? 124 LEU A HB3  1 
ATOM   665  H HG   . LEU A 1 44 ? -4.647  -9.328  -3.977  1.00 22.48 ? 124 LEU A HG   1 
ATOM   666  H HD11 . LEU A 1 44 ? -4.085  -9.987  -6.141  1.00 25.17 ? 124 LEU A HD11 1 
ATOM   667  H HD12 . LEU A 1 44 ? -2.933  -10.381 -5.145  1.00 25.17 ? 124 LEU A HD12 1 
ATOM   668  H HD13 . LEU A 1 44 ? -3.941  -11.475 -5.656  1.00 25.17 ? 124 LEU A HD13 1 
ATOM   669  H HD21 . LEU A 1 44 ? -6.447  -9.928  -5.318  1.00 25.15 ? 124 LEU A HD21 1 
ATOM   670  H HD22 . LEU A 1 44 ? -6.330  -11.413 -4.814  1.00 25.15 ? 124 LEU A HD22 1 
ATOM   671  H HD23 . LEU A 1 44 ? -6.752  -10.275 -3.815  1.00 25.15 ? 124 LEU A HD23 1 
ATOM   672  N N    . THR A 1 45 ? -3.668  -11.464 0.108   1.00 18.20 ? 125 THR A N    1 
ATOM   673  C CA   . THR A 1 45 ? -3.152  -12.308 1.162   1.00 19.63 ? 125 THR A CA   1 
ATOM   674  C C    . THR A 1 45 ? -4.053  -12.259 2.404   1.00 19.99 ? 125 THR A C    1 
ATOM   675  O O    . THR A 1 45 ? -4.432  -13.298 2.924   1.00 25.05 ? 125 THR A O    1 
ATOM   676  C CB   . THR A 1 45 ? -1.696  -11.891 1.515   1.00 19.56 ? 125 THR A CB   1 
ATOM   677  O OG1  . THR A 1 45 ? -0.880  -11.916 0.332   1.00 21.20 ? 125 THR A OG1  1 
ATOM   678  C CG2  . THR A 1 45 ? -1.099  -12.812 2.565   1.00 20.71 ? 125 THR A CG2  1 
ATOM   679  H H    . THR A 1 45 ? -3.254  -10.712 0.047   1.00 21.84 ? 125 THR A H    1 
ATOM   680  H HA   . THR A 1 45 ? -3.132  -13.234 0.844   1.00 23.56 ? 125 THR A HA   1 
ATOM   681  H HB   . THR A 1 45 ? -1.703  -10.990 1.876   1.00 23.47 ? 125 THR A HB   1 
ATOM   682  H HG1  . THR A 1 45 ? -1.180  -11.394 -0.226  1.00 25.43 ? 125 THR A HG1  1 
ATOM   683  H HG21 . THR A 1 45 ? -1.083  -13.714 2.239   1.00 24.85 ? 125 THR A HG21 1 
ATOM   684  H HG22 . THR A 1 45 ? -0.201  -12.538 2.769   1.00 24.85 ? 125 THR A HG22 1 
ATOM   685  H HG23 . THR A 1 45 ? -1.624  -12.779 3.368   1.00 24.85 ? 125 THR A HG23 1 
ATOM   686  N N    . THR A 1 46 ? -4.400  -11.058 2.870   1.00 18.29 ? 126 THR A N    1 
ATOM   687  C CA   . THR A 1 46 ? -5.112  -10.903 4.149   1.00 17.59 ? 126 THR A CA   1 
ATOM   688  C C    . THR A 1 46 ? -6.582  -10.496 4.014   1.00 17.55 ? 126 THR A C    1 
ATOM   689  O O    . THR A 1 46 ? -7.337  -10.589 4.977   1.00 21.42 ? 126 THR A O    1 
ATOM   690  C CB   . THR A 1 46 ? -4.453  -9.848  5.031   1.00 16.65 ? 126 THR A CB   1 
ATOM   691  O OG1  . THR A 1 46 ? -4.692  -8.569  4.442   1.00 14.99 ? 126 THR A OG1  1 
ATOM   692  C CG2  . THR A 1 46 ? -2.952  -10.119 5.182   1.00 18.10 ? 126 THR A CG2  1 
ATOM   693  H H    . THR A 1 46 ? -4.236  -10.315 2.467   1.00 21.95 ? 126 THR A H    1 
ATOM   694  H HA   . THR A 1 46 ? -5.081  -11.757 4.630   1.00 21.11 ? 126 THR A HA   1 
ATOM   695  H HB   . THR A 1 46 ? -4.856  -9.874  5.913   1.00 19.98 ? 126 THR A HB   1 
ATOM   696  H HG1  . THR A 1 46 ? -4.347  -7.982  4.898   1.00 17.99 ? 126 THR A HG1  1 
ATOM   697  H HG21 . THR A 1 46 ? -2.552  -9.447  5.739   1.00 21.72 ? 126 THR A HG21 1 
ATOM   698  H HG22 . THR A 1 46 ? -2.813  -10.981 5.583   1.00 21.72 ? 126 THR A HG22 1 
ATOM   699  H HG23 . THR A 1 46 ? -2.528  -10.104 4.320   1.00 21.72 ? 126 THR A HG23 1 
ATOM   700  N N    . GLY A 1 47 ? -6.977  -10.018 2.840   1.00 16.26 ? 127 GLY A N    1 
ATOM   701  C CA   . GLY A 1 47 ? -8.340  -9.563  2.619   1.00 16.92 ? 127 GLY A CA   1 
ATOM   702  C C    . GLY A 1 47 ? -8.648  -8.142  3.071   1.00 15.89 ? 127 GLY A C    1 
ATOM   703  O O    . GLY A 1 47 ? -9.781  -7.675  2.932   1.00 18.33 ? 127 GLY A O    1 
ATOM   704  H H    . GLY A 1 47 ? -6.468  -9.946  2.150   1.00 19.51 ? 127 GLY A H    1 
ATOM   705  H HA2  . GLY A 1 47 ? -8.538  -9.621  1.671   1.00 20.30 ? 127 GLY A HA2  1 
ATOM   706  H HA3  . GLY A 1 47 ? -8.947  -10.160 3.086   1.00 20.30 ? 127 GLY A HA3  1 
ATOM   707  N N    A ARG A 1 48 ? -7.662  -7.440  3.604   0.97 13.94 ? 128 ARG A N    1 
ATOM   708  C CA   A ARG A 1 48 ? -7.884  -6.083  4.073   0.97 12.60 ? 128 ARG A CA   1 
ATOM   709  C C    A ARG A 1 48 ? -7.668  -5.076  2.956   0.97 11.62 ? 128 ARG A C    1 
ATOM   710  O O    A ARG A 1 48 ? -6.961  -5.344  1.986   0.97 13.18 ? 128 ARG A O    1 
ATOM   711  C CB   . ARG A 1 48 ? -6.952  -5.775  5.243   1.00 13.07 ? 128 ARG A CB   1 
ATOM   712  C CG   . ARG A 1 48 ? -7.132  -6.699  6.416   1.00 15.87 ? 128 ARG A CG   1 
ATOM   713  C CD   . ARG A 1 48 ? -6.465  -6.169  7.682   1.00 18.00 ? 128 ARG A CD   1 
ATOM   714  N NE   . ARG A 1 48 ? -5.040  -5.865  7.547   1.00 19.30 ? 128 ARG A NE   1 
ATOM   715  C CZ   . ARG A 1 48 ? -4.052  -6.741  7.736   1.00 18.76 ? 128 ARG A CZ   1 
ATOM   716  N NH1  . ARG A 1 48 ? -4.313  -8.006  8.033   1.00 20.02 ? 128 ARG A NH1  1 
ATOM   717  N NH2  . ARG A 1 48 ? -2.790  -6.346  7.614   1.00 20.80 ? 128 ARG A NH2  1 
ATOM   718  H H    A ARG A 1 48 ? -6.856  -7.726  3.705   0.97 16.73 ? 128 ARG A H    1 
ATOM   719  H HB2  A ARG A 1 48 ? -6.033  -5.853  4.940   0.97 15.68 ? 128 ARG A HB2  1 
ATOM   720  H HB3  A ARG A 1 48 ? -7.121  -4.870  5.549   0.97 15.68 ? 128 ARG A HB3  1 
ATOM   721  H HG2  . ARG A 1 48 ? -8.079  -6.802  6.597   1.00 19.05 ? 128 ARG A HG2  1 
ATOM   722  H HG3  . ARG A 1 48 ? -6.737  -7.559  6.206   1.00 19.05 ? 128 ARG A HG3  1 
ATOM   723  H HD2  . ARG A 1 48 ? -6.915  -5.352  7.949   1.00 21.60 ? 128 ARG A HD2  1 
ATOM   724  H HD3  . ARG A 1 48 ? -6.557  -6.835  8.381   1.00 21.60 ? 128 ARG A HD3  1 
ATOM   725  H HE   . ARG A 1 48 ? -4.823  -5.061  7.330   1.00 23.16 ? 128 ARG A HE   1 
ATOM   726  H HH11 . ARG A 1 48 ? -5.126  -8.268  8.121   1.00 24.03 ? 128 ARG A HH11 1 
ATOM   727  H HH12 . ARG A 1 48 ? -3.667  -8.562  8.147   1.00 24.03 ? 128 ARG A HH12 1 
ATOM   728  H HH21 . ARG A 1 48 ? -2.612  -5.530  7.413   1.00 24.96 ? 128 ARG A HH21 1 
ATOM   729  H HH22 . ARG A 1 48 ? -2.150  -6.911  7.720   1.00 24.96 ? 128 ARG A HH22 1 
ATOM   730  N N    . THR A 1 49 ? -8.289  -3.911  3.102   1.00 12.18 ? 129 THR A N    1 
ATOM   731  C CA   . THR A 1 49 ? -8.232  -2.845  2.103   1.00 13.05 ? 129 THR A CA   1 
ATOM   732  C C    . THR A 1 49 ? -7.775  -1.554  2.769   1.00 11.91 ? 129 THR A C    1 
ATOM   733  O O    . THR A 1 49 ? -8.112  -1.282  3.913   1.00 15.26 ? 129 THR A O    1 
ATOM   734  C CB   . THR A 1 49 ? -9.644  -2.621  1.469   1.00 16.99 ? 129 THR A CB   1 
ATOM   735  O OG1  . THR A 1 49 ? -10.118 -3.846  0.903   1.00 20.20 ? 129 THR A OG1  1 
ATOM   736  C CG2  . THR A 1 49 ? -9.623  -1.561  0.385   1.00 20.26 ? 129 THR A CG2  1 
ATOM   737  H H    A THR A 1 49 ? -8.763  -3.708  3.791   0.97 14.62 ? 129 THR A H    1 
ATOM   738  H HA   . THR A 1 49 ? -7.597  -3.083  1.395   1.00 15.66 ? 129 THR A HA   1 
ATOM   739  H HB   . THR A 1 49 ? -10.260 -2.332  2.160   1.00 20.39 ? 129 THR A HB   1 
ATOM   740  H HG1  . THR A 1 49 ? -10.175 -4.421  1.485   1.00 24.24 ? 129 THR A HG1  1 
ATOM   741  H HG21 . THR A 1 49 ? -9.023  -1.822  -0.318  1.00 24.32 ? 129 THR A HG21 1 
ATOM   742  H HG22 . THR A 1 49 ? -10.504 -1.449  0.018   1.00 24.32 ? 129 THR A HG22 1 
ATOM   743  H HG23 . THR A 1 49 ? -9.329  -0.723  0.751   1.00 24.32 ? 129 THR A HG23 1 
ATOM   744  N N    . GLY A 1 50 ? -7.001  -0.760  2.050   1.00 9.80  ? 130 GLY A N    1 
ATOM   745  C CA   . GLY A 1 50 ? -6.588  0.535   2.554   1.00 9.24  ? 130 GLY A CA   1 
ATOM   746  C C    . GLY A 1 50 ? -5.500  1.124   1.681   1.00 8.81  ? 130 GLY A C    1 
ATOM   747  O O    . GLY A 1 50 ? -5.087  0.531   0.694   1.00 9.08  ? 130 GLY A O    1 
ATOM   748  H H    . GLY A 1 50 ? -6.700  -0.949  1.268   1.00 11.76 ? 130 GLY A H    1 
ATOM   749  H HA2  . GLY A 1 50 ? -7.345  1.141   2.563   1.00 11.09 ? 130 GLY A HA2  1 
ATOM   750  H HA3  . GLY A 1 50 ? -6.248  0.444   3.458   1.00 11.09 ? 130 GLY A HA3  1 
ATOM   751  N N    . TYR A 1 51 ? -5.033  2.308   2.057   1.00 8.19  ? 131 TYR A N    1 
ATOM   752  C CA   . TYR A 1 51 ? -4.028  3.009   1.280   1.00 8.23  ? 131 TYR A CA   1 
ATOM   753  C C    . TYR A 1 51 ? -2.624  2.500   1.582   1.00 7.52  ? 131 TYR A C    1 
ATOM   754  O O    . TYR A 1 51 ? -2.278  2.200   2.724   1.00 8.44  ? 131 TYR A O    1 
ATOM   755  C CB   . TYR A 1 51 ? -4.100  4.514   1.543   1.00 9.14  ? 131 TYR A CB   1 
ATOM   756  C CG   . TYR A 1 51 ? -5.272  5.157   0.844   1.00 10.31 ? 131 TYR A CG   1 
ATOM   757  C CD1  . TYR A 1 51 ? -5.179  5.556   -0.483  1.00 11.86 ? 131 TYR A CD1  1 
ATOM   758  C CD2  . TYR A 1 51 ? -6.482  5.343   1.497   1.00 13.70 ? 131 TYR A CD2  1 
ATOM   759  C CE1  . TYR A 1 51 ? -6.257  6.135   -1.142  1.00 16.44 ? 131 TYR A CE1  1 
ATOM   760  C CE2  . TYR A 1 51 ? -7.566  5.921   0.851   1.00 16.85 ? 131 TYR A CE2  1 
ATOM   761  C CZ   . TYR A 1 51 ? -7.442  6.315   -0.465  1.00 19.74 ? 131 TYR A CZ   1 
ATOM   762  O OH   . TYR A 1 51 ? -8.516  6.885   -1.114  1.00 28.11 ? 131 TYR A OH   1 
ATOM   763  H H    . TYR A 1 51 ? -5.287  2.728   2.763   1.00 9.83  ? 131 TYR A H    1 
ATOM   764  H HA   . TYR A 1 51 ? -4.203  2.861   0.327   1.00 9.88  ? 131 TYR A HA   1 
ATOM   765  H HB2  . TYR A 1 51 ? -4.196  4.667   2.496   1.00 10.97 ? 131 TYR A HB2  1 
ATOM   766  H HB3  . TYR A 1 51 ? -3.288  4.934   1.216   1.00 10.97 ? 131 TYR A HB3  1 
ATOM   767  H HD1  . TYR A 1 51 ? -4.378  5.435   -0.940  1.00 14.23 ? 131 TYR A HD1  1 
ATOM   768  H HD2  . TYR A 1 51 ? -6.566  5.079   2.383   1.00 16.44 ? 131 TYR A HD2  1 
ATOM   769  H HE1  . TYR A 1 51 ? -6.177  6.402   -2.029  1.00 19.73 ? 131 TYR A HE1  1 
ATOM   770  H HE2  . TYR A 1 51 ? -8.370  6.042   1.304   1.00 20.22 ? 131 TYR A HE2  1 
ATOM   771  H HH   . TYR A 1 51 ? -8.742  7.573   -0.731  1.00 33.74 ? 131 TYR A HH   1 
ATOM   772  N N    . ILE A 1 52 ? -1.820  2.444   0.529   1.00 7.92  ? 132 ILE A N    1 
ATOM   773  C CA   . ILE A 1 52 ? -0.442  1.988   0.601   1.00 7.36  ? 132 ILE A CA   1 
ATOM   774  C C    . ILE A 1 52 ? 0.469   2.974   -0.110  1.00 7.28  ? 132 ILE A C    1 
ATOM   775  O O    . ILE A 1 52 ? 0.068   3.631   -1.063  1.00 8.25  ? 132 ILE A O    1 
ATOM   776  C CB   . ILE A 1 52 ? -0.261  0.573   -0.029  1.00 8.19  ? 132 ILE A CB   1 
ATOM   777  C CG1  . ILE A 1 52 ? -0.517  0.580   -1.534  1.00 10.12 ? 132 ILE A CG1  1 
ATOM   778  C CG2  . ILE A 1 52 ? -1.157  -0.419  0.675   1.00 8.96  ? 132 ILE A CG2  1 
ATOM   779  C CD1  . ILE A 1 52 ? -0.124  -0.698  -2.220  1.00 14.27 ? 132 ILE A CD1  1 
ATOM   780  H H    . ILE A 1 52 ? -2.060  2.674   -0.264  1.00 9.50  ? 132 ILE A H    1 
ATOM   781  H HA   . ILE A 1 52 ? -0.169  1.942   1.540   1.00 8.83  ? 132 ILE A HA   1 
ATOM   782  H HB   . ILE A 1 52 ? 0.658   0.299   0.115   1.00 9.82  ? 132 ILE A HB   1 
ATOM   783  H HG12 . ILE A 1 52 ? -1.464  0.720   -1.689  1.00 12.15 ? 132 ILE A HG12 1 
ATOM   784  H HG13 . ILE A 1 52 ? -0.007  1.301   -1.935  1.00 12.15 ? 132 ILE A HG13 1 
ATOM   785  H HG21 . ILE A 1 52 ? -1.037  -1.284  0.279   1.00 10.75 ? 132 ILE A HG21 1 
ATOM   786  H HG22 . ILE A 1 52 ? -0.920  -0.449  1.605   1.00 10.75 ? 132 ILE A HG22 1 
ATOM   787  H HG23 . ILE A 1 52 ? -2.070  -0.139  0.578   1.00 10.75 ? 132 ILE A HG23 1 
ATOM   788  H HD11 . ILE A 1 52 ? -0.313  -0.620  -3.158  1.00 17.13 ? 132 ILE A HD11 1 
ATOM   789  H HD12 . ILE A 1 52 ? 0.815   -0.848  -2.086  1.00 17.13 ? 132 ILE A HD12 1 
ATOM   790  H HD13 . ILE A 1 52 ? -0.627  -1.423  -1.843  1.00 17.13 ? 132 ILE A HD13 1 
ATOM   791  N N    . PRO A 1 53 ? 1.729   3.048   0.330   1.00 6.84  ? 133 PRO A N    1 
ATOM   792  C CA   . PRO A 1 53 ? 2.693   3.882   -0.379  1.00 7.28  ? 133 PRO A CA   1 
ATOM   793  C C    . PRO A 1 53 ? 3.174   3.142   -1.617  1.00 7.68  ? 133 PRO A C    1 
ATOM   794  O O    . PRO A 1 53 ? 3.710   2.041   -1.525  1.00 8.56  ? 133 PRO A O    1 
ATOM   795  C CB   . PRO A 1 53 ? 3.802   4.073   0.658   1.00 7.92  ? 133 PRO A CB   1 
ATOM   796  C CG   . PRO A 1 53 ? 3.742   2.853   1.514   1.00 7.20  ? 133 PRO A CG   1 
ATOM   797  C CD   . PRO A 1 53 ? 2.306   2.406   1.529   1.00 7.52  ? 133 PRO A CD   1 
ATOM   798  H HA   . PRO A 1 53 ? 2.303   4.747   -0.626  1.00 8.73  ? 133 PRO A HA   1 
ATOM   799  H HB2  . PRO A 1 53 ? 4.660   4.137   0.211   1.00 9.51  ? 133 PRO A HB2  1 
ATOM   800  H HB3  . PRO A 1 53 ? 3.626   4.870   1.182   1.00 9.51  ? 133 PRO A HB3  1 
ATOM   801  H HG2  . PRO A 1 53 ? 4.307   2.163   1.133   1.00 8.65  ? 133 PRO A HG2  1 
ATOM   802  H HG3  . PRO A 1 53 ? 4.036   3.075   2.412   1.00 8.65  ? 133 PRO A HG3  1 
ATOM   803  H HD2  . PRO A 1 53 ? 2.252   1.441   1.454   1.00 9.02  ? 133 PRO A HD2  1 
ATOM   804  H HD3  . PRO A 1 53 ? 1.861   2.726   2.330   1.00 9.02  ? 133 PRO A HD3  1 
ATOM   805  N N    . SER A 1 54 ? 2.985   3.743   -2.781  1.00 9.07  ? 134 SER A N    1 
ATOM   806  C CA   . SER A 1 54 ? 3.215   3.027   -4.030  1.00 10.80 ? 134 SER A CA   1 
ATOM   807  C C    . SER A 1 54 ? 4.673   2.638   -4.258  1.00 10.97 ? 134 SER A C    1 
ATOM   808  O O    . SER A 1 54 ? 4.947   1.729   -5.029  1.00 14.19 ? 134 SER A O    1 
ATOM   809  C CB   . SER A 1 54 ? 2.681   3.830   -5.218  1.00 14.15 ? 134 SER A CB   1 
ATOM   810  O OG   . SER A 1 54 ? 3.349   5.069   -5.343  1.00 16.73 ? 134 SER A OG   1 
ATOM   811  H H    . SER A 1 54 ? 2.728   4.557   -2.878  1.00 10.88 ? 134 SER A H    1 
ATOM   812  H HA   . SER A 1 54 ? 2.702   2.193   -3.996  1.00 12.96 ? 134 SER A HA   1 
ATOM   813  H HB2  . SER A 1 54 ? 2.815   3.317   -6.030  1.00 16.98 ? 134 SER A HB2  1 
ATOM   814  H HB3  . SER A 1 54 ? 1.734   3.996   -5.084  1.00 16.98 ? 134 SER A HB3  1 
ATOM   815  H HG   . SER A 1 54 ? 3.914   5.145   -4.752  1.00 20.07 ? 134 SER A HG   1 
ATOM   816  N N    . ASN A 1 55 ? 5.605   3.320   -3.593  1.00 9.17  ? 135 ASN A N    1 
ATOM   817  C CA   . ASN A 1 55 ? 7.010   2.971   -3.719  1.00 9.90  ? 135 ASN A CA   1 
ATOM   818  C C    . ASN A 1 55 ? 7.439   1.781   -2.858  1.00 9.35  ? 135 ASN A C    1 
ATOM   819  O O    . ASN A 1 55 ? 8.597   1.402   -2.882  1.00 11.89 ? 135 ASN A O    1 
ATOM   820  C CB   . ASN A 1 55 ? 7.929   4.180   -3.471  1.00 10.88 ? 135 ASN A CB   1 
ATOM   821  C CG   . ASN A 1 55 ? 7.724   4.835   -2.109  1.00 9.72  ? 135 ASN A CG   1 
ATOM   822  O OD1  . ASN A 1 55 ? 6.701   4.692   -1.457  1.00 10.73 ? 135 ASN A OD1  1 
ATOM   823  N ND2  . ASN A 1 55 ? 8.715   5.575   -1.685  1.00 12.19 ? 135 ASN A ND2  1 
ATOM   824  H H    . ASN A 1 55 ? 5.447   3.982   -3.067  1.00 11.00 ? 135 ASN A H    1 
ATOM   825  H HA   . ASN A 1 55 ? 7.158   2.702   -4.650  1.00 11.88 ? 135 ASN A HA   1 
ATOM   826  H HB2  . ASN A 1 55 ? 8.853   3.888   -3.524  1.00 13.06 ? 135 ASN A HB2  1 
ATOM   827  H HB3  . ASN A 1 55 ? 7.756   4.850   -4.151  1.00 13.06 ? 135 ASN A HB3  1 
ATOM   828  H HD21 . ASN A 1 55 ? 9.421   5.666   -2.168  1.00 14.62 ? 135 ASN A HD21 1 
ATOM   829  H HD22 . ASN A 1 55 ? 8.660   5.971   -0.923  1.00 14.62 ? 135 ASN A HD22 1 
ATOM   830  N N    . TYR A 1 56 ? 6.505   1.166   -2.137  1.00 8.26  ? 136 TYR A N    1 
ATOM   831  C CA   . TYR A 1 56 ? 6.816   -0.007  -1.326  1.00 7.58  ? 136 TYR A CA   1 
ATOM   832  C C    . TYR A 1 56 ? 6.446   -1.312  -2.029  1.00 8.96  ? 136 TYR A C    1 
ATOM   833  O O    . TYR A 1 56 ? 6.647   -2.383  -1.462  1.00 9.67  ? 136 TYR A O    1 
ATOM   834  C CB   . TYR A 1 56 ? 6.101   0.067   0.032   1.00 7.68  ? 136 TYR A CB   1 
ATOM   835  C CG   . TYR A 1 56 ? 6.841   0.888   1.071   1.00 7.29  ? 136 TYR A CG   1 
ATOM   836  C CD1  . TYR A 1 56 ? 7.336   2.149   0.760   1.00 9.41  ? 136 TYR A CD1  1 
ATOM   837  C CD2  . TYR A 1 56 ? 7.019   0.436   2.358   1.00 9.52  ? 136 TYR A CD2  1 
ATOM   838  C CE1  . TYR A 1 56 ? 8.023   2.919   1.682   1.00 10.64 ? 136 TYR A CE1  1 
ATOM   839  C CE2  . TYR A 1 56 ? 7.727   1.223   3.301   1.00 9.23  ? 136 TYR A CE2  1 
ATOM   840  C CZ   . TYR A 1 56 ? 8.223   2.452   2.933   1.00 9.25  ? 136 TYR A CZ   1 
ATOM   841  O OH   . TYR A 1 56 ? 8.923   3.168   3.870   1.00 10.49 ? 136 TYR A OH   1 
ATOM   842  H H    . TYR A 1 56 ? 5.680   1.409   -2.101  1.00 9.92  ? 136 TYR A H    1 
ATOM   843  H HA   . TYR A 1 56 ? 7.781   -0.024  -1.155  1.00 9.09  ? 136 TYR A HA   1 
ATOM   844  H HB2  . TYR A 1 56 ? 5.228   0.470   -0.096  1.00 9.21  ? 136 TYR A HB2  1 
ATOM   845  H HB3  . TYR A 1 56 ? 6.000   -0.832  0.382   1.00 9.21  ? 136 TYR A HB3  1 
ATOM   846  H HD1  . TYR A 1 56 ? 7.224   2.475   -0.104  1.00 11.30 ? 136 TYR A HD1  1 
ATOM   847  H HD2  . TYR A 1 56 ? 6.703   -0.404  2.602   1.00 11.42 ? 136 TYR A HD2  1 
ATOM   848  H HE1  . TYR A 1 56 ? 8.364   3.749   1.435   1.00 12.77 ? 136 TYR A HE1  1 
ATOM   849  H HE2  . TYR A 1 56 ? 7.867   0.903   4.164   1.00 11.08 ? 136 TYR A HE2  1 
ATOM   850  H HH   . TYR A 1 56 ? 8.555   3.889   4.004   1.00 12.59 ? 136 TYR A HH   1 
ATOM   851  N N    . VAL A 1 57 ? 5.899   -1.225  -3.241  1.00 9.99  ? 137 VAL A N    1 
ATOM   852  C CA   . VAL A 1 57 ? 5.436   -2.402  -3.962  1.00 10.59 ? 137 VAL A CA   1 
ATOM   853  C C    . VAL A 1 57 ? 6.024   -2.427  -5.366  1.00 11.54 ? 137 VAL A C    1 
ATOM   854  O O    . VAL A 1 57 ? 6.466   -1.408  -5.885  1.00 14.65 ? 137 VAL A O    1 
ATOM   855  C CB   . VAL A 1 57 ? 3.883   -2.459  -4.011  1.00 12.24 ? 137 VAL A CB   1 
ATOM   856  C CG1  . VAL A 1 57 ? 3.314   -2.509  -2.602  1.00 12.90 ? 137 VAL A CG1  1 
ATOM   857  C CG2  . VAL A 1 57 ? 3.318   -1.285  -4.782  1.00 14.31 ? 137 VAL A CG2  1 
ATOM   858  H H    . VAL A 1 57 ? 5.785   -0.488  -3.669  1.00 11.99 ? 137 VAL A H    1 
ATOM   859  H HA   . VAL A 1 57 ? 5.750   -3.203  -3.492  1.00 12.70 ? 137 VAL A HA   1 
ATOM   860  H HB   . VAL A 1 57 ? 3.612   -3.279  -4.473  1.00 14.68 ? 137 VAL A HB   1 
ATOM   861  H HG11 . VAL A 1 57 ? 2.355   -2.543  -2.653  1.00 15.48 ? 137 VAL A HG11 1 
ATOM   862  H HG12 . VAL A 1 57 ? 3.647   -3.293  -2.158  1.00 15.48 ? 137 VAL A HG12 1 
ATOM   863  H HG13 . VAL A 1 57 ? 3.588   -1.722  -2.126  1.00 15.48 ? 137 VAL A HG13 1 
ATOM   864  H HG21 . VAL A 1 57 ? 2.360   -1.350  -4.794  1.00 17.17 ? 137 VAL A HG21 1 
ATOM   865  H HG22 . VAL A 1 57 ? 3.585   -0.470  -4.350  1.00 17.17 ? 137 VAL A HG22 1 
ATOM   866  H HG23 . VAL A 1 57 ? 3.659   -1.306  -5.680  1.00 17.17 ? 137 VAL A HG23 1 
ATOM   867  N N    . ALA A 1 58 ? 6.039   -3.614  -5.963  1.00 13.76 ? 138 ALA A N    1 
ATOM   868  C CA   . ALA A 1 58 ? 6.497   -3.824  -7.334  1.00 16.55 ? 138 ALA A CA   1 
ATOM   869  C C    . ALA A 1 58 ? 5.449   -4.613  -8.079  1.00 15.44 ? 138 ALA A C    1 
ATOM   870  O O    . ALA A 1 58 ? 4.741   -5.418  -7.511  1.00 13.63 ? 138 ALA A O    1 
ATOM   871  C CB   . ALA A 1 58 ? 7.778   -4.593  -7.342  1.00 19.73 ? 138 ALA A CB   1 
ATOM   872  H H    . ALA A 1 58 ? 5.780   -4.340  -5.579  1.00 16.51 ? 138 ALA A H    1 
ATOM   873  H HA   . ALA A 1 58 ? 6.633   -2.963  -7.783  1.00 19.86 ? 138 ALA A HA   1 
ATOM   874  H HB1  . ALA A 1 58 ? 8.061   -4.720  -8.251  1.00 23.68 ? 138 ALA A HB1  1 
ATOM   875  H HB2  . ALA A 1 58 ? 8.443   -4.098  -6.858  1.00 23.68 ? 138 ALA A HB2  1 
ATOM   876  H HB3  . ALA A 1 58 ? 7.634   -5.444  -6.923  1.00 23.68 ? 138 ALA A HB3  1 
ATOM   877  N N    . PRO A 1 59 ? 5.366   -4.415  -9.385  1.00 18.88 ? 139 PRO A N    1 
ATOM   878  C CA   . PRO A 1 59 ? 4.389   -5.179  -10.159 1.00 19.28 ? 139 PRO A CA   1 
ATOM   879  C C    . PRO A 1 59 ? 4.697   -6.669  -10.148 1.00 20.10 ? 139 PRO A C    1 
ATOM   880  O O    . PRO A 1 59 ? 5.859   -7.051  -10.086 1.00 20.29 ? 139 PRO A O    1 
ATOM   881  C CB   . PRO A 1 59 ? 4.544   -4.602  -11.563 1.00 24.88 ? 139 PRO A CB   1 
ATOM   882  C CG   . PRO A 1 59 ? 5.901   -4.014  -11.591 1.00 27.45 ? 139 PRO A CG   1 
ATOM   883  C CD   . PRO A 1 59 ? 6.158   -3.503  -10.220 1.00 23.74 ? 139 PRO A CD   1 
ATOM   884  H HA   . PRO A 1 59 ? 3.479   -5.020  -9.830  1.00 23.13 ? 139 PRO A HA   1 
ATOM   885  H HB2  . PRO A 1 59 ? 4.464   -5.312  -12.218 1.00 29.86 ? 139 PRO A HB2  1 
ATOM   886  H HB3  . PRO A 1 59 ? 3.871   -3.919  -11.712 1.00 29.86 ? 139 PRO A HB3  1 
ATOM   887  H HG2  . PRO A 1 59 ? 6.546   -4.699  -11.826 1.00 32.94 ? 139 PRO A HG2  1 
ATOM   888  H HG3  . PRO A 1 59 ? 5.926   -3.288  -12.235 1.00 32.94 ? 139 PRO A HG3  1 
ATOM   889  H HD2  . PRO A 1 59 ? 7.101   -3.574  -10.001 1.00 28.49 ? 139 PRO A HD2  1 
ATOM   890  H HD3  . PRO A 1 59 ? 5.836   -2.592  -10.129 1.00 28.49 ? 139 PRO A HD3  1 
ATOM   891  N N    . SER A 1 60 ? 3.657   -7.496  -10.206 1.00 21.29 ? 140 SER A N    1 
ATOM   892  C CA   . SER A 1 60 ? 3.817   -8.938  -10.357 1.00 28.91 ? 140 SER A CA   1 
ATOM   893  C C    . SER A 1 60 ? 2.907   -9.483  -11.462 1.00 29.64 ? 140 SER A C    1 
ATOM   894  O O    . SER A 1 60 ? 1.883   -8.885  -11.787 1.00 34.21 ? 140 SER A O    1 
ATOM   895  C CB   . SER A 1 60 ? 3.519   -9.655  -9.043  1.00 37.13 ? 140 SER A CB   1 
ATOM   896  O OG   . SER A 1 60 ? 3.714   -11.050 -9.199  1.00 43.15 ? 140 SER A OG   1 
ATOM   897  H H    . SER A 1 60 ? 2.836   -7.241  -10.160 1.00 25.55 ? 140 SER A H    1 
ATOM   898  H HA   . SER A 1 60 ? 4.745   -9.132  -10.604 1.00 34.70 ? 140 SER A HA   1 
ATOM   899  H HB2  . SER A 1 60 ? 4.119   -9.324  -8.356  1.00 44.56 ? 140 SER A HB2  1 
ATOM   900  H HB3  . SER A 1 60 ? 2.596   -9.488  -8.792  1.00 44.56 ? 140 SER A HB3  1 
ATOM   901  H HG   . SER A 1 60 ? 3.554   -11.436 -8.494  1.00 51.78 ? 140 SER A HG   1 
HETATM 902  C C    . ACE B 2 1  ? 15.611  1.400   3.568   1.00 12.42 ? 0   ACE B C    1 
HETATM 903  O O    . ACE B 2 1  ? 15.669  1.503   2.343   1.00 14.99 ? 0   ACE B O    1 
HETATM 904  C CH3  . ACE B 2 1  ? 16.847  1.252   4.404   1.00 13.96 ? 0   ACE B CH3  1 
ATOM   905  N N    . ALA B 2 2  ? 14.422  1.417   4.156   1.00 10.98 ? 1   ALA B N    1 
ATOM   906  C CA   . ALA B 2 2  ? 13.176  1.560   3.420   1.00 10.67 ? 1   ALA B CA   1 
ATOM   907  C C    . ALA B 2 2  ? 13.076  2.950   2.822   1.00 11.05 ? 1   ALA B C    1 
ATOM   908  O O    . ALA B 2 2  ? 13.615  3.902   3.355   1.00 12.53 ? 1   ALA B O    1 
ATOM   909  C CB   . ALA B 2 2  ? 12.007  1.306   4.315   1.00 12.45 ? 1   ALA B CB   1 
ATOM   910  H H    . ALA B 2 2  ? 14.320  1.157   4.969   1.00 13.18 ? 1   ALA B H    1 
ATOM   911  H HA   . ALA B 2 2  ? 13.153  0.908   2.690   1.00 12.81 ? 1   ALA B HA   1 
ATOM   912  H HB1  . ALA B 2 2  ? 11.197  1.406   3.808   1.00 14.94 ? 1   ALA B HB1  1 
ATOM   913  H HB2  . ALA B 2 2  ? 12.066  0.414   4.662   1.00 14.94 ? 1   ALA B HB2  1 
ATOM   914  H HB3  . ALA B 2 2  ? 12.022  1.941   5.036   1.00 14.94 ? 1   ALA B HB3  1 
ATOM   915  N N    . PRO B 2 3  ? 12.357  3.072   1.707   1.00 12.79 ? 2   PRO B N    1 
ATOM   916  C CA   . PRO B 2 3  ? 12.272  4.380   1.068   1.00 14.42 ? 2   PRO B CA   1 
ATOM   917  C C    . PRO B 2 3  ? 11.471  5.359   1.895   1.00 11.50 ? 2   PRO B C    1 
ATOM   918  O O    . PRO B 2 3  ? 10.596  4.992   2.663   1.00 11.48 ? 2   PRO B O    1 
ATOM   919  C CB   . PRO B 2 3  ? 11.544  4.092   -0.251  1.00 21.16 ? 2   PRO B CB   1 
ATOM   920  C CG   . PRO B 2 3  ? 11.354  2.635   -0.348  1.00 17.79 ? 2   PRO B CG   1 
ATOM   921  C CD   . PRO B 2 3  ? 11.612  2.023   0.985   1.00 16.53 ? 2   PRO B CD   1 
ATOM   922  H HA   . PRO B 2 3  ? 13.165  4.742   0.886   1.00 17.30 ? 2   PRO B HA   1 
ATOM   923  H HB2  . PRO B 2 3  ? 10.684  4.543   -0.246  1.00 25.39 ? 2   PRO B HB2  1 
ATOM   924  H HB3  . PRO B 2 3  ? 12.084  4.410   -0.991  1.00 25.39 ? 2   PRO B HB3  1 
ATOM   925  H HG2  . PRO B 2 3  ? 10.443  2.454   -0.626  1.00 21.34 ? 2   PRO B HG2  1 
ATOM   926  H HG3  . PRO B 2 3  ? 11.976  2.279   -1.003  1.00 21.34 ? 2   PRO B HG3  1 
ATOM   927  H HD2  . PRO B 2 3  ? 10.776  1.831   1.437   1.00 19.83 ? 2   PRO B HD2  1 
ATOM   928  H HD3  . PRO B 2 3  ? 12.157  1.225   0.891   1.00 19.83 ? 2   PRO B HD3  1 
ATOM   929  N N    . PRO B 2 4  ? 11.771  6.642   1.736   1.00 11.93 ? 3   PRO B N    1 
ATOM   930  C CA   . PRO B 2 4  ? 10.908  7.634   2.367   1.00 11.54 ? 3   PRO B CA   1 
ATOM   931  C C    . PRO B 2 4  ? 9.490   7.514   1.816   1.00 10.08 ? 3   PRO B C    1 
ATOM   932  O O    . PRO B 2 4  ? 9.294   7.219   0.634   1.00 11.72 ? 3   PRO B O    1 
ATOM   933  C CB   . PRO B 2 4  ? 11.554  8.968   1.953   1.00 15.68 ? 3   PRO B CB   1 
ATOM   934  C CG   . PRO B 2 4  ? 12.931  8.634   1.609   1.00 21.47 ? 3   PRO B CG   1 
ATOM   935  C CD   . PRO B 2 4  ? 12.915  7.260   1.050   1.00 16.94 ? 3   PRO B CD   1 
ATOM   936  H HA   . PRO B 2 4  ? 10.908  7.541   3.343   1.00 13.85 ? 3   PRO B HA   1 
ATOM   937  H HB2  . PRO B 2 4  ? 11.087  9.332   1.185   1.00 18.82 ? 3   PRO B HB2  1 
ATOM   938  H HB3  . PRO B 2 4  ? 11.527  9.589   2.697   1.00 18.82 ? 3   PRO B HB3  1 
ATOM   939  H HG2  . PRO B 2 4  ? 13.259  9.264   0.948   1.00 25.77 ? 3   PRO B HG2  1 
ATOM   940  H HG3  . PRO B 2 4  ? 13.479  8.667   2.408   1.00 25.77 ? 3   PRO B HG3  1 
ATOM   941  H HD2  . PRO B 2 4  ? 12.763  7.284   0.091   1.00 20.33 ? 3   PRO B HD2  1 
ATOM   942  H HD3  . PRO B 2 4  ? 13.736  6.793   1.270   1.00 20.33 ? 3   PRO B HD3  1 
ATOM   943  N N    . LEU B 2 5  ? 8.510   7.784   2.664   1.00 8.90  ? 4   LEU B N    1 
ATOM   944  C CA   . LEU B 2 5  ? 7.125   7.704   2.241   1.00 8.64  ? 4   LEU B CA   1 
ATOM   945  C C    . LEU B 2 5  ? 6.776   8.911   1.374   1.00 8.84  ? 4   LEU B C    1 
ATOM   946  O O    . LEU B 2 5  ? 7.270   10.016  1.592   1.00 10.62 ? 4   LEU B O    1 
ATOM   947  C CB   . LEU B 2 5  ? 6.220   7.668   3.458   1.00 9.56  ? 4   LEU B CB   1 
ATOM   948  C CG   . LEU B 2 5  ? 6.375   6.403   4.303   1.00 10.38 ? 4   LEU B CG   1 
ATOM   949  C CD1  . LEU B 2 5  ? 5.602   6.539   5.600   1.00 12.96 ? 4   LEU B CD1  1 
ATOM   950  C CD2  . LEU B 2 5  ? 5.903   5.174   3.549   1.00 10.06 ? 4   LEU B CD2  1 
ATOM   951  H H    . LEU B 2 5  ? 8.620   8.014   3.485   1.00 10.68 ? 4   LEU B H    1 
ATOM   952  H HA   . LEU B 2 5  ? 6.984   6.887   1.718   1.00 10.37 ? 4   LEU B HA   1 
ATOM   953  H HB2  . LEU B 2 5  ? 6.425   8.430   4.023   1.00 11.48 ? 4   LEU B HB2  1 
ATOM   954  H HB3  . LEU B 2 5  ? 5.297   7.717   3.162   1.00 11.48 ? 4   LEU B HB3  1 
ATOM   955  H HG   . LEU B 2 5  ? 7.312   6.281   4.522   1.00 12.46 ? 4   LEU B HG   1 
ATOM   956  H HD11 . LEU B 2 5  ? 5.711   5.735   6.114   1.00 15.55 ? 4   LEU B HD11 1 
ATOM   957  H HD12 . LEU B 2 5  ? 5.942   7.292   6.089   1.00 15.55 ? 4   LEU B HD12 1 
ATOM   958  H HD13 . LEU B 2 5  ? 4.673   6.674   5.397   1.00 15.55 ? 4   LEU B HD13 1 
ATOM   959  H HD21 . LEU B 2 5  ? 6.016   4.403   4.110   1.00 12.08 ? 4   LEU B HD21 1 
ATOM   960  H HD22 . LEU B 2 5  ? 4.977   5.282   3.323   1.00 12.08 ? 4   LEU B HD22 1 
ATOM   961  H HD23 . LEU B 2 5  ? 6.426   5.076   2.750   1.00 12.08 ? 4   LEU B HD23 1 
ATOM   962  N N    . PRO B 2 6  ? 5.901   8.711   0.376   1.00 9.41  ? 5   PRO B N    1 
ATOM   963  C CA   . PRO B 2 6  ? 5.466   9.853   -0.438  1.00 11.15 ? 5   PRO B CA   1 
ATOM   964  C C    . PRO B 2 6  ? 4.590   10.779  0.369   1.00 11.13 ? 5   PRO B C    1 
ATOM   965  O O    . PRO B 2 6  ? 3.994   10.382  1.362   1.00 10.75 ? 5   PRO B O    1 
ATOM   966  C CB   . PRO B 2 6  ? 4.627   9.210   -1.552  1.00 13.23 ? 5   PRO B CB   1 
ATOM   967  C CG   . PRO B 2 6  ? 4.777   7.753   -1.418  1.00 14.98 ? 5   PRO B CG   1 
ATOM   968  C CD   . PRO B 2 6  ? 5.245   7.463   -0.032  1.00 10.19 ? 5   PRO B CD   1 
ATOM   969  H HA   . PRO B 2 6  ? 6.228   10.339  -0.817  1.00 13.38 ? 5   PRO B HA   1 
ATOM   970  H HB2  . PRO B 2 6  ? 3.698   9.465   -1.441  1.00 15.87 ? 5   PRO B HB2  1 
ATOM   971  H HB3  . PRO B 2 6  ? 4.958   9.506   -2.415  1.00 15.87 ? 5   PRO B HB3  1 
ATOM   972  H HG2  . PRO B 2 6  ? 3.921   7.328   -1.578  1.00 17.98 ? 5   PRO B HG2  1 
ATOM   973  H HG3  . PRO B 2 6  ? 5.431   7.440   -2.063  1.00 17.98 ? 5   PRO B HG3  1 
ATOM   974  H HD2  . PRO B 2 6  ? 4.491   7.274   0.546   1.00 12.23 ? 5   PRO B HD2  1 
ATOM   975  H HD3  . PRO B 2 6  ? 5.883   6.732   -0.036  1.00 12.23 ? 5   PRO B HD3  1 
ATOM   976  N N    . PRO B 2 7  ? 4.480   12.042  -0.068  1.00 13.16 ? 6   PRO B N    1 
ATOM   977  C CA   . PRO B 2 7  ? 3.510   12.952  0.549   1.00 14.71 ? 6   PRO B CA   1 
ATOM   978  C C    . PRO B 2 7  ? 2.117   12.356  0.412   1.00 14.19 ? 6   PRO B C    1 
ATOM   979  O O    . PRO B 2 7  ? 1.848   11.641  -0.544  1.00 13.59 ? 6   PRO B O    1 
ATOM   980  C CB   . PRO B 2 7  ? 3.625   14.231  -0.291  1.00 18.27 ? 6   PRO B CB   1 
ATOM   981  C CG   . PRO B 2 7  ? 4.917   14.114  -1.017  1.00 18.31 ? 6   PRO B CG   1 
ATOM   982  C CD   . PRO B 2 7  ? 5.067   12.641  -1.272  1.00 16.37 ? 6   PRO B CD   1 
ATOM   983  H HA   . PRO B 2 7  ? 3.724   13.131  1.489   1.00 17.65 ? 6   PRO B HA   1 
ATOM   984  H HB2  . PRO B 2 7  ? 2.885   14.277  -0.917  1.00 21.92 ? 6   PRO B HB2  1 
ATOM   985  H HB3  . PRO B 2 7  ? 3.629   15.005  0.292   1.00 21.92 ? 6   PRO B HB3  1 
ATOM   986  H HG2  . PRO B 2 7  ? 4.872   14.606  -1.851  1.00 21.97 ? 6   PRO B HG2  1 
ATOM   987  H HG3  . PRO B 2 7  ? 5.638   14.444  -0.459  1.00 21.97 ? 6   PRO B HG3  1 
ATOM   988  H HD2  . PRO B 2 7  ? 4.566   12.380  -2.061  1.00 19.64 ? 6   PRO B HD2  1 
ATOM   989  H HD3  . PRO B 2 7  ? 6.005   12.403  -1.348  1.00 19.64 ? 6   PRO B HD3  1 
ATOM   990  N N    . ARG B 2 8  ? 1.242   12.635  1.361   1.00 14.96 ? 7   ARG B N    1 
ATOM   991  C CA   . ARG B 2 8  ? -0.126  12.152  1.259   1.00 15.78 ? 7   ARG B CA   1 
ATOM   992  C C    . ARG B 2 8  ? -0.810  12.771  0.034   1.00 15.04 ? 7   ARG B C    1 
ATOM   993  O O    . ARG B 2 8  ? -0.423  13.841  -0.442  1.00 16.67 ? 7   ARG B O    1 
ATOM   994  C CB   . ARG B 2 8  ? -0.898  12.476  2.543   1.00 17.28 ? 7   ARG B CB   1 
ATOM   995  C CG   . ARG B 2 8  ? -0.364  11.767  3.789   1.00 18.88 ? 7   ARG B CG   1 
ATOM   996  C CD   . ARG B 2 8  ? -0.739  10.303  3.766   1.00 19.84 ? 7   ARG B CD   1 
ATOM   997  N NE   . ARG B 2 8  ? -0.012  9.489   4.730   1.00 19.79 ? 7   ARG B NE   1 
ATOM   998  C CZ   . ARG B 2 8  ? -0.383  8.252   5.043   1.00 17.77 ? 7   ARG B CZ   1 
ATOM   999  N NH1  . ARG B 2 8  ? -1.475  7.755   4.500   1.00 19.40 ? 7   ARG B NH1  1 
ATOM   1000 N NH2  . ARG B 2 8  ? 0.317   7.529   5.903   1.00 17.92 ? 7   ARG B NH2  1 
ATOM   1001 H H    . ARG B 2 8  ? 1.409   13.095  2.068   1.00 17.95 ? 7   ARG B H    1 
ATOM   1002 H HA   . ARG B 2 8  ? -0.116  11.179  1.145   1.00 18.94 ? 7   ARG B HA   1 
ATOM   1003 H HB2  . ARG B 2 8  ? -0.850  13.432  2.703   1.00 20.74 ? 7   ARG B HB2  1 
ATOM   1004 H HB3  . ARG B 2 8  ? -1.824  12.210  2.425   1.00 20.74 ? 7   ARG B HB3  1 
ATOM   1005 H HG2  . ARG B 2 8  ? 0.604   11.835  3.810   1.00 22.65 ? 7   ARG B HG2  1 
ATOM   1006 H HG3  . ARG B 2 8  ? -0.750  12.170  4.582   1.00 22.65 ? 7   ARG B HG3  1 
ATOM   1007 H HD2  . ARG B 2 8  ? -1.685  10.220  3.962   1.00 23.81 ? 7   ARG B HD2  1 
ATOM   1008 H HD3  . ARG B 2 8  ? -0.556  9.948   2.883   1.00 23.81 ? 7   ARG B HD3  1 
ATOM   1009 H HE   . ARG B 2 8  ? 0.779   9.741   4.956   1.00 23.75 ? 7   ARG B HE   1 
ATOM   1010 H HH11 . ARG B 2 8  ? -1.926  8.223   3.936   1.00 23.28 ? 7   ARG B HH11 1 
ATOM   1011 H HH12 . ARG B 2 8  ? -1.731  6.959   4.698   1.00 23.28 ? 7   ARG B HH12 1 
ATOM   1012 H HH21 . ARG B 2 8  ? 1.024   7.857   6.266   1.00 21.51 ? 7   ARG B HH21 1 
ATOM   1013 H HH22 . ARG B 2 8  ? 0.057   6.736   6.111   1.00 21.51 ? 7   ARG B HH22 1 
ATOM   1014 N N    . ASN B 2 9  ? -1.820  12.083  -0.489  1.00 16.22 ? 8   ASN B N    1 
ATOM   1015 C CA   . ASN B 2 9  ? -2.533  12.567  -1.663  1.00 17.37 ? 8   ASN B CA   1 
ATOM   1016 C C    . ASN B 2 9  ? -3.216  13.898  -1.389  1.00 21.07 ? 8   ASN B C    1 
ATOM   1017 O O    . ASN B 2 9  ? -3.721  14.146  -0.302  1.00 22.48 ? 8   ASN B O    1 
ATOM   1018 C CB   . ASN B 2 9  ? -3.588  11.566  -2.136  1.00 18.29 ? 8   ASN B CB   1 
ATOM   1019 C CG   . ASN B 2 9  ? -2.993  10.225  -2.564  1.00 17.25 ? 8   ASN B CG   1 
ATOM   1020 O OD1  . ASN B 2 9  ? -1.794  10.110  -2.833  1.00 16.40 ? 8   ASN B OD1  1 
ATOM   1021 N ND2  . ASN B 2 9  ? -3.846  9.206   -2.647  1.00 18.84 ? 8   ASN B ND2  1 
ATOM   1022 H H    . ASN B 2 9  ? -2.110  11.335  -0.182  1.00 19.47 ? 8   ASN B H    1 
ATOM   1023 H HA   . ASN B 2 9  ? -1.892  12.700  -2.392  1.00 20.85 ? 8   ASN B HA   1 
ATOM   1024 H HB2  . ASN B 2 9  ? -4.211  11.398  -1.411  1.00 21.95 ? 8   ASN B HB2  1 
ATOM   1025 H HB3  . ASN B 2 9  ? -4.061  11.940  -2.897  1.00 21.95 ? 8   ASN B HB3  1 
ATOM   1026 H HD21 . ASN B 2 9  ? -4.678  9.325   -2.464  1.00 22.61 ? 8   ASN B HD21 1 
ATOM   1027 H HD22 . ASN B 2 9  ? -3.565  8.429   -2.883  1.00 22.61 ? 8   ASN B HD22 1 
ATOM   1028 N N    . ARG B 2 10 ? -3.227  14.764  -2.386  1.00 23.98 ? 9   ARG B N    1 
ATOM   1029 C CA   . ARG B 2 10 ? -3.968  16.012  -2.269  1.00 25.40 ? 9   ARG B CA   1 
ATOM   1030 C C    . ARG B 2 10 ? -5.296  15.891  -3.011  1.00 29.18 ? 9   ARG B C    1 
ATOM   1031 O O    . ARG B 2 10 ? -5.435  15.062  -3.907  1.00 34.66 ? 9   ARG B O    1 
ATOM   1032 C CB   . ARG B 2 10 ? -3.151  17.168  -2.822  1.00 32.72 ? 9   ARG B CB   1 
ATOM   1033 C CG   . ARG B 2 10 ? -2.805  17.016  -4.292  1.00 37.47 ? 9   ARG B CG   1 
ATOM   1034 C CD   . ARG B 2 10 ? -1.969  18.177  -4.771  0.26 38.15 ? 9   ARG B CD   1 
ATOM   1035 N NE   . ARG B 2 10 ? -2.732  19.416  -4.882  0.12 39.10 ? 9   ARG B NE   1 
ATOM   1036 C CZ   . ARG B 2 10 ? -2.171  20.620  -4.920  1.00 39.50 ? 9   ARG B CZ   1 
ATOM   1037 N NH1  . ARG B 2 10 ? -0.853  20.728  -4.846  1.00 38.96 ? 9   ARG B NH1  1 
ATOM   1038 N NH2  . ARG B 2 10 ? -2.920  21.710  -5.020  1.00 41.51 ? 9   ARG B NH2  1 
ATOM   1039 H H    . ARG B 2 10 ? -2.819  14.657  -3.136  1.00 28.78 ? 9   ARG B H    1 
ATOM   1040 H HA   . ARG B 2 10 ? -4.157  16.190  -1.325  1.00 30.48 ? 9   ARG B HA   1 
ATOM   1041 H HB2  . ARG B 2 10 ? -3.657  17.989  -2.719  1.00 39.26 ? 9   ARG B HB2  1 
ATOM   1042 H HB3  . ARG B 2 10 ? -2.319  17.230  -2.326  1.00 39.26 ? 9   ARG B HB3  1 
ATOM   1043 H HG2  . ARG B 2 10 ? -2.296  16.199  -4.420  1.00 44.97 ? 9   ARG B HG2  1 
ATOM   1044 H HG3  . ARG B 2 10 ? -3.622  16.991  -4.814  1.00 44.97 ? 9   ARG B HG3  1 
ATOM   1045 H HD2  . ARG B 2 10 ? -1.245  18.326  -4.143  0.26 45.78 ? 9   ARG B HD2  1 
ATOM   1046 H HD3  . ARG B 2 10 ? -1.610  17.966  -5.648  0.26 45.78 ? 9   ARG B HD3  1 
ATOM   1047 H HE   . ARG B 2 10 ? -3.572  19.358  -5.056  0.12 46.92 ? 9   ARG B HE   1 
ATOM   1048 H HH11 . ARG B 2 10 ? -0.367  20.022  -4.780  1.00 46.76 ? 9   ARG B HH11 1 
ATOM   1049 H HH12 . ARG B 2 10 ? -0.484  21.505  -4.869  1.00 46.76 ? 9   ARG B HH12 1 
ATOM   1050 H HH21 . ARG B 2 10 ? -3.776  21.641  -5.066  1.00 49.81 ? 9   ARG B HH21 1 
ATOM   1051 H HH22 . ARG B 2 10 ? -2.551  22.487  -5.042  1.00 49.81 ? 9   ARG B HH22 1 
ATOM   1052 N N    . PRO B 2 11 ? -6.281  16.709  -2.625  1.00 31.36 ? 10  PRO B N    1 
ATOM   1053 C CA   . PRO B 2 11 ? -7.583  16.712  -3.295  1.00 35.34 ? 10  PRO B CA   1 
ATOM   1054 C C    . PRO B 2 11 ? -7.508  17.419  -4.643  1.00 37.61 ? 10  PRO B C    1 
ATOM   1055 O O    . PRO B 2 11 ? -7.315  16.739  -5.648  1.00 44.34 ? 10  PRO B O    1 
ATOM   1056 C CB   . PRO B 2 11 ? -8.463  17.502  -2.328  1.00 37.04 ? 10  PRO B CB   1 
ATOM   1057 C CG   . PRO B 2 11 ? -7.517  18.451  -1.675  1.00 38.51 ? 10  PRO B CG   1 
ATOM   1058 C CD   . PRO B 2 11 ? -6.217  17.708  -1.544  1.00 35.62 ? 10  PRO B CD   1 
ATOM   1059 H HA   . PRO B 2 11 ? -7.930  15.802  -3.405  1.00 42.41 ? 10  PRO B HA   1 
ATOM   1060 H HB2  . PRO B 2 11 ? -9.148  17.980  -2.821  1.00 44.45 ? 10  PRO B HB2  1 
ATOM   1061 H HB3  . PRO B 2 11 ? -8.857  16.902  -1.676  1.00 44.45 ? 10  PRO B HB3  1 
ATOM   1062 H HG2  . PRO B 2 11 ? -7.407  19.235  -2.235  1.00 46.21 ? 10  PRO B HG2  1 
ATOM   1063 H HG3  . PRO B 2 11 ? -7.858  18.699  -0.802  1.00 46.21 ? 10  PRO B HG3  1 
ATOM   1064 H HD2  . PRO B 2 11 ? -5.469  18.309  -1.683  1.00 42.75 ? 10  PRO B HD2  1 
ATOM   1065 H HD3  . PRO B 2 11 ? -6.165  17.269  -0.680  1.00 42.75 ? 10  PRO B HD3  1 
HETATM 1066 S S    . SO4 C 3 .  ? -3.592  -2.373  11.084  1.00 38.56 ? 201 SO4 A S    1 
HETATM 1067 O O1   . SO4 C 3 .  ? -4.653  -1.895  11.968  1.00 41.30 ? 201 SO4 A O1   1 
HETATM 1068 O O2   . SO4 C 3 .  ? -2.305  -2.274  11.773  1.00 45.68 ? 201 SO4 A O2   1 
HETATM 1069 O O3   . SO4 C 3 .  ? -3.846  -3.757  10.695  1.00 45.70 ? 201 SO4 A O3   1 
HETATM 1070 O O4   . SO4 C 3 .  ? -3.538  -1.577  9.856   1.00 37.48 ? 201 SO4 A O4   1 
HETATM 1071 O O    . HOH D 4 .  ? 9.741   -0.859  5.680   1.00 11.10 ? 301 HOH A O    1 
HETATM 1072 O O    . HOH D 4 .  ? -4.404  -3.024  7.625   1.00 15.94 ? 302 HOH A O    1 
HETATM 1073 O O    . HOH D 4 .  ? -2.511  -6.834  4.489   1.00 18.16 ? 303 HOH A O    1 
HETATM 1074 O O    . HOH D 4 .  ? -9.143  9.775   8.282   1.00 18.82 ? 304 HOH A O    1 
HETATM 1075 O O    . HOH D 4 .  ? 9.589   1.788   6.264   1.00 14.73 ? 305 HOH A O    1 
HETATM 1076 O O    . HOH D 4 .  ? 7.845   -11.627 4.637   1.00 23.81 ? 306 HOH A O    1 
HETATM 1077 O O    . HOH D 4 .  ? -4.963  1.122   9.319   1.00 26.91 ? 307 HOH A O    1 
HETATM 1078 O O    . HOH D 4 .  ? -2.101  13.753  -4.832  1.00 28.04 ? 308 HOH A O    1 
HETATM 1079 O O    . HOH D 4 .  ? -8.784  6.823   13.946  1.00 24.03 ? 309 HOH A O    1 
HETATM 1080 O O    . HOH D 4 .  ? 11.146  5.364   -3.538  1.00 25.69 ? 310 HOH A O    1 
HETATM 1081 O O    . HOH D 4 .  ? 9.129   -9.005  -1.907  1.00 26.64 ? 311 HOH A O    1 
HETATM 1082 O O    . HOH D 4 .  ? -1.739  8.186   -9.291  1.00 31.71 ? 312 HOH A O    1 
HETATM 1083 O O    . HOH D 4 .  ? 5.725   -13.343 -2.167  1.00 32.58 ? 313 HOH A O    1 
HETATM 1084 O O    . HOH D 4 .  ? 5.642   -11.860 -11.018 1.00 38.73 ? 314 HOH A O    1 
HETATM 1085 O O    . HOH D 4 .  ? -6.745  -1.761  6.451   1.00 28.86 ? 315 HOH A O    1 
HETATM 1086 O O    . HOH D 4 .  ? -9.042  3.034   3.582   1.00 28.37 ? 316 HOH A O    1 
HETATM 1087 O O    . HOH D 4 .  ? 12.731  -0.328  -3.588  1.00 29.25 ? 317 HOH A O    1 
HETATM 1088 O O    . HOH D 4 .  ? -6.580  9.787   -1.949  1.00 30.94 ? 318 HOH A O    1 
HETATM 1089 O O    . HOH D 4 .  ? 9.794   6.521   -5.932  1.00 33.87 ? 319 HOH A O    1 
HETATM 1090 O O    . HOH D 4 .  ? 0.830   -11.176 5.454   1.00 33.65 ? 320 HOH A O    1 
HETATM 1091 O O    . HOH D 4 .  ? 7.405   3.442   6.365   1.00 28.26 ? 321 HOH A O    1 
HETATM 1092 O O    . HOH D 4 .  ? 0.851   7.503   12.796  1.00 36.53 ? 322 HOH A O    1 
HETATM 1093 O O    . HOH D 4 .  ? -4.687  6.864   -5.491  1.00 28.66 ? 323 HOH A O    1 
HETATM 1094 O O    . HOH D 4 .  ? -11.524 -5.228  2.909   1.00 31.87 ? 324 HOH A O    1 
HETATM 1095 O O    . HOH D 4 .  ? 6.811   -11.552 -8.253  1.00 35.62 ? 325 HOH A O    1 
HETATM 1096 O O    . HOH D 4 .  ? -10.615 -4.190  4.694   1.00 29.81 ? 326 HOH A O    1 
HETATM 1097 O O    . HOH D 4 .  ? -13.195 9.094   9.986   1.00 28.76 ? 327 HOH A O    1 
HETATM 1098 O O    . HOH D 4 .  ? -0.417  -8.143  7.119   1.00 22.06 ? 328 HOH A O    1 
HETATM 1099 O O    . HOH D 4 .  ? 9.259   -11.332 -0.702  1.00 35.71 ? 329 HOH A O    1 
HETATM 1100 O O    . HOH D 4 .  ? -7.281  6.356   -4.545  1.00 31.78 ? 330 HOH A O    1 
HETATM 1101 O O    . HOH D 4 .  ? -1.743  -6.699  -12.733 1.00 35.44 ? 331 HOH A O    1 
HETATM 1102 O O    . HOH D 4 .  ? 9.836   -9.501  -4.770  1.00 39.72 ? 332 HOH A O    1 
HETATM 1103 O O    . HOH D 4 .  ? 9.286   -12.543 1.470   1.00 45.06 ? 333 HOH A O    1 
HETATM 1104 O O    . HOH D 4 .  ? -12.228 -5.992  5.191   1.00 34.01 ? 334 HOH A O    1 
HETATM 1105 O O    . HOH D 4 .  ? -5.333  -8.027  -10.071 1.00 53.49 ? 335 HOH A O    1 
HETATM 1106 O O    . HOH D 4 .  ? -7.106  2.522   -10.522 1.00 30.35 ? 336 HOH A O    1 
HETATM 1107 O O    . HOH D 4 .  ? -3.303  -15.811 2.989   1.00 32.19 ? 337 HOH A O    1 
HETATM 1108 O O    . HOH D 4 .  ? 0.919   6.902   -8.960  1.00 36.11 ? 338 HOH A O    1 
HETATM 1109 O O    . HOH D 4 .  ? 7.553   -8.828  -9.188  1.00 32.95 ? 339 HOH A O    1 
HETATM 1110 O O    . HOH D 4 .  ? -2.454  -10.001 8.983   1.00 40.16 ? 340 HOH A O    1 
HETATM 1111 O O    . HOH D 4 .  ? 4.635   -0.509  14.383  1.00 33.54 ? 341 HOH A O    1 
HETATM 1112 O O    . HOH D 4 .  ? -6.760  -9.659  8.111   1.00 37.07 ? 342 HOH A O    1 
HETATM 1113 O O    . HOH D 4 .  ? -4.690  2.030   11.384  1.00 39.54 ? 343 HOH A O    1 
HETATM 1114 O O    . HOH D 4 .  ? 2.966   6.650   13.195  1.00 39.47 ? 344 HOH A O    1 
HETATM 1115 O O    . HOH D 4 .  ? 9.249   -0.175  -6.566  1.00 48.20 ? 345 HOH A O    1 
HETATM 1116 O O    . HOH D 4 .  ? 10.512  -10.608 5.295   1.00 39.44 ? 346 HOH A O    1 
HETATM 1117 O O    . HOH D 4 .  ? -3.196  0.813   12.888  1.00 37.52 ? 347 HOH A O    1 
HETATM 1118 O O    . HOH D 4 .  ? -1.132  10.790  -10.031 1.00 47.49 ? 348 HOH A O    1 
HETATM 1119 O O    . HOH D 4 .  ? 2.529   -1.747  15.688  1.00 49.07 ? 349 HOH A O    1 
HETATM 1120 O O    . HOH D 4 .  ? 3.350   13.181  -4.227  1.00 45.98 ? 350 HOH A O    1 
HETATM 1121 O O    . HOH D 4 .  ? -7.774  1.204   10.386  1.00 41.53 ? 351 HOH A O    1 
HETATM 1122 O O    . HOH D 4 .  ? -6.302  -3.249  -10.742 1.00 47.51 ? 352 HOH A O    1 
HETATM 1123 O O    . HOH D 4 .  ? 10.552  7.658   -7.950  1.00 51.24 ? 353 HOH A O    1 
HETATM 1124 O O    . HOH D 4 .  ? 9.100   -1.905  -8.829  1.00 45.76 ? 354 HOH A O    1 
HETATM 1125 O O    . HOH D 4 .  ? -2.705  12.957  -8.816  1.00 45.04 ? 355 HOH A O    1 
HETATM 1126 O O    . HOH D 4 .  ? 7.592   -13.804 -8.908  1.00 43.25 ? 356 HOH A O    1 
HETATM 1127 O O    . HOH D 4 .  ? -7.743  -13.161 -1.945  1.00 40.90 ? 357 HOH A O    1 
HETATM 1128 O O    . HOH D 4 .  ? 1.979   -13.734 -1.201  1.00 47.75 ? 358 HOH A O    1 
HETATM 1129 O O    . HOH D 4 .  ? -4.924  -11.771 8.686   1.00 39.10 ? 359 HOH A O    1 
HETATM 1130 O O    . HOH D 4 .  ? 13.309  7.994   -7.278  1.00 49.46 ? 360 HOH A O    1 
HETATM 1131 O O    . HOH E 4 .  ? -3.280  10.160  1.014   1.00 25.26 ? 101 HOH B O    1 
HETATM 1132 O O    . HOH E 4 .  ? -3.798  8.963   3.122   1.00 27.85 ? 102 HOH B O    1 
HETATM 1133 O O    . HOH E 4 .  ? 2.577   8.903   6.303   1.00 30.92 ? 103 HOH B O    1 
HETATM 1134 O O    . HOH E 4 .  ? 0.616   11.467  -3.128  1.00 25.77 ? 104 HOH B O    1 
HETATM 1135 O O    . HOH E 4 .  ? 16.120  4.695   4.215   1.00 28.47 ? 105 HOH B O    1 
HETATM 1136 O O    . HOH E 4 .  ? -4.369  12.553  2.129   1.00 27.75 ? 106 HOH B O    1 
HETATM 1137 O O    . HOH E 4 .  ? 1.988   14.384  3.536   1.00 30.87 ? 107 HOH B O    1 
HETATM 1138 O O    . HOH E 4 .  ? 15.866  -0.361  0.302   1.00 33.65 ? 108 HOH B O    1 
HETATM 1139 O O    . HOH E 4 .  ? 0.544   15.362  -2.649  1.00 41.07 ? 109 HOH B O    1 
HETATM 1140 O O    . HOH E 4 .  ? 0.473   16.075  1.016   1.00 38.82 ? 110 HOH B O    1 
HETATM 1141 O O    . HOH E 4 .  ? 16.203  3.866   6.944   1.00 27.64 ? 111 HOH B O    1 
HETATM 1142 O O    . HOH E 4 .  ? -3.203  14.803  3.750   1.00 40.94 ? 112 HOH B O    1 
HETATM 1143 O O    . HOH E 4 .  ? 3.931   15.685  3.193   1.00 52.27 ? 113 HOH B O    1 
# 
loop_
_atom_site_anisotrop.id 
_atom_site_anisotrop.type_symbol 
_atom_site_anisotrop.pdbx_label_atom_id 
_atom_site_anisotrop.pdbx_label_alt_id 
_atom_site_anisotrop.pdbx_label_comp_id 
_atom_site_anisotrop.pdbx_label_asym_id 
_atom_site_anisotrop.pdbx_label_seq_id 
_atom_site_anisotrop.pdbx_PDB_ins_code 
_atom_site_anisotrop.U[1][1] 
_atom_site_anisotrop.U[2][2] 
_atom_site_anisotrop.U[3][3] 
_atom_site_anisotrop.U[1][2] 
_atom_site_anisotrop.U[1][3] 
_atom_site_anisotrop.U[2][3] 
_atom_site_anisotrop.pdbx_auth_seq_id 
_atom_site_anisotrop.pdbx_auth_comp_id 
_atom_site_anisotrop.pdbx_auth_asym_id 
_atom_site_anisotrop.pdbx_auth_atom_id 
1    N N   . THR A 5  ? 0.4740 0.5137 0.2079 -0.1310 -0.1175 0.0386  85  THR A N   
2    C CA  . THR A 5  ? 0.3520 0.4597 0.1739 -0.1060 -0.0560 -0.0612 85  THR A CA  
3    C C   . THR A 5  ? 0.2995 0.3953 0.1388 -0.1090 -0.0313 -0.0408 85  THR A C   
4    O O   . THR A 5  ? 0.3054 0.3754 0.1380 -0.0623 -0.0129 -0.0829 85  THR A O   
5    C CB  . THR A 5  ? 0.4967 0.4210 0.4621 -0.0845 -0.1731 -0.1442 85  THR A CB  
6    O OG1 . THR A 5  ? 0.4666 0.5245 0.5403 -0.0729 -0.1831 -0.1850 85  THR A OG1 
7    C CG2 . THR A 5  ? 0.4735 0.3894 0.4567 -0.1637 -0.1553 -0.0873 85  THR A CG2 
14   N N   . PHE A 6  ? 0.2249 0.2785 0.1085 -0.0298 -0.0337 -0.0308 86  PHE A N   
15   C CA  . PHE A 6  ? 0.2121 0.1977 0.0967 0.0118  -0.0259 -0.0405 86  PHE A CA  
16   C C   . PHE A 6  ? 0.2058 0.1866 0.1144 0.0142  -0.0135 -0.0410 86  PHE A C   
17   O O   . PHE A 6  ? 0.2081 0.2028 0.1539 -0.0083 -0.0234 -0.0196 86  PHE A O   
18   C CB  . PHE A 6  ? 0.2296 0.1982 0.1056 0.0292  -0.0292 -0.0266 86  PHE A CB  
19   C CG  . PHE A 6  ? 0.2395 0.2105 0.1092 0.0463  -0.0225 -0.0131 86  PHE A CG  
20   C CD1 . PHE A 6  ? 0.2460 0.2898 0.1599 0.0252  -0.0583 0.0086  86  PHE A CD1 
21   C CD2 . PHE A 6  ? 0.2844 0.1996 0.1683 0.0160  -0.0316 -0.0014 86  PHE A CD2 
22   C CE1 . PHE A 6  ? 0.3516 0.2981 0.1846 0.0356  -0.1048 0.0341  86  PHE A CE1 
23   C CE2 . PHE A 6  ? 0.3388 0.2615 0.2233 0.0101  -0.0322 -0.0114 86  PHE A CE2 
24   C CZ  . PHE A 6  ? 0.3595 0.3044 0.1427 0.0051  -0.0191 0.0197  86  PHE A CZ  
34   N N   . VAL A 7  ? 0.1832 0.1666 0.1144 -0.0156 -0.0076 -0.0458 87  VAL A N   
35   C CA  . VAL A 7  ? 0.1816 0.1437 0.1037 0.0104  -0.0116 -0.0407 87  VAL A CA  
36   C C   . VAL A 7  ? 0.1543 0.1213 0.0965 0.0125  -0.0066 -0.0306 87  VAL A C   
37   O O   . VAL A 7  ? 0.1949 0.1462 0.0828 -0.0091 -0.0042 -0.0362 87  VAL A O   
38   C CB  . VAL A 7  ? 0.2188 0.1497 0.1325 0.0088  0.0046  -0.0565 87  VAL A CB  
39   C CG1 . VAL A 7  ? 0.2555 0.2021 0.1875 0.0368  -0.0098 -0.0647 87  VAL A CG1 
40   C CG2 . VAL A 7  ? 0.2343 0.1435 0.1620 0.0370  -0.0237 -0.0594 87  VAL A CG2 
50   N N   . ALA A 8  ? 0.1456 0.1069 0.0911 0.0011  -0.0028 -0.0238 88  ALA A N   
51   C CA  . ALA A 8  ? 0.1328 0.1046 0.1000 0.0097  -0.0162 -0.0319 88  ALA A CA  
52   C C   . ALA A 8  ? 0.1382 0.1036 0.0862 0.0272  -0.0084 -0.0282 88  ALA A C   
53   O O   . ALA A 8  ? 0.1472 0.0991 0.1183 0.0189  -0.0066 -0.0295 88  ALA A O   
54   C CB  . ALA A 8  ? 0.1415 0.1198 0.0841 0.0205  -0.0072 -0.0267 88  ALA A CB  
60   N N   . LEU A 9  ? 0.1211 0.0970 0.0923 0.0148  -0.0057 -0.0247 89  LEU A N   
61   C CA  . LEU A 9  ? 0.1317 0.1289 0.0893 0.0140  0.0022  -0.0268 89  LEU A CA  
62   C C   . LEU A 9  ? 0.1267 0.0906 0.1041 0.0120  0.0007  -0.0074 89  LEU A C   
63   O O   . LEU A 9  ? 0.1227 0.1181 0.1124 0.0324  0.0051  -0.0203 89  LEU A O   
64   C CB  . LEU A 9  ? 0.1509 0.1754 0.1038 -0.0050 0.0102  -0.0022 89  LEU A CB  
65   C CG  . LEU A 9  ? 0.1991 0.2620 0.1003 -0.0198 0.0151  0.0023  89  LEU A CG  
66   C CD1 . LEU A 9  ? 0.2698 0.3169 0.1306 -0.0491 -0.0315 0.0336  89  LEU A CD1 
67   C CD2 . LEU A 9  ? 0.2987 0.3404 0.1372 0.0693  0.0034  -0.0823 89  LEU A CD2 
79   N N   . TYR A 10 ? 0.1144 0.1002 0.0820 0.0211  -0.0036 -0.0205 90  TYR A N   
80   C CA  . TYR A 10 ? 0.1025 0.0889 0.0943 0.0177  -0.0059 -0.0176 90  TYR A CA  
81   C C   . TYR A 10 ? 0.0937 0.0852 0.0819 0.0296  -0.0245 -0.0098 90  TYR A C   
82   O O   . TYR A 10 ? 0.1005 0.1479 0.0892 0.0305  -0.0217 -0.0215 90  TYR A O   
83   C CB  . TYR A 10 ? 0.1265 0.1007 0.1009 0.0199  -0.0022 -0.0113 90  TYR A CB  
84   C CG  . TYR A 10 ? 0.1491 0.0756 0.1112 0.0182  -0.0130 -0.0008 90  TYR A CG  
85   C CD1 . TYR A 10 ? 0.1389 0.0964 0.1444 0.0130  -0.0234 0.0056  90  TYR A CD1 
86   C CD2 . TYR A 10 ? 0.1609 0.1188 0.1238 -0.0050 -0.0252 0.0184  90  TYR A CD2 
87   C CE1 . TYR A 10 ? 0.1799 0.1169 0.2008 -0.0055 -0.0045 0.0084  90  TYR A CE1 
88   C CE2 . TYR A 10 ? 0.2623 0.1453 0.1357 -0.0141 -0.0198 0.0166  90  TYR A CE2 
89   C CZ  . TYR A 10 ? 0.2108 0.1324 0.1760 -0.0338 0.0434  -0.0006 90  TYR A CZ  
90   O OH  . TYR A 10 ? 0.2665 0.1956 0.2350 -0.0555 0.0791  -0.0190 90  TYR A OH  
100  N N   . ASP A 11 ? 0.0815 0.0824 0.0780 0.0256  -0.0184 -0.0145 91  ASP A N   
101  C CA  . ASP A 11 ? 0.0872 0.0710 0.0765 0.0061  -0.0065 -0.0133 91  ASP A CA  
102  C C   . ASP A 11 ? 0.0831 0.0730 0.0854 0.0083  -0.0143 -0.0172 91  ASP A C   
103  O O   . ASP A 11 ? 0.0796 0.0764 0.1125 0.0021  -0.0122 -0.0144 91  ASP A O   
104  C CB  . ASP A 11 ? 0.0869 0.0776 0.0877 0.0036  -0.0049 -0.0199 91  ASP A CB  
105  C CG  . ASP A 11 ? 0.1010 0.0795 0.1049 -0.0016 -0.0251 -0.0014 91  ASP A CG  
106  O OD1 . ASP A 11 ? 0.1698 0.0913 0.0899 0.0293  -0.0307 -0.0213 91  ASP A OD1 
107  O OD2 . ASP A 11 ? 0.1854 0.0884 0.0884 -0.0084 -0.0225 -0.0046 91  ASP A OD2 
112  N N   . TYR A 12 ? 0.0780 0.0708 0.1117 0.0046  -0.0016 -0.0238 92  TYR A N   
113  C CA  . TYR A 12 ? 0.0898 0.0682 0.0884 0.0029  -0.0024 -0.0183 92  TYR A CA  
114  C C   . TYR A 12 ? 0.1065 0.0576 0.1029 0.0075  -0.0133 -0.0147 92  TYR A C   
115  O O   . TYR A 12 ? 0.1020 0.0676 0.1187 -0.0041 0.0089  -0.0182 92  TYR A O   
116  C CB  . TYR A 12 ? 0.0802 0.0890 0.0922 0.0034  -0.0042 -0.0120 92  TYR A CB  
117  C CG  . TYR A 12 ? 0.0917 0.0836 0.0775 0.0047  -0.0041 0.0037  92  TYR A CG  
118  C CD1 . TYR A 12 ? 0.1034 0.0870 0.0959 -0.0096 -0.0231 0.0168  92  TYR A CD1 
119  C CD2 . TYR A 12 ? 0.0997 0.0742 0.0838 0.0043  -0.0024 -0.0020 92  TYR A CD2 
120  C CE1 . TYR A 12 ? 0.1190 0.0723 0.1189 -0.0052 -0.0358 0.0221  92  TYR A CE1 
121  C CE2 . TYR A 12 ? 0.0971 0.0868 0.0962 0.0145  0.0007  -0.0020 92  TYR A CE2 
122  C CZ  . TYR A 12 ? 0.1492 0.0661 0.0738 0.0225  -0.0086 0.0078  92  TYR A CZ  
123  O OH  . TYR A 12 ? 0.1789 0.0791 0.1163 0.0197  -0.0174 0.0037  92  TYR A OH  
133  N N   . GLU A 13 ? 0.0991 0.0716 0.0925 0.0109  -0.0037 -0.0185 93  GLU A N   
134  C CA  A GLU A 13 ? 0.1304 0.0412 0.1213 0.0129  -0.0234 0.0014  93  GLU A CA  
135  C CA  B GLU A 13 ? 0.1337 0.1090 0.0902 0.0088  0.0065  -0.0051 93  GLU A CA  
136  C C   . GLU A 13 ? 0.1134 0.0860 0.0909 0.0019  0.0236  -0.0173 93  GLU A C   
137  O O   . GLU A 13 ? 0.1285 0.0737 0.1298 0.0007  0.0156  0.0004  93  GLU A O   
138  C CB  A GLU A 13 ? 0.1260 0.1322 0.0890 -0.0040 0.0182  0.0058  93  GLU A CB  
139  C CB  B GLU A 13 ? 0.2360 0.2116 0.1203 0.0921  -0.0424 -0.0429 93  GLU A CB  
140  C CG  A GLU A 13 ? 0.1677 0.1790 0.1635 0.0450  -0.0505 0.0266  93  GLU A CG  
141  C CG  B GLU A 13 ? 0.3086 0.3207 0.1358 0.0451  -0.0438 -0.0157 93  GLU A CG  
142  C CD  A GLU A 13 ? 0.3446 0.3016 0.3120 0.0342  -0.1907 0.0143  93  GLU A CD  
143  C CD  B GLU A 13 ? 0.4757 0.3593 0.3031 0.0863  -0.1531 -0.0822 93  GLU A CD  
144  O OE1 A GLU A 13 ? 0.4717 0.3797 0.3329 0.0357  -0.2242 -0.0115 93  GLU A OE1 
145  O OE1 B GLU A 13 ? 0.5045 0.4051 0.3849 0.0812  -0.1930 -0.0990 93  GLU A OE1 
146  O OE2 A GLU A 13 ? 0.4270 0.4069 0.3902 0.0370  -0.2350 -0.0200 93  GLU A OE2 
147  O OE2 B GLU A 13 ? 0.4889 0.4720 0.2691 0.0550  -0.1236 -0.0731 93  GLU A OE2 
158  N N   . SER A 14 ? 0.1148 0.0663 0.1411 0.0125  0.0254  -0.0071 94  SER A N   
159  C CA  A SER A 14 ? 0.1529 0.1036 0.0983 0.0102  0.0227  0.0053  94  SER A CA  
160  C CA  B SER A 14 ? 0.0945 0.1017 0.1578 0.0317  0.0266  -0.0398 94  SER A CA  
161  C C   . SER A 14 ? 0.1182 0.1035 0.1453 0.0192  0.0146  -0.0246 94  SER A C   
162  O O   . SER A 14 ? 0.1867 0.1075 0.1260 0.0131  0.0298  -0.0164 94  SER A O   
163  C CB  A SER A 14 ? 0.1400 0.1471 0.0947 -0.0020 0.0413  0.0151  94  SER A CB  
164  C CB  B SER A 14 ? 0.1303 0.1429 0.2472 0.0269  -0.0110 -0.0575 94  SER A CB  
165  O OG  A SER A 14 ? 0.1046 0.1212 0.1871 0.0338  0.0106  -0.0116 94  SER A OG  
166  O OG  B SER A 14 ? 0.1549 0.2022 0.2628 -0.0111 0.0079  -0.0940 94  SER A OG  
175  N N   A ARG A 15 ? 0.1370 0.0529 0.1256 0.0307  -0.0135 -0.0150 95  ARG A N   
176  C CA  A ARG A 15 ? 0.1281 0.0773 0.1442 0.0305  0.0030  -0.0270 95  ARG A CA  
177  C C   A ARG A 15 ? 0.1307 0.0851 0.1468 0.0296  0.0089  -0.0188 95  ARG A C   
178  O O   A ARG A 15 ? 0.1403 0.0829 0.1938 0.0152  0.0126  -0.0571 95  ARG A O   
179  C CB  A ARG A 15 ? 0.1214 0.1028 0.1936 0.0273  0.0018  -0.0532 95  ARG A CB  
180  C CG  A ARG A 15 ? 0.1760 0.0940 0.1408 0.0110  0.0035  -0.0014 95  ARG A CG  
181  C CD  A ARG A 15 ? 0.2023 0.0826 0.1594 0.0140  0.0053  -0.0045 95  ARG A CD  
182  N NE  A ARG A 15 ? 0.1044 0.0806 0.1907 0.0157  -0.0452 -0.0022 95  ARG A NE  
183  C CZ  A ARG A 15 ? 0.1108 0.0665 0.1171 0.0017  -0.0015 0.0171  95  ARG A CZ  
184  N NH1 A ARG A 15 ? 0.0945 0.0678 0.1440 0.0068  -0.0148 0.0019  95  ARG A NH1 
185  N NH2 A ARG A 15 ? 0.1048 0.0724 0.2074 -0.0015 -0.0487 0.0084  95  ARG A NH2 
199  N N   . THR A 16 ? 0.1496 0.0950 0.1575 0.0469  -0.0011 -0.0416 96  THR A N   
200  C CA  . THR A 16 ? 0.1479 0.1020 0.1550 0.0341  0.0236  -0.0208 96  THR A CA  
201  C C   . THR A 16 ? 0.1594 0.0921 0.1462 0.0387  0.0043  -0.0115 96  THR A C   
202  O O   . THR A 16 ? 0.1782 0.0957 0.1767 0.0432  -0.0045 -0.0238 96  THR A O   
203  C CB  . THR A 16 ? 0.1806 0.1158 0.1579 0.0376  0.0352  -0.0105 96  THR A CB  
204  O OG1 . THR A 16 ? 0.2007 0.1742 0.1828 0.0603  0.0262  -0.0100 96  THR A OG1 
205  C CG2 . THR A 16 ? 0.2204 0.1468 0.1806 0.0528  0.0282  -0.0026 96  THR A CG2 
213  N N   . GLU A 17 ? 0.1502 0.1277 0.1505 0.0272  0.0289  -0.0396 97  GLU A N   
214  C CA  . GLU A 17 ? 0.1792 0.1463 0.1904 -0.0078 0.0399  -0.0232 97  GLU A CA  
215  C C   . GLU A 17 ? 0.1721 0.1437 0.1884 0.0222  0.0243  -0.0477 97  GLU A C   
216  O O   . GLU A 17 ? 0.2867 0.2065 0.2236 -0.0728 0.0226  -0.0639 97  GLU A O   
217  C CB  . GLU A 17 ? 0.2062 0.2271 0.2391 -0.0207 0.0786  -0.0707 97  GLU A CB  
218  C CG  . GLU A 17 ? 0.2486 0.2448 0.3044 0.0258  0.0477  -0.0545 97  GLU A CG  
219  C CD  . GLU A 17 ? 0.3515 0.2918 0.3761 0.0716  -0.0016 -0.0546 97  GLU A CD  
220  O OE1 . GLU A 17 ? 0.3195 0.3350 0.3538 0.0120  0.0693  -0.0412 97  GLU A OE1 
221  O OE2 . GLU A 17 ? 0.3224 0.2529 0.3572 0.0474  0.0304  -0.0173 97  GLU A OE2 
228  N N   . GLU A 18 ? 0.1377 0.1322 0.1557 0.0519  0.0140  -0.0316 98  GLU A N   
229  C CA  . GLU A 18 ? 0.1306 0.1782 0.1869 0.0764  -0.0139 -0.0374 98  GLU A CA  
230  C C   . GLU A 18 ? 0.0995 0.1191 0.1584 0.0272  0.0067  -0.0343 98  GLU A C   
231  O O   . GLU A 18 ? 0.1213 0.1604 0.1588 0.0395  -0.0258 -0.0446 98  GLU A O   
232  C CB  . GLU A 18 ? 0.3255 0.2996 0.1866 0.1831  -0.0583 -0.0561 98  GLU A CB  
233  C CG  . GLU A 18 ? 0.4877 0.3566 0.2910 0.1827  -0.1033 -0.0463 98  GLU A CG  
234  C CD  . GLU A 18 ? 0.6190 0.3314 0.2296 0.2163  -0.0712 -0.0610 98  GLU A CD  
235  O OE1 . GLU A 18 ? 0.7466 0.3526 0.2497 0.1754  -0.0837 -0.0772 98  GLU A OE1 
236  O OE2 . GLU A 18 ? 0.6424 0.3632 0.2886 0.1373  -0.0699 -0.0702 98  GLU A OE2 
243  N N   . ASP A 19 ? 0.1117 0.1054 0.1311 0.0368  -0.0069 -0.0361 99  ASP A N   
244  C CA  . ASP A 19 ? 0.1073 0.0718 0.1295 0.0190  0.0120  -0.0161 99  ASP A CA  
245  C C   . ASP A 19 ? 0.1081 0.1100 0.1179 0.0168  0.0177  -0.0131 99  ASP A C   
246  O O   . ASP A 19 ? 0.1684 0.1037 0.1602 0.0091  0.0493  -0.0150 99  ASP A O   
247  C CB  . ASP A 19 ? 0.1051 0.0806 0.1588 0.0140  0.0203  -0.0142 99  ASP A CB  
248  C CG  . ASP A 19 ? 0.1239 0.1477 0.1766 0.0409  0.0308  -0.0322 99  ASP A CG  
249  O OD1 . ASP A 19 ? 0.1853 0.1266 0.2238 0.0069  0.0243  0.0067  99  ASP A OD1 
250  O OD2 . ASP A 19 ? 0.1314 0.1068 0.2176 0.0165  0.0382  -0.0478 99  ASP A OD2 
255  N N   . LEU A 20 ? 0.0999 0.0698 0.1210 0.0166  0.0062  -0.0100 100 LEU A N   
256  C CA  . LEU A 20 ? 0.0917 0.0796 0.1200 0.0044  0.0102  -0.0127 100 LEU A CA  
257  C C   . LEU A 20 ? 0.0808 0.0739 0.1489 0.0002  0.0113  -0.0109 100 LEU A C   
258  O O   . LEU A 20 ? 0.0990 0.0993 0.1543 -0.0023 0.0000  0.0133  100 LEU A O   
259  C CB  . LEU A 20 ? 0.1014 0.0833 0.1576 0.0023  0.0021  -0.0268 100 LEU A CB  
260  C CG  . LEU A 20 ? 0.1060 0.1119 0.1626 -0.0127 0.0045  -0.0252 100 LEU A CG  
261  C CD1 . LEU A 20 ? 0.1356 0.1064 0.1828 -0.0072 -0.0153 -0.0150 100 LEU A CD1 
262  C CD2 . LEU A 20 ? 0.1979 0.1350 0.1527 -0.0135 0.0213  -0.0532 100 LEU A CD2 
274  N N   . SER A 21 ? 0.0966 0.0857 0.1369 0.0080  0.0137  -0.0037 101 SER A N   
275  C CA  A SER A 21 ? 0.1028 0.0818 0.1314 0.0064  -0.0012 -0.0141 101 SER A CA  
276  C CA  B SER A 21 ? 0.0991 0.0869 0.1562 0.0013  -0.0007 -0.0068 101 SER A CA  
277  C C   . SER A 21 ? 0.0959 0.0765 0.1357 -0.0060 -0.0026 -0.0106 101 SER A C   
278  O O   . SER A 21 ? 0.1067 0.0876 0.1966 -0.0023 -0.0151 -0.0380 101 SER A O   
279  C CB  A SER A 21 ? 0.1244 0.0863 0.1202 0.0278  -0.0120 -0.0298 101 SER A CB  
280  C CB  B SER A 21 ? 0.1644 0.1336 0.1882 -0.0219 -0.0311 0.0160  101 SER A CB  
281  O OG  A SER A 21 ? 0.1475 0.0691 0.1033 -0.0202 0.0117  -0.0184 101 SER A OG  
282  O OG  B SER A 21 ? 0.2670 0.2279 0.2324 -0.0927 -0.0369 -0.0024 101 SER A OG  
291  N N   . PHE A 22 ? 0.1016 0.0564 0.1107 0.0000  -0.0098 -0.0112 102 PHE A N   
292  C CA  . PHE A 22 ? 0.0985 0.0694 0.1149 -0.0003 -0.0064 -0.0111 102 PHE A CA  
293  C C   . PHE A 22 ? 0.1096 0.0616 0.0893 -0.0019 0.0032  -0.0062 102 PHE A C   
294  O O   . PHE A 22 ? 0.1108 0.0684 0.1183 -0.0029 -0.0104 -0.0187 102 PHE A O   
295  C CB  . PHE A 22 ? 0.1081 0.0757 0.1253 0.0006  -0.0241 -0.0171 102 PHE A CB  
296  C CG  . PHE A 22 ? 0.0986 0.0740 0.0919 0.0053  -0.0137 -0.0183 102 PHE A CG  
297  C CD1 . PHE A 22 ? 0.1102 0.0924 0.0934 0.0236  0.0004  -0.0149 102 PHE A CD1 
298  C CD2 . PHE A 22 ? 0.0940 0.0803 0.1126 0.0040  -0.0145 -0.0038 102 PHE A CD2 
299  C CE1 . PHE A 22 ? 0.1000 0.1009 0.0865 0.0131  -0.0006 -0.0124 102 PHE A CE1 
300  C CE2 . PHE A 22 ? 0.1030 0.0887 0.1205 0.0163  -0.0266 -0.0013 102 PHE A CE2 
301  C CZ  . PHE A 22 ? 0.0989 0.1047 0.0903 0.0027  -0.0109 0.0052  102 PHE A CZ  
311  N N   . LYS A 23 ? 0.1156 0.0637 0.1214 0.0054  -0.0195 -0.0197 103 LYS A N   
312  C CA  . LYS A 23 ? 0.1144 0.0738 0.1314 0.0171  -0.0275 -0.0122 103 LYS A CA  
313  C C   . LYS A 23 ? 0.1368 0.0754 0.1017 0.0047  -0.0126 -0.0255 103 LYS A C   
314  O O   . LYS A 23 ? 0.1388 0.0982 0.1189 0.0128  -0.0352 -0.0313 103 LYS A O   
315  C CB  . LYS A 23 ? 0.1285 0.1066 0.1592 0.0216  -0.0249 0.0016  103 LYS A CB  
316  C CG  . LYS A 23 ? 0.1803 0.1611 0.1504 0.0211  0.0068  0.0266  103 LYS A CG  
317  C CD  . LYS A 23 ? 0.2481 0.2293 0.1746 -0.0274 0.0034  0.0707  103 LYS A CD  
318  C CE  . LYS A 23 ? 0.2548 0.3065 0.2847 -0.0827 -0.0104 0.0851  103 LYS A CE  
319  N NZ  . LYS A 23 ? 0.3695 0.3785 0.4529 -0.0457 -0.1070 0.0215  103 LYS A NZ  
333  N N   . LYS A 24 ? 0.1285 0.0856 0.0995 0.0000  -0.0163 -0.0224 104 LYS A N   
334  C CA  . LYS A 24 ? 0.1428 0.0807 0.1045 0.0092  -0.0178 -0.0201 104 LYS A CA  
335  C C   . LYS A 24 ? 0.1265 0.0827 0.1243 0.0152  -0.0062 -0.0128 104 LYS A C   
336  O O   . LYS A 24 ? 0.1657 0.0940 0.1415 0.0054  -0.0167 -0.0217 104 LYS A O   
337  C CB  . LYS A 24 ? 0.1207 0.1242 0.1479 0.0114  -0.0030 -0.0352 104 LYS A CB  
338  C CG  . LYS A 24 ? 0.1625 0.1485 0.1972 0.0152  0.0050  -0.0229 104 LYS A CG  
339  C CD  . LYS A 24 ? 0.1557 0.1870 0.2992 0.0168  0.0099  -0.0664 104 LYS A CD  
340  C CE  . LYS A 24 ? 0.2026 0.3652 0.4713 -0.0052 -0.0385 -0.1540 104 LYS A CE  
341  N NZ  . LYS A 24 ? 0.2583 0.4104 0.5910 0.0634  -0.1120 -0.2265 104 LYS A NZ  
355  N N   . GLY A 25 ? 0.1535 0.1001 0.1107 0.0226  -0.0192 -0.0314 105 GLY A N   
356  C CA  . GLY A 25 ? 0.1825 0.1147 0.1438 0.0186  -0.0303 -0.0621 105 GLY A CA  
357  C C   . GLY A 25 ? 0.1798 0.1057 0.1455 -0.0033 -0.0237 -0.0540 105 GLY A C   
358  O O   . GLY A 25 ? 0.2055 0.1423 0.1812 -0.0018 -0.0433 -0.0851 105 GLY A O   
362  N N   . GLU A 26 ? 0.1570 0.1187 0.1304 0.0090  -0.0249 -0.0350 106 GLU A N   
363  C CA  . GLU A 26 ? 0.1539 0.1448 0.1607 -0.0075 -0.0147 -0.0328 106 GLU A CA  
364  C C   . GLU A 26 ? 0.1371 0.1319 0.1469 0.0168  -0.0114 -0.0290 106 GLU A C   
365  O O   . GLU A 26 ? 0.1681 0.1783 0.1496 -0.0360 -0.0213 -0.0165 106 GLU A O   
366  C CB  . GLU A 26 ? 0.1793 0.1977 0.1589 0.0047  0.0128  -0.0380 106 GLU A CB  
367  C CG  . GLU A 26 ? 0.2903 0.2374 0.2201 0.0147  -0.0462 -0.0641 106 GLU A CG  
368  C CD  . GLU A 26 ? 0.1954 0.1903 0.1811 -0.0214 0.0006  -0.0251 106 GLU A CD  
369  O OE1 . GLU A 26 ? 0.1572 0.1312 0.2509 -0.0229 -0.0460 -0.0283 106 GLU A OE1 
370  O OE2 . GLU A 26 ? 0.3012 0.2023 0.1944 -0.0194 -0.0542 -0.0691 106 GLU A OE2 
377  N N   . ARG A 27 ? 0.1417 0.1315 0.1538 -0.0138 -0.0214 -0.0249 107 ARG A N   
378  C CA  . ARG A 27 ? 0.1539 0.1468 0.1738 0.0037  -0.0304 -0.0576 107 ARG A CA  
379  C C   . ARG A 27 ? 0.1421 0.1510 0.1539 -0.0039 -0.0233 -0.0542 107 ARG A C   
380  O O   . ARG A 27 ? 0.1448 0.1717 0.1950 -0.0211 -0.0120 -0.0357 107 ARG A O   
381  C CB  . ARG A 27 ? 0.2256 0.1868 0.2183 0.0483  -0.0395 -0.0975 107 ARG A CB  
382  C CG  . ARG A 27 ? 0.3934 0.3141 0.3653 0.1129  -0.0906 -0.1807 107 ARG A CG  
383  C CD  . ARG A 27 ? 0.4270 0.4282 0.3756 0.0779  -0.0761 -0.1548 107 ARG A CD  
384  N NE  . ARG A 27 ? 0.4675 0.4036 0.3990 0.0428  -0.0394 -0.1688 107 ARG A NE  
385  C CZ  . ARG A 27 ? 0.4817 0.3085 0.4236 0.0076  0.0073  -0.1845 107 ARG A CZ  
386  N NH1 . ARG A 27 ? 0.5521 0.2936 0.4450 0.0504  -0.0218 -0.1990 107 ARG A NH1 
387  N NH2 . ARG A 27 ? 0.5072 0.3471 0.4894 0.0349  -0.0355 -0.2046 107 ARG A NH2 
401  N N   . LEU A 28 ? 0.1588 0.1767 0.1554 0.0300  -0.0274 -0.0295 108 LEU A N   
402  C CA  . LEU A 28 ? 0.2095 0.1891 0.1704 0.0573  -0.0516 -0.0214 108 LEU A CA  
403  C C   . LEU A 28 ? 0.2283 0.2533 0.1722 0.0837  -0.0487 -0.0588 108 LEU A C   
404  O O   . LEU A 28 ? 0.2121 0.3302 0.1662 0.0548  -0.0463 -0.0121 108 LEU A O   
405  C CB  . LEU A 28 ? 0.2738 0.1546 0.1637 0.0491  -0.0247 -0.0086 108 LEU A CB  
406  C CG  . LEU A 28 ? 0.2650 0.1884 0.1708 0.0106  0.0012  -0.0535 108 LEU A CG  
407  C CD1 . LEU A 28 ? 0.4406 0.2626 0.2791 -0.0855 -0.0988 -0.0134 108 LEU A CD1 
408  C CD2 . LEU A 28 ? 0.2432 0.3873 0.2561 -0.0063 -0.0610 -0.1046 108 LEU A CD2 
420  N N   . GLN A 29 ? 0.2008 0.2427 0.2163 0.0894  -0.0862 -0.0759 109 GLN A N   
421  C CA  . GLN A 29 ? 0.2589 0.2784 0.2563 0.0817  -0.1389 -0.0747 109 GLN A CA  
422  C C   . GLN A 29 ? 0.1773 0.2552 0.1644 0.0786  -0.0817 -0.0504 109 GLN A C   
423  O O   . GLN A 29 ? 0.2603 0.2299 0.1691 0.0420  -0.0477 -0.0495 109 GLN A O   
424  C CB  . GLN A 29 ? 0.3520 0.3007 0.4623 0.0541  -0.2285 -0.0989 109 GLN A CB  
425  C CG  . GLN A 29 ? 0.4936 0.4649 0.5783 -0.0088 -0.2562 -0.1129 109 GLN A CG  
426  C CD  . GLN A 29 ? 0.4881 0.5947 0.6367 -0.0383 -0.2539 -0.1000 109 GLN A CD  
427  O OE1 . GLN A 29 ? 0.4364 0.6411 0.6963 0.0096  -0.2798 -0.0963 109 GLN A OE1 
428  N NE2 . GLN A 29 ? 0.4977 0.6218 0.6083 -0.0406 -0.2162 -0.1065 109 GLN A NE2 
437  N N   . ILE A 30 ? 0.1943 0.3173 0.1625 0.0805  -0.0667 -0.0682 110 ILE A N   
438  C CA  . ILE A 30 ? 0.1566 0.3092 0.1559 0.0338  -0.0156 -0.0214 110 ILE A CA  
439  C C   . ILE A 30 ? 0.1601 0.3115 0.1380 0.0312  -0.0462 -0.0382 110 ILE A C   
440  O O   . ILE A 30 ? 0.2720 0.3996 0.1898 0.1001  -0.0903 -0.0987 110 ILE A O   
441  C CB  . ILE A 30 ? 0.1999 0.3580 0.2382 0.0249  -0.0044 -0.0239 110 ILE A CB  
442  C CG1 . ILE A 30 ? 0.2295 0.4195 0.2332 0.0015  0.0211  -0.0232 110 ILE A CG1 
443  C CG2 . ILE A 30 ? 0.2742 0.3836 0.2293 -0.0194 0.0021  0.0059  110 ILE A CG2 
444  C CD1 . ILE A 30 ? 0.1921 0.4206 0.3187 -0.0171 -0.0098 -0.0108 110 ILE A CD1 
456  N N   . VAL A 31 ? 0.1472 0.2287 0.1423 0.0144  -0.0466 -0.0400 111 VAL A N   
457  C CA  . VAL A 31 ? 0.1287 0.2178 0.1455 0.0022  -0.0480 -0.0143 111 VAL A CA  
458  C C   . VAL A 31 ? 0.1364 0.2783 0.1849 -0.0329 -0.0539 0.0205  111 VAL A C   
459  O O   . VAL A 31 ? 0.1799 0.3350 0.1936 -0.0307 -0.0936 0.0472  111 VAL A O   
460  C CB  . VAL A 31 ? 0.1345 0.1929 0.1938 -0.0066 -0.0723 -0.0059 111 VAL A CB  
461  C CG1 . VAL A 31 ? 0.1160 0.2258 0.2094 -0.0158 -0.0436 -0.0133 111 VAL A CG1 
462  C CG2 . VAL A 31 ? 0.1245 0.2366 0.1917 0.0070  -0.0283 -0.0114 111 VAL A CG2 
472  N N   . ASN A 32 ? 0.1610 0.2606 0.1688 -0.0261 -0.0645 0.0484  112 ASN A N   
473  C CA  . ASN A 32 ? 0.1569 0.3016 0.2258 -0.0368 -0.0664 0.0565  112 ASN A CA  
474  C C   . ASN A 32 ? 0.1820 0.3579 0.1749 -0.0760 -0.0643 0.1031  112 ASN A C   
475  O O   . ASN A 32 ? 0.2051 0.3245 0.1441 -0.0459 -0.0639 0.0777  112 ASN A O   
476  C CB  . ASN A 32 ? 0.1761 0.3098 0.2958 -0.0630 -0.0779 0.0923  112 ASN A CB  
477  C CG  . ASN A 32 ? 0.3232 0.3451 0.3381 -0.1264 -0.1529 0.1569  112 ASN A CG  
478  O OD1 . ASN A 32 ? 0.4067 0.3665 0.4596 -0.1626 -0.2256 0.1594  112 ASN A OD1 
479  N ND2 . ASN A 32 ? 0.3441 0.2944 0.4378 -0.0681 -0.1918 0.1359  112 ASN A ND2 
486  N N   . ASN A 33 ? 0.2452 0.5243 0.1823 -0.1323 -0.0477 0.1017  113 ASN A N   
487  C CA  . ASN A 33 ? 0.2265 0.5964 0.2204 -0.1473 -0.0488 0.1406  113 ASN A CA  
488  C C   . ASN A 33 ? 0.2655 0.6158 0.3189 -0.1569 -0.0928 0.2015  113 ASN A C   
489  O O   . ASN A 33 ? 0.3551 0.6579 0.3699 -0.2258 -0.1300 0.2450  113 ASN A O   
490  C CB  . ASN A 33 ? 0.2767 0.7026 0.1992 -0.1596 -0.0270 0.0562  113 ASN A CB  
491  C CG  . ASN A 33 ? 0.2987 0.7864 0.2205 -0.1264 -0.0346 0.0093  113 ASN A CG  
492  O OD1 . ASN A 33 ? 0.3714 0.8290 0.2417 -0.0842 -0.0668 -0.0055 113 ASN A OD1 
493  N ND2 . ASN A 33 ? 0.4150 0.7661 0.2967 -0.0996 -0.0977 -0.0487 113 ASN A ND2 
500  N N   . THR A 34 ? 0.3220 0.5253 0.3616 -0.1632 -0.1229 0.2333  114 THR A N   
501  C CA  . THR A 34 ? 0.3629 0.5069 0.3811 -0.0772 -0.1318 0.2275  114 THR A CA  
502  C C   . THR A 34 ? 0.3908 0.4683 0.4262 -0.0527 -0.1397 0.2356  114 THR A C   
503  O O   . THR A 34 ? 0.4211 0.5074 0.4756 -0.0554 -0.1618 0.2533  114 THR A O   
504  C CB  . THR A 34 ? 0.3816 0.5701 0.4084 -0.0717 -0.1463 0.2369  114 THR A CB  
505  O OG1 . THR A 34 ? 0.3401 0.5740 0.5071 -0.0079 -0.1790 0.1973  114 THR A OG1 
506  C CG2 . THR A 34 ? 0.4310 0.6015 0.4806 -0.0470 -0.1826 0.1751  114 THR A CG2 
514  N N   . GLU A 35 ? 0.3225 0.4724 0.4484 -0.0197 -0.1394 0.2182  115 GLU A N   
515  C CA  . GLU A 35 ? 0.2535 0.4218 0.4399 -0.0099 -0.0951 0.2191  115 GLU A CA  
516  C C   . GLU A 35 ? 0.2112 0.3991 0.4005 0.0021  -0.0785 0.1910  115 GLU A C   
517  O O   . GLU A 35 ? 0.2818 0.4257 0.4051 0.0492  -0.1024 0.1760  115 GLU A O   
518  C CB  . GLU A 35 ? 0.2470 0.4737 0.5767 0.0390  -0.1261 0.1537  115 GLU A CB  
519  C CG  . GLU A 35 ? 0.3150 0.5333 0.6948 0.0390  -0.1846 0.1276  115 GLU A CG  
520  C CD  . GLU A 35 ? 0.3383 0.5971 0.7596 0.0180  -0.2109 0.1043  115 GLU A CD  
521  O OE1 . GLU A 35 ? 0.2682 0.6224 0.7321 -0.0700 -0.1306 0.1138  115 GLU A OE1 
522  O OE2 . GLU A 35 ? 0.4824 0.6363 0.8078 0.0396  -0.2463 0.0290  115 GLU A OE2 
529  N N   . GLY A 36 ? 0.2206 0.3295 0.4038 -0.0166 -0.0988 0.1787  116 GLY A N   
530  C CA  . GLY A 36 ? 0.2250 0.2790 0.3347 -0.0431 -0.0853 0.1703  116 GLY A CA  
531  C C   . GLY A 36 ? 0.2516 0.2839 0.2593 -0.0285 -0.0790 0.1467  116 GLY A C   
532  O O   . GLY A 36 ? 0.2381 0.3725 0.2035 -0.0040 -0.0707 0.1209  116 GLY A O   
536  N N   . ASP A 37 ? 0.1901 0.2600 0.2127 -0.0189 -0.0525 0.1299  117 ASP A N   
537  C CA  . ASP A 37 ? 0.1870 0.2626 0.1653 -0.0219 -0.0269 0.0909  117 ASP A CA  
538  C C   . ASP A 37 ? 0.1519 0.1654 0.1622 -0.0044 -0.0365 0.0476  117 ASP A C   
539  O O   . ASP A 37 ? 0.1743 0.1751 0.1461 0.0228  -0.0091 0.0349  117 ASP A O   
540  C CB  . ASP A 37 ? 0.1996 0.3413 0.2444 -0.0545 -0.0450 0.1413  117 ASP A CB  
541  C CG  . ASP A 37 ? 0.3438 0.4971 0.3766 -0.0911 -0.0961 0.1168  117 ASP A CG  
542  O OD1 . ASP A 37 ? 0.3622 0.5771 0.2972 -0.0747 -0.0154 0.1038  117 ASP A OD1 
543  O OD2 . ASP A 37 ? 0.4118 0.5668 0.4759 -0.0873 -0.1291 0.0856  117 ASP A OD2 
548  N N   . TRP A 38 ? 0.1425 0.1317 0.1402 0.0172  -0.0356 0.0299  118 TRP A N   
549  C CA  . TRP A 38 ? 0.1245 0.1201 0.1382 -0.0025 -0.0410 0.0471  118 TRP A CA  
550  C C   . TRP A 38 ? 0.1246 0.1647 0.1388 0.0072  -0.0490 0.0328  118 TRP A C   
551  O O   . TRP A 38 ? 0.1645 0.1640 0.2234 0.0066  -0.0950 0.0552  118 TRP A O   
552  C CB  . TRP A 38 ? 0.1288 0.1085 0.1472 -0.0021 -0.0275 0.0256  118 TRP A CB  
553  C CG  . TRP A 38 ? 0.1083 0.1042 0.1397 0.0009  -0.0182 0.0200  118 TRP A CG  
554  C CD1 . TRP A 38 ? 0.1460 0.1182 0.1513 -0.0214 -0.0325 0.0469  118 TRP A CD1 
555  C CD2 . TRP A 38 ? 0.0991 0.0882 0.1019 0.0144  -0.0109 0.0159  118 TRP A CD2 
556  N NE1 . TRP A 38 ? 0.1586 0.0994 0.1380 -0.0308 -0.0279 0.0263  118 TRP A NE1 
557  C CE2 . TRP A 38 ? 0.1045 0.0986 0.1116 0.0093  -0.0048 0.0079  118 TRP A CE2 
558  C CE3 . TRP A 38 ? 0.1126 0.0882 0.1156 0.0054  -0.0123 0.0043  118 TRP A CE3 
559  C CZ2 . TRP A 38 ? 0.1062 0.1166 0.1122 0.0072  -0.0081 -0.0093 118 TRP A CZ2 
560  C CZ3 . TRP A 38 ? 0.1237 0.0886 0.1034 0.0167  0.0001  -0.0003 118 TRP A CZ3 
561  C CH2 . TRP A 38 ? 0.1212 0.1019 0.1145 0.0099  -0.0065 0.0015  118 TRP A CH2 
572  N N   . TRP A 39 ? 0.1258 0.1226 0.1263 0.0056  -0.0412 0.0113  119 TRP A N   
573  C CA  . TRP A 39 ? 0.1331 0.1702 0.1136 -0.0123 -0.0493 0.0222  119 TRP A CA  
574  C C   . TRP A 39 ? 0.1236 0.1555 0.1096 -0.0053 -0.0506 0.0094  119 TRP A C   
575  O O   . TRP A 39 ? 0.1150 0.1607 0.1186 -0.0091 -0.0407 0.0197  119 TRP A O   
576  C CB  . TRP A 39 ? 0.1883 0.1878 0.1156 -0.0432 -0.0337 0.0070  119 TRP A CB  
577  C CG  . TRP A 39 ? 0.1991 0.2615 0.0906 -0.0623 -0.0377 0.0330  119 TRP A CG  
578  C CD1 . TRP A 39 ? 0.2366 0.3196 0.1060 -0.0663 -0.0377 0.0450  119 TRP A CD1 
579  C CD2 . TRP A 39 ? 0.1672 0.3350 0.0942 -0.0323 -0.0090 0.0035  119 TRP A CD2 
580  N NE1 . TRP A 39 ? 0.2209 0.3520 0.1040 -0.0534 -0.0064 0.0484  119 TRP A NE1 
581  C CE2 . TRP A 39 ? 0.2052 0.3834 0.1302 -0.0188 -0.0177 -0.0147 119 TRP A CE2 
582  C CE3 . TRP A 39 ? 0.2241 0.4013 0.1515 0.0034  -0.0191 -0.0469 119 TRP A CE3 
583  C CZ2 . TRP A 39 ? 0.1945 0.4221 0.1296 -0.0255 -0.0044 0.0121  119 TRP A CZ2 
584  C CZ3 . TRP A 39 ? 0.1886 0.4376 0.2176 0.0175  -0.0072 -0.0492 119 TRP A CZ3 
585  C CH2 . TRP A 39 ? 0.2510 0.4444 0.1660 -0.0185 0.0117  -0.0348 119 TRP A CH2 
596  N N   . LEU A 40 ? 0.1261 0.1638 0.1188 -0.0047 -0.0525 0.0181  120 LEU A N   
597  C CA  . LEU A 40 ? 0.1274 0.1591 0.1127 0.0064  -0.0528 0.0042  120 LEU A CA  
598  C C   . LEU A 40 ? 0.1125 0.1650 0.1248 -0.0089 -0.0451 -0.0130 120 LEU A C   
599  O O   . LEU A 40 ? 0.1502 0.1919 0.1257 0.0111  -0.0575 -0.0244 120 LEU A O   
600  C CB  . LEU A 40 ? 0.1408 0.1805 0.1481 0.0175  -0.0542 -0.0091 120 LEU A CB  
601  C CG  . LEU A 40 ? 0.1225 0.2242 0.1978 0.0033  -0.0509 -0.0073 120 LEU A CG  
602  C CD1 . LEU A 40 ? 0.1404 0.2181 0.1897 0.0079  -0.0459 -0.0009 120 LEU A CD1 
603  C CD2 . LEU A 40 ? 0.1272 0.2792 0.2298 0.0334  -0.0686 -0.0353 120 LEU A CD2 
615  N N   . ALA A 41 ? 0.1433 0.1357 0.1335 0.0021  -0.0323 -0.0224 121 ALA A N   
616  C CA  . ALA A 41 ? 0.1383 0.1538 0.1494 0.0074  -0.0368 -0.0388 121 ALA A CA  
617  C C   . ALA A 41 ? 0.1519 0.1401 0.1424 0.0110  -0.0482 -0.0345 121 ALA A C   
618  O O   . ALA A 41 ? 0.1849 0.1355 0.1676 -0.0318 -0.0462 -0.0305 121 ALA A O   
619  C CB  . ALA A 41 ? 0.1558 0.1453 0.2220 0.0329  -0.0529 -0.0419 121 ALA A CB  
625  N N   A HIS A 42 ? 0.1544 0.1457 0.1680 0.0043  -0.0437 -0.0369 122 HIS A N   
626  C CA  A HIS A 42 ? 0.1359 0.1350 0.2003 0.0072  -0.0492 -0.0361 122 HIS A CA  
627  C C   A HIS A 42 ? 0.1627 0.1295 0.1988 0.0039  -0.0691 -0.0575 122 HIS A C   
628  O O   A HIS A 42 ? 0.2006 0.1658 0.1928 0.0255  -0.0635 -0.0708 122 HIS A O   
629  C CB  . HIS A 42 ? 0.1588 0.1859 0.2482 0.0084  -0.0882 -0.0201 122 HIS A CB  
630  C CG  . HIS A 42 ? 0.1928 0.2024 0.3530 -0.0356 -0.1381 0.0282  122 HIS A CG  
631  N ND1 . HIS A 42 ? 0.3171 0.2102 0.4317 -0.0625 -0.1663 0.0164  122 HIS A ND1 
632  C CD2 . HIS A 42 ? 0.2251 0.3330 0.3153 -0.0525 -0.1373 0.0298  122 HIS A CD2 
633  C CE1 . HIS A 42 ? 0.3392 0.2510 0.3916 -0.0775 -0.1694 0.0408  122 HIS A CE1 
634  N NE2 . HIS A 42 ? 0.2905 0.3372 0.3384 -0.1242 -0.1332 0.0730  122 HIS A NE2 
642  N N   . SER A 43 ? 0.1389 0.1127 0.1774 -0.0004 -0.0501 -0.0514 123 SER A N   
643  C CA  . SER A 43 ? 0.1395 0.1196 0.1863 0.0094  -0.0607 -0.0480 123 SER A CA  
644  C C   . SER A 43 ? 0.1443 0.1065 0.1877 -0.0006 -0.0487 -0.0301 123 SER A C   
645  O O   . SER A 43 ? 0.1816 0.1266 0.2147 -0.0077 -0.0356 -0.0367 123 SER A O   
646  C CB  . SER A 43 ? 0.1662 0.1340 0.1964 0.0068  -0.0549 -0.0386 123 SER A CB  
647  O OG  . SER A 43 ? 0.1969 0.1503 0.2213 0.0339  -0.0873 -0.0482 123 SER A OG  
653  N N   . LEU A 44 ? 0.1656 0.1120 0.2307 0.0110  -0.0251 -0.0780 124 LEU A N   
654  C CA  . LEU A 44 ? 0.1718 0.1211 0.2364 -0.0158 -0.0304 -0.0764 124 LEU A CA  
655  C C   . LEU A 44 ? 0.1690 0.1289 0.3120 0.0043  -0.0609 -0.0847 124 LEU A C   
656  O O   . LEU A 44 ? 0.2311 0.1406 0.2695 -0.0163 -0.0416 -0.0449 124 LEU A O   
657  C CB  . LEU A 44 ? 0.1981 0.1607 0.2402 -0.0024 -0.0341 -0.1016 124 LEU A CB  
658  C CG  . LEU A 44 ? 0.2756 0.1810 0.2550 -0.0150 -0.0684 -0.0730 124 LEU A CG  
659  C CD1 . LEU A 44 ? 0.2842 0.2522 0.2604 -0.0235 -0.0455 -0.0623 124 LEU A CD1 
660  C CD2 . LEU A 44 ? 0.2864 0.2569 0.2530 0.0023  -0.1017 -0.0654 124 LEU A CD2 
672  N N   . THR A 45 ? 0.2373 0.1349 0.3192 0.0490  -0.1157 -0.0755 125 THR A N   
673  C CA  . THR A 45 ? 0.2493 0.1470 0.3497 0.0236  -0.0723 -0.0798 125 THR A CA  
674  C C   . THR A 45 ? 0.2920 0.1428 0.3249 -0.0169 -0.0643 -0.0147 125 THR A C   
675  O O   . THR A 45 ? 0.3883 0.1469 0.4165 -0.0291 -0.0954 -0.0446 125 THR A O   
676  C CB  . THR A 45 ? 0.2255 0.2164 0.3013 0.0022  -0.0368 -0.0501 125 THR A CB  
677  O OG1 . THR A 45 ? 0.2234 0.1808 0.4011 -0.0172 -0.0825 -0.0569 125 THR A OG1 
678  C CG2 . THR A 45 ? 0.2426 0.1959 0.3481 -0.0169 -0.0783 0.0017  125 THR A CG2 
686  N N   . THR A 46 ? 0.2367 0.1205 0.3377 0.0133  -0.0973 -0.0370 126 THR A N   
687  C CA  . THR A 46 ? 0.2404 0.1106 0.3173 -0.0316 -0.0926 0.0042  126 THR A CA  
688  C C   . THR A 46 ? 0.2464 0.1231 0.2972 -0.0522 -0.0497 0.0135  126 THR A C   
689  O O   . THR A 46 ? 0.2960 0.2210 0.2970 -0.0921 -0.0485 0.0440  126 THR A O   
690  C CB  . THR A 46 ? 0.2229 0.1402 0.2693 -0.0085 -0.0758 -0.0134 126 THR A CB  
691  O OG1 . THR A 46 ? 0.1911 0.1348 0.2437 -0.0234 -0.0502 -0.0195 126 THR A OG1 
692  C CG2 . THR A 46 ? 0.2548 0.1722 0.2608 0.0140  -0.0956 -0.0189 126 THR A CG2 
700  N N   . GLY A 47 ? 0.2030 0.1199 0.2948 -0.0386 -0.0681 -0.0067 127 GLY A N   
701  C CA  . GLY A 47 ? 0.1782 0.1561 0.3085 -0.0538 -0.0349 -0.0292 127 GLY A CA  
702  C C   . GLY A 47 ? 0.1757 0.1338 0.2942 -0.0263 -0.0501 -0.0065 127 GLY A C   
703  O O   . GLY A 47 ? 0.1690 0.1959 0.3318 -0.0259 -0.0608 -0.0242 127 GLY A O   
707  N N   A ARG A 48 ? 0.1539 0.1312 0.2445 -0.0388 -0.0296 -0.0022 128 ARG A N   
708  C CA  A ARG A 48 ? 0.1568 0.1316 0.1904 -0.0269 -0.0192 0.0004  128 ARG A CA  
709  C C   A ARG A 48 ? 0.1314 0.1102 0.1999 -0.0199 -0.0183 -0.0225 128 ARG A C   
710  O O   A ARG A 48 ? 0.1652 0.1474 0.1884 -0.0025 -0.0136 -0.0259 128 ARG A O   
711  C CB  . ARG A 48 ? 0.1746 0.1430 0.1790 -0.0308 0.0169  0.0016  128 ARG A CB  
712  C CG  . ARG A 48 ? 0.2226 0.1737 0.2070 -0.0218 -0.0097 0.0151  128 ARG A CG  
713  C CD  . ARG A 48 ? 0.2286 0.2497 0.2056 -0.0650 0.0082  0.0303  128 ARG A CD  
714  N NE  . ARG A 48 ? 0.2588 0.2287 0.2460 -0.0093 -0.0268 -0.0108 128 ARG A NE  
715  C CZ  . ARG A 48 ? 0.2679 0.1819 0.2628 -0.0856 -0.0086 -0.0134 128 ARG A CZ  
716  N NH1 . ARG A 48 ? 0.2834 0.2146 0.2628 -0.0824 -0.0235 0.0053  128 ARG A NH1 
717  N NH2 . ARG A 48 ? 0.2721 0.2741 0.2443 -0.1261 -0.0134 -0.0272 128 ARG A NH2 
730  N N   . THR A 49 ? 0.1449 0.1283 0.1896 -0.0248 0.0155  -0.0211 129 THR A N   
731  C CA  . THR A 49 ? 0.1429 0.1253 0.2275 -0.0333 -0.0158 -0.0108 129 THR A CA  
732  C C   . THR A 49 ? 0.1258 0.1232 0.2035 -0.0079 0.0024  -0.0298 129 THR A C   
733  O O   . THR A 49 ? 0.2244 0.1510 0.2044 -0.0525 0.0449  -0.0328 129 THR A O   
734  C CB  . THR A 49 ? 0.1746 0.1891 0.2820 -0.0720 -0.0428 -0.0061 129 THR A CB  
735  O OG1 . THR A 49 ? 0.2103 0.2352 0.3222 -0.0533 -0.0880 -0.0377 129 THR A OG1 
736  C CG2 . THR A 49 ? 0.1894 0.2430 0.3375 -0.0341 -0.0760 -0.0063 129 THR A CG2 
744  N N   . GLY A 50 ? 0.0972 0.1174 0.1576 -0.0100 -0.0058 -0.0257 130 GLY A N   
745  C CA  . GLY A 50 ? 0.0989 0.1133 0.1390 -0.0095 -0.0067 -0.0226 130 GLY A CA  
746  C C   . GLY A 50 ? 0.1017 0.1064 0.1266 0.0089  -0.0242 -0.0275 130 GLY A C   
747  O O   . GLY A 50 ? 0.1096 0.1126 0.1227 -0.0057 -0.0198 -0.0219 130 GLY A O   
751  N N   . TYR A 51 ? 0.0902 0.1073 0.1137 0.0051  -0.0204 -0.0197 131 TYR A N   
752  C CA  . TYR A 51 ? 0.0995 0.0928 0.1207 0.0044  -0.0227 -0.0075 131 TYR A CA  
753  C C   . TYR A 51 ? 0.0945 0.0893 0.1020 -0.0016 -0.0184 -0.0056 131 TYR A C   
754  O O   . TYR A 51 ? 0.1030 0.1187 0.0991 0.0065  -0.0169 -0.0051 131 TYR A O   
755  C CB  . TYR A 51 ? 0.0939 0.1029 0.1504 0.0123  -0.0184 -0.0139 131 TYR A CB  
756  C CG  . TYR A 51 ? 0.1052 0.1264 0.1603 0.0167  -0.0133 0.0081  131 TYR A CG  
757  C CD1 . TYR A 51 ? 0.1672 0.1249 0.1585 0.0149  -0.0256 0.0131  131 TYR A CD1 
758  C CD2 . TYR A 51 ? 0.1457 0.1780 0.1967 0.0348  -0.0339 -0.0022 131 TYR A CD2 
759  C CE1 . TYR A 51 ? 0.2106 0.1945 0.2194 0.0423  -0.0832 0.0275  131 TYR A CE1 
760  C CE2 . TYR A 51 ? 0.1462 0.2275 0.2667 0.0644  -0.0623 0.0096  131 TYR A CE2 
761  C CZ  . TYR A 51 ? 0.1907 0.2466 0.3126 0.0650  -0.1098 0.0256  131 TYR A CZ  
762  O OH  . TYR A 51 ? 0.3121 0.3142 0.4418 0.0973  -0.1792 0.0053  131 TYR A OH  
772  N N   . ILE A 52 ? 0.0939 0.1125 0.0946 0.0022  -0.0204 0.0056  132 ILE A N   
773  C CA  . ILE A 52 ? 0.0926 0.0984 0.0886 0.0003  -0.0170 0.0071  132 ILE A CA  
774  C C   . ILE A 52 ? 0.0958 0.1017 0.0790 0.0120  -0.0171 0.0074  132 ILE A C   
775  O O   . ILE A 52 ? 0.1095 0.1074 0.0966 0.0008  -0.0276 0.0198  132 ILE A O   
776  C CB  . ILE A 52 ? 0.1043 0.1004 0.1064 0.0047  -0.0190 0.0028  132 ILE A CB  
777  C CG1 . ILE A 52 ? 0.1269 0.1373 0.1204 0.0195  -0.0120 -0.0259 132 ILE A CG1 
778  C CG2 . ILE A 52 ? 0.1149 0.0925 0.1330 0.0010  -0.0227 -0.0011 132 ILE A CG2 
779  C CD1 . ILE A 52 ? 0.1878 0.1799 0.1746 0.0137  -0.0206 -0.0292 132 ILE A CD1 
791  N N   . PRO A 53 ? 0.0971 0.0847 0.0781 0.0034  -0.0111 0.0056  133 PRO A N   
792  C CA  . PRO A 53 ? 0.1129 0.0790 0.0846 0.0050  -0.0124 0.0123  133 PRO A CA  
793  C C   . PRO A 53 ? 0.0965 0.1075 0.0879 0.0055  -0.0110 0.0071  133 PRO A C   
794  O O   . PRO A 53 ? 0.1211 0.1042 0.0999 0.0067  -0.0085 -0.0034 133 PRO A O   
795  C CB  . PRO A 53 ? 0.1020 0.0976 0.1015 -0.0060 -0.0122 -0.0014 133 PRO A CB  
796  C CG  . PRO A 53 ? 0.0915 0.0947 0.0875 0.0013  -0.0191 -0.0039 133 PRO A CG  
797  C CD  . PRO A 53 ? 0.1079 0.0995 0.0783 0.0123  -0.0176 0.0128  133 PRO A CD  
805  N N   . SER A 54 ? 0.1282 0.1303 0.0861 0.0134  -0.0192 0.0037  134 SER A N   
806  C CA  . SER A 54 ? 0.1430 0.1792 0.0882 0.0069  -0.0222 -0.0011 134 SER A CA  
807  C C   . SER A 54 ? 0.1743 0.1707 0.0717 -0.0005 -0.0114 -0.0073 134 SER A C   
808  O O   . SER A 54 ? 0.1902 0.2412 0.1076 0.0112  -0.0078 -0.0723 134 SER A O   
809  C CB  . SER A 54 ? 0.1784 0.2565 0.1028 0.0379  -0.0410 0.0046  134 SER A CB  
810  O OG  . SER A 54 ? 0.2457 0.2609 0.1289 -0.0042 -0.0328 0.0758  134 SER A OG  
816  N N   . ASN A 55 ? 0.1381 0.1329 0.0774 0.0133  0.0023  0.0098  135 ASN A N   
817  C CA  . ASN A 55 ? 0.1347 0.1401 0.1016 -0.0048 0.0128  0.0078  135 ASN A CA  
818  C C   . ASN A 55 ? 0.1273 0.1221 0.1059 0.0141  0.0103  0.0004  135 ASN A C   
819  O O   . ASN A 55 ? 0.1230 0.1829 0.1458 0.0212  0.0266  0.0300  135 ASN A O   
820  C CB  . ASN A 55 ? 0.1319 0.1746 0.1069 -0.0062 0.0086  0.0288  135 ASN A CB  
821  C CG  . ASN A 55 ? 0.1240 0.1261 0.1193 0.0018  -0.0035 0.0330  135 ASN A CG  
822  O OD1 . ASN A 55 ? 0.1435 0.1300 0.1342 -0.0216 0.0156  -0.0002 135 ASN A OD1 
823  N ND2 . ASN A 55 ? 0.1156 0.2093 0.1382 -0.0290 -0.0009 0.0116  135 ASN A ND2 
830  N N   . TYR A 56 ? 0.1143 0.1159 0.0838 0.0012  0.0106  -0.0110 136 TYR A N   
831  C CA  . TYR A 56 ? 0.1231 0.0834 0.0813 -0.0004 -0.0079 -0.0044 136 TYR A CA  
832  C C   . TYR A 56 ? 0.1447 0.1173 0.0785 0.0038  -0.0099 -0.0041 136 TYR A C   
833  O O   . TYR A 56 ? 0.1693 0.1020 0.0961 0.0136  -0.0190 -0.0134 136 TYR A O   
834  C CB  . TYR A 56 ? 0.1116 0.0901 0.0901 0.0056  -0.0014 -0.0093 136 TYR A CB  
835  C CG  . TYR A 56 ? 0.1062 0.0972 0.0736 0.0212  0.0011  -0.0089 136 TYR A CG  
836  C CD1 . TYR A 56 ? 0.1432 0.1110 0.1035 -0.0093 -0.0158 -0.0129 136 TYR A CD1 
837  C CD2 . TYR A 56 ? 0.1386 0.1286 0.0944 0.0468  -0.0108 -0.0104 136 TYR A CD2 
838  C CE1 . TYR A 56 ? 0.1528 0.1169 0.1346 -0.0143 -0.0055 -0.0138 136 TYR A CE1 
839  C CE2 . TYR A 56 ? 0.1238 0.1590 0.0678 0.0376  -0.0214 0.0100  136 TYR A CE2 
840  C CZ  . TYR A 56 ? 0.1313 0.1048 0.1154 -0.0054 -0.0288 0.0291  136 TYR A CZ  
841  O OH  . TYR A 56 ? 0.1600 0.1101 0.1284 -0.0174 -0.0367 0.0003  136 TYR A OH  
851  N N   . VAL A 57 ? 0.1692 0.1178 0.0928 0.0077  -0.0163 -0.0172 137 VAL A N   
852  C CA  . VAL A 57 ? 0.1710 0.1341 0.0972 -0.0038 -0.0055 -0.0301 137 VAL A CA  
853  C C   . VAL A 57 ? 0.1996 0.1449 0.0938 0.0024  -0.0055 -0.0244 137 VAL A C   
854  O O   . VAL A 57 ? 0.2753 0.1756 0.1058 -0.0101 0.0059  -0.0180 137 VAL A O   
855  C CB  . VAL A 57 ? 0.1721 0.1549 0.1380 0.0184  -0.0433 -0.0272 137 VAL A CB  
856  C CG1 . VAL A 57 ? 0.1370 0.1905 0.1627 0.0155  -0.0129 0.0021  137 VAL A CG1 
857  C CG2 . VAL A 57 ? 0.1900 0.2169 0.1368 0.0050  -0.0544 -0.0161 137 VAL A CG2 
867  N N   . ALA A 58 ? 0.2663 0.1769 0.0797 -0.0257 0.0032  -0.0347 138 ALA A N   
868  C CA  . ALA A 58 ? 0.2424 0.2869 0.0995 -0.0566 0.0321  -0.0495 138 ALA A CA  
869  C C   . ALA A 58 ? 0.2892 0.2106 0.0869 -0.0114 0.0033  -0.0439 138 ALA A C   
870  O O   . ALA A 58 ? 0.2378 0.1889 0.0912 0.0040  -0.0082 -0.0424 138 ALA A O   
871  C CB  . ALA A 58 ? 0.2154 0.4037 0.1306 -0.0203 0.0152  -0.0669 138 ALA A CB  
877  N N   . PRO A 59 ? 0.3748 0.2344 0.1083 -0.0638 -0.0018 -0.0312 139 PRO A N   
878  C CA  . PRO A 59 ? 0.3584 0.2693 0.1047 -0.0245 0.0061  -0.0484 139 PRO A CA  
879  C C   . PRO A 59 ? 0.3607 0.2482 0.1550 0.0155  0.0122  -0.0701 139 PRO A C   
880  O O   . PRO A 59 ? 0.3463 0.2317 0.1931 -0.0345 0.0301  -0.0507 139 PRO A O   
881  C CB  . PRO A 59 ? 0.4358 0.3821 0.1275 -0.0322 -0.0486 -0.0374 139 PRO A CB  
882  C CG  . PRO A 59 ? 0.4797 0.4231 0.1400 -0.0588 -0.0416 -0.0333 139 PRO A CG  
883  C CD  . PRO A 59 ? 0.4181 0.3601 0.1237 -0.0817 -0.0071 -0.0295 139 PRO A CD  
891  N N   . SER A 60 ? 0.3420 0.2181 0.2490 -0.0159 -0.0126 -0.0570 140 SER A N   
892  C CA  . SER A 60 ? 0.4823 0.2997 0.3166 -0.0526 -0.0967 -0.0400 140 SER A CA  
893  C C   . SER A 60 ? 0.4687 0.3905 0.2669 -0.0424 -0.0915 -0.0285 140 SER A C   
894  O O   . SER A 60 ? 0.5297 0.4000 0.3702 0.0078  -0.1624 -0.1000 140 SER A O   
895  C CB  . SER A 60 ? 0.6456 0.3183 0.4470 -0.0439 -0.2020 -0.0523 140 SER A CB  
896  O OG  . SER A 60 ? 0.7542 0.3523 0.5331 -0.0385 -0.2653 -0.0622 140 SER A OG  
902  C C   . ACE B 1  ? 0.1564 0.1540 0.1614 0.0063  0.0137  0.0376  0   ACE B C   
903  O O   . ACE B 1  ? 0.1912 0.2227 0.1558 0.0058  0.0038  0.0264  0   ACE B O   
904  C CH3 . ACE B 1  ? 0.1538 0.1977 0.1789 0.0005  0.0000  0.0385  0   ACE B CH3 
905  N N   . ALA B 2  ? 0.1573 0.1099 0.1500 0.0013  -0.0090 0.0367  1   ALA B N   
906  C CA  . ALA B 2  ? 0.1581 0.0958 0.1515 0.0055  -0.0241 0.0192  1   ALA B CA  
907  C C   . ALA B 2  ? 0.1851 0.0927 0.1422 0.0178  -0.0172 0.0098  1   ALA B C   
908  O O   . ALA B 2  ? 0.1818 0.1036 0.1905 -0.0152 -0.0150 0.0131  1   ALA B O   
909  C CB  . ALA B 2  ? 0.1597 0.1297 0.1838 0.0065  -0.0356 0.0176  1   ALA B CB  
915  N N   . PRO B 3  ? 0.2128 0.1224 0.1508 0.0561  -0.0325 0.0036  2   PRO B N   
916  C CA  . PRO B 3  ? 0.2591 0.1194 0.1694 0.0552  -0.0198 0.0473  2   PRO B CA  
917  C C   . PRO B 3  ? 0.1628 0.0995 0.1745 0.0313  0.0105  0.0340  2   PRO B C   
918  O O   . PRO B 3  ? 0.1679 0.0937 0.1746 -0.0176 -0.0083 0.0229  2   PRO B O   
919  C CB  . PRO B 3  ? 0.4140 0.2266 0.1635 0.1312  -0.0793 -0.0202 2   PRO B CB  
920  C CG  . PRO B 3  ? 0.2222 0.3138 0.1398 0.0119  -0.0178 0.0166  2   PRO B CG  
921  C CD  . PRO B 3  ? 0.2721 0.1651 0.1908 0.0811  -0.0808 -0.0351 2   PRO B CD  
929  N N   . PRO B 4  ? 0.1386 0.1007 0.2139 -0.0007 0.0290  0.0532  3   PRO B N   
930  C CA  . PRO B 4  ? 0.1206 0.0749 0.2429 -0.0109 -0.0102 0.0332  3   PRO B CA  
931  C C   . PRO B 4  ? 0.1319 0.0918 0.1590 -0.0109 -0.0091 0.0242  3   PRO B C   
932  O O   . PRO B 4  ? 0.1469 0.1557 0.1425 0.0166  -0.0074 -0.0011 3   PRO B O   
933  C CB  . PRO B 4  ? 0.1702 0.0994 0.3263 -0.0175 -0.0411 0.0519  3   PRO B CB  
934  C CG  . PRO B 4  ? 0.2469 0.2306 0.3384 -0.0507 0.0096  0.0170  3   PRO B CG  
935  C CD  . PRO B 4  ? 0.2071 0.1534 0.2833 -0.0043 0.0247  0.0601  3   PRO B CD  
943  N N   . LEU B 5  ? 0.1227 0.0891 0.1265 -0.0152 -0.0021 0.0162  4   LEU B N   
944  C CA  . LEU B 5  ? 0.1205 0.0757 0.1321 -0.0182 -0.0056 0.0161  4   LEU B CA  
945  C C   . LEU B 5  ? 0.1155 0.0814 0.1388 -0.0167 0.0007  0.0173  4   LEU B C   
946  O O   . LEU B 5  ? 0.1502 0.0786 0.1748 -0.0313 -0.0183 0.0231  4   LEU B O   
947  C CB  . LEU B 5  ? 0.1287 0.0964 0.1383 -0.0152 -0.0084 0.0280  4   LEU B CB  
948  C CG  . LEU B 5  ? 0.1364 0.1256 0.1326 -0.0237 0.0039  0.0168  4   LEU B CG  
949  C CD1 . LEU B 5  ? 0.2149 0.1279 0.1495 -0.0502 0.0069  0.0022  4   LEU B CD1 
950  C CD2 . LEU B 5  ? 0.1494 0.0900 0.1429 -0.0026 -0.0136 0.0172  4   LEU B CD2 
962  N N   . PRO B 6  ? 0.1234 0.0781 0.1558 -0.0132 -0.0183 0.0212  5   PRO B N   
963  C CA  . PRO B 6  ? 0.1443 0.0962 0.1831 -0.0014 -0.0215 0.0474  5   PRO B CA  
964  C C   . PRO B 6  ? 0.1430 0.0720 0.2081 -0.0042 -0.0220 0.0471  5   PRO B C   
965  O O   . PRO B 6  ? 0.1246 0.0808 0.2029 -0.0031 -0.0027 0.0308  5   PRO B O   
966  C CB  . PRO B 6  ? 0.1879 0.1485 0.1661 -0.0105 -0.0356 0.0493  5   PRO B CB  
967  C CG  . PRO B 6  ? 0.2101 0.1465 0.2126 -0.0174 -0.0830 0.0431  5   PRO B CG  
968  C CD  . PRO B 6  ? 0.1362 0.0970 0.1540 0.0036  -0.0209 0.0011  5   PRO B CD  
976  N N   . PRO B 7  ? 0.1251 0.1090 0.2659 -0.0066 -0.0090 0.0663  6   PRO B N   
977  C CA  . PRO B 7  ? 0.1490 0.0889 0.3211 0.0019  -0.0131 0.0394  6   PRO B CA  
978  C C   . PRO B 7  ? 0.1798 0.0890 0.2702 0.0234  -0.0128 0.0370  6   PRO B C   
979  O O   . PRO B 7  ? 0.1399 0.1112 0.2653 0.0091  -0.0056 0.0491  6   PRO B O   
980  C CB  . PRO B 7  ? 0.1859 0.1202 0.3879 -0.0115 -0.0401 0.0696  6   PRO B CB  
981  C CG  . PRO B 7  ? 0.1809 0.1472 0.3676 -0.0101 -0.0214 0.0938  6   PRO B CG  
982  C CD  . PRO B 7  ? 0.1789 0.1362 0.3068 -0.0178 -0.0201 0.1002  6   PRO B CD  
990  N N   . ARG B 8  ? 0.1844 0.1238 0.2601 0.0329  0.0119  0.0409  7   ARG B N   
991  C CA  . ARG B 8  ? 0.1586 0.1503 0.2907 0.0388  0.0123  0.0662  7   ARG B CA  
992  C C   . ARG B 8  ? 0.1598 0.1300 0.2815 0.0117  0.0361  0.0951  7   ARG B C   
993  O O   . ARG B 8  ? 0.1609 0.1552 0.3175 0.0248  0.0041  0.0942  7   ARG B O   
994  C CB  . ARG B 8  ? 0.2195 0.1652 0.2720 0.0355  0.0389  0.0666  7   ARG B CB  
995  C CG  . ARG B 8  ? 0.2999 0.1399 0.2775 0.0420  0.0688  0.0398  7   ARG B CG  
996  C CD  . ARG B 8  ? 0.3403 0.1677 0.2456 0.1075  0.0475  0.0534  7   ARG B CD  
997  N NE  . ARG B 8  ? 0.3065 0.1627 0.2827 0.0436  0.0762  0.0240  7   ARG B NE  
998  C CZ  . ARG B 8  ? 0.3425 0.1117 0.2210 0.0242  0.1010  0.0350  7   ARG B CZ  
999  N NH1 . ARG B 8  ? 0.3966 0.1313 0.2092 -0.0005 0.1530  -0.0066 7   ARG B NH1 
1000 N NH2 . ARG B 8  ? 0.3230 0.1248 0.2331 0.0331  0.0831  0.0245  7   ARG B NH2 
1014 N N   . ASN B 9  ? 0.1406 0.1566 0.3192 0.0174  0.0317  0.1160  8   ASN B N   
1015 C CA  . ASN B 9  ? 0.1564 0.1656 0.3381 0.0290  0.0224  0.1184  8   ASN B CA  
1016 C C   . ASN B 9  ? 0.2184 0.1857 0.3966 0.0416  0.0160  0.1285  8   ASN B C   
1017 O O   . ASN B 9  ? 0.2388 0.1838 0.4317 0.0789  0.0488  0.0885  8   ASN B O   
1018 C CB  . ASN B 9  ? 0.1760 0.1652 0.3537 0.0324  -0.0076 0.1092  8   ASN B CB  
1019 C CG  . ASN B 9  ? 0.1700 0.1813 0.3040 0.0276  -0.0283 0.1148  8   ASN B CG  
1020 O OD1 . ASN B 9  ? 0.1765 0.1803 0.2664 0.0221  -0.0180 0.0954  8   ASN B OD1 
1021 N ND2 . ASN B 9  ? 0.1566 0.1910 0.3681 0.0043  -0.0593 0.1176  8   ASN B ND2 
1028 N N   . ARG B 10 ? 0.2531 0.2173 0.4407 0.0241  -0.0217 0.1549  9   ARG B N   
1029 C CA  . ARG B 10 ? 0.2770 0.2372 0.4507 0.0669  -0.0183 0.1460  9   ARG B CA  
1030 C C   . ARG B 10 ? 0.3087 0.3524 0.4475 0.0934  -0.0011 0.1535  9   ARG B C   
1031 O O   . ARG B 10 ? 0.2933 0.4688 0.5548 0.1759  -0.0380 0.0325  9   ARG B O   
1032 C CB  . ARG B 10 ? 0.4424 0.2689 0.5317 0.0668  -0.0660 0.1245  9   ARG B CB  
1033 C CG  . ARG B 10 ? 0.5480 0.2692 0.6065 0.0803  -0.0954 0.0331  9   ARG B CG  
1034 C CD  . ARG B 10 ? 0.5766 0.2883 0.5845 -0.0477 -0.0386 0.0379  9   ARG B CD  
1035 N NE  . ARG B 10 ? 0.5886 0.3039 0.5930 -0.1133 -0.0023 0.0203  9   ARG B NE  
1036 C CZ  . ARG B 10 ? 0.5772 0.3312 0.5923 -0.1602 0.0462  -0.0057 9   ARG B CZ  
1037 N NH1 . ARG B 10 ? 0.5598 0.3222 0.5984 -0.1580 0.0527  -0.0166 9   ARG B NH1 
1038 N NH2 . ARG B 10 ? 0.5991 0.3609 0.6171 -0.1495 0.0451  -0.0465 9   ARG B NH2 
1052 N N   . PRO B 11 ? 0.2813 0.5104 0.3997 0.1234  0.0728  0.0922  10  PRO B N   
1053 C CA  . PRO B 11 ? 0.2916 0.5898 0.4615 0.1786  0.0327  0.0376  10  PRO B CA  
1054 C C   . PRO B 11 ? 0.4247 0.5886 0.4157 0.1779  0.0114  0.0523  10  PRO B C   
1055 O O   . PRO B 11 ? 0.5513 0.6546 0.4788 0.1773  -0.0384 0.0131  10  PRO B O   
1056 C CB  . PRO B 11 ? 0.2792 0.6333 0.4947 0.1621  0.0451  0.0108  10  PRO B CB  
1057 C CG  . PRO B 11 ? 0.3591 0.5747 0.5292 0.1763  -0.0261 0.0308  10  PRO B CG  
1058 C CD  . PRO B 11 ? 0.3776 0.5325 0.4435 0.0967  0.0145  0.1044  10  PRO B CD  
1066 S S   . SO4 C .  ? 0.6334 0.4851 0.3464 -0.1569 0.1843  -0.0838 201 SO4 A S   
1067 O O1  . SO4 C .  ? 0.6153 0.5123 0.4418 -0.0913 0.1264  -0.1091 201 SO4 A O1  
1068 O O2  . SO4 C .  ? 0.7303 0.5258 0.4797 -0.0750 0.0342  -0.1112 201 SO4 A O2  
1069 O O3  . SO4 C .  ? 0.7904 0.3993 0.5466 -0.0678 -0.0025 -0.1419 201 SO4 A O3  
1070 O O4  . SO4 C .  ? 0.6820 0.4572 0.2850 -0.1548 0.1907  -0.0473 201 SO4 A O4  
1071 O O   . HOH D .  ? 0.1323 0.1927 0.0966 -0.0521 -0.0181 0.0128  301 HOH A O   
1072 O O   . HOH D .  ? 0.1998 0.1777 0.2279 -0.0317 0.0644  -0.0115 302 HOH A O   
1073 O O   . HOH D .  ? 0.2364 0.1469 0.3069 -0.0480 -0.0555 -0.0358 303 HOH A O   
1074 O O   . HOH D .  ? 0.2247 0.2442 0.2463 0.0276  -0.0772 -0.0489 304 HOH A O   
1075 O O   . HOH D .  ? 0.2100 0.1623 0.1871 -0.0186 -0.0207 -0.0078 305 HOH A O   
1076 O O   . HOH D .  ? 0.5127 0.1836 0.2084 0.0768  -0.0771 -0.0414 306 HOH A O   
1077 O O   . HOH D .  ? 0.3292 0.4233 0.2698 -0.0857 0.0306  -0.0065 307 HOH A O   
1078 O O   . HOH D .  ? 0.3442 0.2906 0.4306 0.0188  -0.0019 0.1851  308 HOH A O   
1079 O O   . HOH D .  ? 0.2248 0.3170 0.3713 -0.0194 0.0519  -0.0801 309 HOH A O   
1080 O O   . HOH D .  ? 0.2500 0.4013 0.3248 -0.0353 0.0781  0.0312  310 HOH A O   
1081 O O   . HOH D .  ? 0.2829 0.3843 0.3450 0.1330  0.0305  -0.0896 311 HOH A O   
1082 O O   . HOH D .  ? 0.3257 0.5249 0.3540 -0.0050 -0.0566 0.0770  312 HOH A O   
1083 O O   . HOH D .  ? 0.5833 0.2777 0.3767 0.0529  0.0508  -0.1553 313 HOH A O   
1084 O O   . HOH D .  ? 0.5209 0.4229 0.5275 -0.0268 0.0003  -0.0596 314 HOH A O   
1085 O O   . HOH D .  ? 0.3325 0.4256 0.3385 0.1009  0.0185  -0.0856 315 HOH A O   
1086 O O   . HOH D .  ? 0.2322 0.3374 0.5084 0.0373  -0.0294 -0.0757 316 HOH A O   
1087 O O   . HOH D .  ? 0.2700 0.5196 0.3217 0.0240  0.0603  0.0692  317 HOH A O   
1088 O O   . HOH D .  ? 0.2041 0.3769 0.5945 0.0327  -0.0367 0.1084  318 HOH A O   
1089 O O   . HOH D .  ? 0.4355 0.4427 0.4088 -0.0107 0.0067  0.0088  319 HOH A O   
1090 O O   . HOH D .  ? 0.4249 0.3013 0.5524 -0.0225 -0.0392 -0.0310 320 HOH A O   
1091 O O   . HOH D .  ? 0.4105 0.3902 0.2730 0.0470  -0.0083 0.0226  321 HOH A O   
1092 O O   . HOH D .  ? 0.4775 0.4567 0.4540 -0.0057 -0.0470 -0.0591 322 HOH A O   
1093 O O   . HOH D .  ? 0.3581 0.3722 0.3587 0.0253  -0.1667 0.1262  323 HOH A O   
1094 O O   . HOH D .  ? 0.2507 0.4344 0.5259 -0.1377 -0.0349 0.0275  324 HOH A O   
1095 O O   . HOH D .  ? 0.4419 0.4338 0.4776 -0.1140 0.0696  -0.0251 325 HOH A O   
1096 O O   . HOH D .  ? 0.3541 0.3673 0.4114 -0.0041 0.0585  -0.0022 326 HOH A O   
1097 O O   . HOH D .  ? 0.4425 0.2719 0.3784 0.0572  -0.0359 -0.1087 327 HOH A O   
1098 O O   . HOH D .  ? 0.2529 0.2504 0.3346 -0.0711 -0.0189 0.0012  328 HOH A O   
1099 O O   . HOH D .  ? 0.4751 0.3737 0.5082 -0.0201 0.0142  -0.0458 329 HOH A O   
1100 O O   . HOH D .  ? 0.4214 0.3900 0.3962 0.0218  -0.0772 -0.0094 330 HOH A O   
1101 O O   . HOH D .  ? 0.4898 0.5890 0.2679 -0.0444 0.0055  0.0117  331 HOH A O   
1102 O O   . HOH D .  ? 0.4972 0.5042 0.5076 0.0194  -0.0060 -0.0046 332 HOH A O   
1103 O O   . HOH D .  ? 0.5823 0.5819 0.5480 0.0040  0.0156  -0.0224 333 HOH A O   
1104 O O   . HOH D .  ? 0.4078 0.4561 0.4283 -0.0725 0.0337  -0.0760 334 HOH A O   
1105 O O   . HOH D .  ? 0.6904 0.6574 0.6844 -0.0043 0.0051  -0.0185 335 HOH A O   
1106 O O   . HOH D .  ? 0.3127 0.5361 0.3044 -0.0525 -0.0903 -0.0016 336 HOH A O   
1107 O O   . HOH D .  ? 0.4601 0.3663 0.3966 -0.0410 -0.0282 -0.0534 337 HOH A O   
1108 O O   . HOH D .  ? 0.5326 0.5063 0.3329 0.0145  0.0754  0.0425  338 HOH A O   
1109 O O   . HOH D .  ? 0.4464 0.4155 0.3903 -0.0037 0.0111  -0.0515 339 HOH A O   
1110 O O   . HOH D .  ? 0.5181 0.5294 0.4782 0.0039  -0.0201 0.0072  340 HOH A O   
1111 O O   . HOH D .  ? 0.3909 0.3487 0.5347 -0.0475 -0.0301 -0.0692 341 HOH A O   
1112 O O   . HOH D .  ? 0.4482 0.4351 0.5253 -0.0171 -0.0191 0.0523  342 HOH A O   
1113 O O   . HOH D .  ? 0.5074 0.4803 0.5146 0.0202  0.0117  0.0036  343 HOH A O   
1114 O O   . HOH D .  ? 0.5561 0.5026 0.4408 0.0215  -0.0263 -0.0304 344 HOH A O   
1115 O O   . HOH D .  ? 0.5891 0.6434 0.5991 -0.0229 0.0113  0.0279  345 HOH A O   
1116 O O   . HOH D .  ? 0.4548 0.5007 0.5429 0.0652  -0.0863 0.0481  346 HOH A O   
1117 O O   . HOH D .  ? 0.5366 0.4080 0.4810 0.0330  0.0350  -0.0720 347 HOH A O   
1118 O O   . HOH D .  ? 0.6316 0.5993 0.5736 -0.0093 0.0249  0.0025  348 HOH A O   
1119 O O   . HOH D .  ? 0.6234 0.6423 0.5987 0.0109  -0.0072 0.0137  349 HOH A O   
1120 O O   . HOH D .  ? 0.5866 0.6137 0.5469 0.0003  -0.0279 0.0116  350 HOH A O   
1121 O O   . HOH D .  ? 0.5743 0.5339 0.4700 -0.0259 0.0391  -0.0113 351 HOH A O   
1122 O O   . HOH D .  ? 0.5924 0.6026 0.6100 0.0207  -0.0103 -0.0061 352 HOH A O   
1123 O O   . HOH D .  ? 0.6519 0.6466 0.6484 -0.0157 0.0099  -0.0073 353 HOH A O   
1124 O O   . HOH D .  ? 0.5796 0.5919 0.5671 0.0145  0.0002  0.0057  354 HOH A O   
1125 O O   . HOH D .  ? 0.5441 0.6070 0.5603 0.0162  -0.0171 0.0411  355 HOH A O   
1126 O O   . HOH D .  ? 0.5206 0.5729 0.5499 -0.0437 0.0176  -0.0082 356 HOH A O   
1127 O O   . HOH D .  ? 0.4709 0.5068 0.5765 -0.0380 0.0022  0.0138  357 HOH A O   
1128 O O   . HOH D .  ? 0.5834 0.5883 0.6425 -0.0143 -0.0578 0.0115  358 HOH A O   
1129 O O   . HOH D .  ? 0.5245 0.4920 0.4690 0.0198  -0.0098 0.0593  359 HOH A O   
1130 O O   . HOH D .  ? 0.6317 0.6219 0.6258 0.0139  0.0023  0.0047  360 HOH A O   
1131 O O   . HOH E .  ? 0.2840 0.2237 0.4520 -0.0280 0.0680  0.0731  101 HOH B O   
1132 O O   . HOH E .  ? 0.4128 0.2767 0.3686 0.1156  -0.0223 0.0493  102 HOH B O   
1133 O O   . HOH E .  ? 0.4591 0.2376 0.4781 0.0329  0.0228  0.0623  103 HOH B O   
1134 O O   . HOH E .  ? 0.3259 0.3031 0.3503 0.0207  -0.0422 0.0903  104 HOH B O   
1135 O O   . HOH E .  ? 0.2979 0.3793 0.4044 -0.0413 -0.0724 0.0649  105 HOH B O   
1136 O O   . HOH E .  ? 0.3528 0.2584 0.4430 0.0617  0.0397  -0.0005 106 HOH B O   
1137 O O   . HOH E .  ? 0.3976 0.4078 0.3673 -0.0032 0.0286  -0.0716 107 HOH B O   
1138 O O   . HOH E .  ? 0.4081 0.4617 0.4086 -0.0596 0.0702  -0.0079 108 HOH B O   
1139 O O   . HOH E .  ? 0.5201 0.5885 0.4518 -0.0073 0.0124  0.0633  109 HOH B O   
1140 O O   . HOH E .  ? 0.5125 0.4448 0.5176 -0.0125 0.0101  -0.0331 110 HOH B O   
1141 O O   . HOH E .  ? 0.4085 0.2307 0.4108 -0.0700 0.0056  0.0671  111 HOH B O   
1142 O O   . HOH E .  ? 0.5467 0.5236 0.4854 0.0233  0.0404  0.0071  112 HOH B O   
1143 O O   . HOH E .  ? 0.6686 0.6462 0.6712 -0.0034 0.0055  -0.0095 113 HOH B O   
# 
